data_9AY0
#
_entry.id   9AY0
#
loop_
_entity.id
_entity.type
_entity.pdbx_description
1 polymer 'Metal resistance protein YCF1'
2 non-polymer 'OXIDIZED GLUTATHIONE DISULFIDE'
#
_entity_poly.entity_id   1
_entity_poly.type   'polypeptide(L)'
_entity_poly.pdbx_seq_one_letter_code
;MAGNLVSWACKLCRSPEGFGPISFYGDFTQCFIDGVILNLSAIFMITFGIRDLVNLCKKKHSGIKYRRNWIIVSRMALVL
LEIAFVSLASLNISKEEAENFTIVSQYASTMLSLFVALALHWIEYDRSVVANTVLLFYWLFETFGNFAKLINILIRHTYE
GIWYSGQTGFILTLFQVITCASILLLEALPKKPLMPHQHIHQTLTRRKPNPYDSANIFSRITFSWMSGLMKTGYEKYLVE
ADLYKLPRNFSSEELSQKLEKNWENELKQKSNPSLSWAICRTFGSKMLLAAFFKAIHDVLAFTQPQLLRILIKFVTDYNS
ERQDDHSSLQGFENNHPQKLPIVRGFLIAFAMFLVGFTQTSVLHQYFLNVFNTGMYIKSALTALIYQKSLVLSNEASGLS
STGDIVNLMSVDVQKLQDLTQWLNLIWSGPFQIIICLYSLYKLLGNSMWVGVIILVIMMPLNSFLMRIQKKLQKSQMKYK
DERTRVISEILNNIKSLKLYAWEKPYREKLEEVRNNKELKNLTKLGCYMAVTSFQFNIVPFLVSCCTFAVFVYTEDRALT
TDLVFPALTLFNLLSFPLMIIPMVLNSFIEASVSIGRLFTFFTNEELQPDSVQRLPKVKNIGDVAINIGDDATFLWQRKP
EYKVALKNINFQAKKGNLTCIVGKVGSGKTALLSCMLGDLFRVKGFATVHGSVAYVSQVPWIMNGTVKENILFGHRYDAE
FYEKTIKACALTIDLAILMDGDKTLVGEKGISLSGGQKARLSLARAVYARADTYLLDDPLAAVDEHVARHLIEHVLGPNG
LLHTKTKVLATNKVSALSIADSIALLDNGEITQQGTYDEITKDADSPLWKLLNNYGKKNNGKSNEFGDSSESSVRESSIP
VEGELEQLQKLNDLDFGNSDAISLRRA(SEP)DA(TPO)LG(SEP)IDFGDDENIAKREHREQGKVKWNIYLEYAKACNP
KSVCVFILFIVISMFLSVMGNVWLKHWSEVNSRYGSNPNAARYLAIYFALGIGSALATLIQTIVLWVFCTIHASKYLHNL
MTNSVLRAPMTFFETTPIGRILNRFSNDIYKVDALLGRTFSQFFVNAVKVTFTITVICATTWQFIFIIIPLSVFYIYYQQ
YYLRTSRELRRLDSITRSPIYSHFQETLGGLATVRGYSQQKRFSHINQCRIDNNMSAFYPSINANRWLAYRLELIGSIII
LGAATLSVFRLKQGTLTAGMVGLSLSYALQITQTLNWIVRMTVEVETNIVSVERIKEYADLKSEAPLIVEGHRPPKEWPS
QGDIKFNNYSTRYRPELDLVLKHINIHIKPNEKVGIVGRTGAGKSSLTLALFRMIEASEGNIVIDNIAINEIGLYDLRHK
LSIIPQDSQVFEGTVRENIDPINQYTDEAIWRALELSHLKEHVLSMSNDGLDAQLTEGGGNLSVGQRQLLCLARAMLVPS
KILVLDEATAAVDVETDKVVQETIRTAFKDRTILTIAHRLNTIMDSDRIIVLDNGKVAEFDSPGQLLSDNKSLFYSLCME
AGLVNEN
;
_entity_poly.pdbx_strand_id   A
#
loop_
_chem_comp.id
_chem_comp.type
_chem_comp.name
_chem_comp.formula
GDS non-polymer 'OXIDIZED GLUTATHIONE DISULFIDE' 'C20 H32 N6 O12 S2'
#
# COMPACT_ATOMS: atom_id res chain seq x y z
N LEU A 12 -24.41 58.64 20.29
CA LEU A 12 -23.65 59.51 19.41
C LEU A 12 -22.27 59.83 19.99
N CYS A 13 -21.35 60.20 19.11
CA CYS A 13 -20.03 60.66 19.49
C CYS A 13 -19.91 62.16 19.27
N ARG A 14 -19.44 62.86 20.30
CA ARG A 14 -19.19 64.31 20.23
C ARG A 14 -17.72 64.50 19.92
N SER A 15 -17.38 64.34 18.64
CA SER A 15 -16.00 64.32 18.16
C SER A 15 -15.98 64.84 16.74
N PRO A 16 -14.89 65.48 16.32
CA PRO A 16 -14.81 65.91 14.91
C PRO A 16 -14.64 64.76 13.93
N GLU A 17 -14.12 63.63 14.36
CA GLU A 17 -14.03 62.43 13.53
C GLU A 17 -15.11 61.45 13.95
N GLY A 18 -15.92 61.01 12.98
CA GLY A 18 -17.06 60.16 13.25
C GLY A 18 -16.72 58.70 13.43
N PHE A 19 -17.77 57.86 13.35
CA PHE A 19 -17.66 56.41 13.48
C PHE A 19 -17.05 55.73 12.27
N GLY A 20 -16.69 56.46 11.21
CA GLY A 20 -15.99 55.91 10.08
C GLY A 20 -14.74 55.17 10.49
N PRO A 21 -14.54 53.96 9.96
CA PRO A 21 -13.48 53.09 10.48
C PRO A 21 -12.07 53.60 10.22
N ILE A 22 -11.81 54.21 9.06
CA ILE A 22 -10.46 54.56 8.65
C ILE A 22 -10.31 56.07 8.70
N SER A 23 -9.31 56.53 9.44
CA SER A 23 -8.98 57.94 9.59
C SER A 23 -8.26 58.47 8.35
N PHE A 24 -7.99 59.77 8.35
CA PHE A 24 -7.19 60.40 7.30
C PHE A 24 -5.79 59.80 7.21
N TYR A 25 -5.16 59.53 8.37
CA TYR A 25 -3.81 58.98 8.42
C TYR A 25 -3.74 57.49 8.17
N GLY A 26 -4.86 56.81 7.93
CA GLY A 26 -4.85 55.40 7.58
C GLY A 26 -5.13 54.41 8.70
N ASP A 27 -5.13 54.80 9.97
CA ASP A 27 -5.45 53.87 11.03
C ASP A 27 -6.86 54.10 11.56
N PHE A 28 -7.21 53.42 12.66
CA PHE A 28 -8.56 53.49 13.22
C PHE A 28 -8.82 54.79 13.96
N THR A 29 -10.03 55.33 13.80
CA THR A 29 -10.46 56.45 14.61
C THR A 29 -10.68 56.02 16.05
N GLN A 30 -10.51 56.96 16.98
CA GLN A 30 -10.63 56.66 18.41
C GLN A 30 -12.03 56.19 18.79
N CYS A 31 -13.07 56.79 18.20
CA CYS A 31 -14.45 56.37 18.47
C CYS A 31 -14.70 54.92 18.07
N PHE A 32 -14.02 54.44 17.03
CA PHE A 32 -14.19 53.06 16.60
C PHE A 32 -13.48 52.10 17.54
N ILE A 33 -12.30 52.47 18.04
CA ILE A 33 -11.60 51.64 19.03
C ILE A 33 -12.42 51.50 20.30
N ASP A 34 -12.81 52.63 20.89
CA ASP A 34 -13.54 52.61 22.15
C ASP A 34 -14.93 51.99 22.02
N GLY A 35 -15.69 52.38 20.99
CA GLY A 35 -17.07 51.95 20.92
C GLY A 35 -17.33 50.54 20.45
N VAL A 36 -16.40 49.93 19.71
CA VAL A 36 -16.69 48.64 19.10
C VAL A 36 -15.75 47.53 19.56
N ILE A 37 -14.44 47.72 19.36
CA ILE A 37 -13.48 46.67 19.62
C ILE A 37 -13.39 46.34 21.10
N LEU A 38 -13.32 47.36 21.96
CA LEU A 38 -13.22 47.11 23.39
C LEU A 38 -14.57 46.97 24.08
N ASN A 39 -15.68 47.00 23.34
CA ASN A 39 -16.99 46.61 23.86
C ASN A 39 -17.37 45.18 23.54
N LEU A 40 -17.12 44.73 22.31
CA LEU A 40 -17.45 43.36 21.95
C LEU A 40 -16.63 42.34 22.74
N SER A 41 -15.36 42.63 22.99
CA SER A 41 -14.55 41.72 23.79
C SER A 41 -14.94 41.73 25.26
N ALA A 42 -15.69 42.72 25.72
CA ALA A 42 -16.24 42.70 27.07
C ALA A 42 -17.50 41.87 27.15
N ILE A 43 -18.42 42.07 26.19
CA ILE A 43 -19.67 41.31 26.17
C ILE A 43 -19.41 39.82 25.95
N PHE A 44 -18.38 39.49 25.17
CA PHE A 44 -17.97 38.10 24.95
C PHE A 44 -17.64 37.39 26.26
N MET A 45 -16.80 38.02 27.09
CA MET A 45 -16.44 37.44 28.37
C MET A 45 -17.64 37.37 29.32
N ILE A 46 -18.49 38.40 29.32
CA ILE A 46 -19.68 38.39 30.19
C ILE A 46 -20.60 37.23 29.85
N THR A 47 -20.79 36.95 28.56
CA THR A 47 -21.74 35.91 28.17
C THR A 47 -21.15 34.51 28.32
N PHE A 48 -19.88 34.29 27.96
CA PHE A 48 -19.35 32.93 27.99
C PHE A 48 -18.70 32.52 29.31
N GLY A 49 -18.12 33.46 30.06
CA GLY A 49 -17.47 33.09 31.30
C GLY A 49 -18.43 32.62 32.37
N ILE A 50 -19.65 33.16 32.39
CA ILE A 50 -20.66 32.71 33.35
C ILE A 50 -21.08 31.28 33.05
N ARG A 51 -21.29 30.97 31.76
CA ARG A 51 -21.69 29.62 31.35
C ARG A 51 -20.62 28.60 31.72
N ASP A 52 -19.35 28.88 31.37
CA ASP A 52 -18.28 27.96 31.71
C ASP A 52 -18.11 27.82 33.22
N LEU A 53 -18.28 28.92 33.96
CA LEU A 53 -18.15 28.86 35.40
C LEU A 53 -19.24 28.03 36.05
N VAL A 54 -20.45 28.04 35.48
CA VAL A 54 -21.53 27.19 35.96
C VAL A 54 -21.24 25.72 35.68
N ASN A 55 -20.86 25.41 34.43
CA ASN A 55 -20.61 24.01 34.05
C ASN A 55 -19.44 23.43 34.82
N LEU A 56 -18.41 24.23 35.13
CA LEU A 56 -17.32 23.70 35.95
C LEU A 56 -17.70 23.56 37.41
N CYS A 57 -18.62 24.39 37.92
CA CYS A 57 -19.03 24.20 39.31
C CYS A 57 -19.99 23.03 39.50
N LYS A 58 -20.74 22.64 38.48
CA LYS A 58 -21.58 21.45 38.63
C LYS A 58 -20.80 20.14 38.57
N LYS A 59 -19.60 20.16 37.99
CA LYS A 59 -18.83 18.95 37.75
C LYS A 59 -18.42 18.28 39.05
N LYS A 60 -18.39 16.95 39.03
CA LYS A 60 -18.00 16.15 40.19
C LYS A 60 -16.56 16.43 40.60
N HIS A 61 -16.32 16.31 41.92
CA HIS A 61 -14.96 16.24 42.43
C HIS A 61 -14.24 15.01 41.88
N SER A 62 -12.92 15.15 41.74
CA SER A 62 -12.09 14.08 41.20
C SER A 62 -10.82 13.99 42.02
N GLY A 63 -10.15 12.83 41.91
CA GLY A 63 -9.00 12.57 42.76
C GLY A 63 -7.72 13.24 42.31
N ILE A 64 -7.67 13.71 41.07
CA ILE A 64 -6.48 14.38 40.57
C ILE A 64 -6.38 15.77 41.19
N LYS A 65 -5.23 16.08 41.78
CA LYS A 65 -5.01 17.40 42.36
C LYS A 65 -3.64 17.91 41.99
N TYR A 66 -3.56 19.20 41.73
CA TYR A 66 -2.32 19.88 41.37
C TYR A 66 -1.81 20.71 42.54
N ARG A 67 -0.49 20.69 42.72
CA ARG A 67 0.14 21.45 43.79
C ARG A 67 0.08 22.95 43.52
N ARG A 68 -0.14 23.73 44.58
CA ARG A 68 -0.08 25.18 44.47
C ARG A 68 1.37 25.63 44.38
N ASN A 69 1.62 26.60 43.49
CA ASN A 69 2.97 26.94 43.11
C ASN A 69 2.95 28.39 42.63
N TRP A 70 4.14 28.96 42.38
CA TRP A 70 4.32 30.35 41.97
C TRP A 70 3.51 30.75 40.74
N ILE A 71 3.12 29.79 39.89
CA ILE A 71 2.29 30.10 38.71
C ILE A 71 0.99 30.78 39.10
N ILE A 72 0.19 30.14 39.94
CA ILE A 72 -1.14 30.70 40.27
C ILE A 72 -1.01 31.96 41.12
N VAL A 73 0.05 32.05 41.94
CA VAL A 73 0.30 33.26 42.73
C VAL A 73 0.63 34.43 41.81
N SER A 74 1.43 34.17 40.78
CA SER A 74 1.82 35.21 39.84
C SER A 74 0.63 35.69 39.03
N ARG A 75 -0.18 34.76 38.49
CA ARG A 75 -1.38 35.13 37.75
C ARG A 75 -2.32 36.01 38.58
N MET A 76 -2.57 35.60 39.84
CA MET A 76 -3.43 36.39 40.71
C MET A 76 -2.83 37.73 41.09
N ALA A 77 -1.50 37.82 41.18
CA ALA A 77 -0.89 39.11 41.47
C ALA A 77 -0.99 40.05 40.28
N LEU A 78 -0.78 39.54 39.07
CA LEU A 78 -0.79 40.38 37.88
C LEU A 78 -2.19 40.91 37.59
N VAL A 79 -3.21 40.06 37.66
CA VAL A 79 -4.58 40.48 37.34
C VAL A 79 -5.12 41.55 38.30
N LEU A 80 -4.57 41.68 39.50
CA LEU A 80 -4.99 42.71 40.45
C LEU A 80 -4.32 44.06 40.24
N LEU A 81 -3.41 44.20 39.28
CA LEU A 81 -2.90 45.52 38.91
C LEU A 81 -3.76 46.18 37.84
N GLU A 82 -4.40 45.39 36.98
CA GLU A 82 -5.25 45.92 35.92
C GLU A 82 -6.41 46.71 36.49
N ILE A 83 -6.99 46.23 37.59
CA ILE A 83 -8.07 46.96 38.25
C ILE A 83 -7.57 48.27 38.86
N ALA A 84 -6.30 48.32 39.27
CA ALA A 84 -5.76 49.55 39.82
C ALA A 84 -5.53 50.57 38.71
N PHE A 85 -5.02 50.12 37.56
CA PHE A 85 -4.78 51.05 36.46
C PHE A 85 -6.08 51.56 35.85
N VAL A 86 -7.10 50.70 35.70
CA VAL A 86 -8.40 51.19 35.21
C VAL A 86 -9.02 52.15 36.22
N SER A 87 -8.83 51.87 37.52
CA SER A 87 -9.33 52.76 38.57
C SER A 87 -8.70 54.14 38.49
N LEU A 88 -7.37 54.21 38.38
CA LEU A 88 -6.68 55.50 38.29
C LEU A 88 -7.02 56.23 36.99
N ALA A 89 -7.10 55.51 35.88
CA ALA A 89 -7.41 56.13 34.59
C ALA A 89 -8.82 56.71 34.56
N SER A 90 -9.75 56.11 35.32
CA SER A 90 -11.13 56.60 35.31
C SER A 90 -11.34 57.91 36.05
N LEU A 91 -10.36 58.39 36.82
CA LEU A 91 -10.47 59.70 37.45
C LEU A 91 -9.85 60.82 36.62
N ASN A 92 -8.96 60.50 35.69
CA ASN A 92 -8.24 61.50 34.90
C ASN A 92 -9.12 62.17 33.85
N ILE A 93 -10.36 61.69 33.64
CA ILE A 93 -11.26 62.24 32.63
C ILE A 93 -11.54 63.71 32.87
N SER A 94 -11.32 64.53 31.83
CA SER A 94 -11.58 65.96 31.90
C SER A 94 -13.07 66.27 31.83
N LYS A 95 -13.39 67.55 32.03
CA LYS A 95 -14.79 67.99 31.99
C LYS A 95 -15.38 67.89 30.59
N GLU A 96 -14.57 68.07 29.55
CA GLU A 96 -15.10 68.04 28.19
C GLU A 96 -15.38 66.63 27.72
N GLU A 97 -14.54 65.67 28.11
CA GLU A 97 -14.65 64.31 27.60
C GLU A 97 -15.80 63.54 28.24
N ALA A 98 -16.17 63.86 29.48
CA ALA A 98 -17.22 63.13 30.19
C ALA A 98 -18.60 63.29 29.57
N GLU A 99 -18.78 64.28 28.70
CA GLU A 99 -20.03 64.47 27.98
C GLU A 99 -20.09 63.66 26.69
N ASN A 100 -19.16 62.73 26.51
CA ASN A 100 -19.11 61.85 25.34
C ASN A 100 -19.42 60.44 25.78
N PHE A 101 -20.50 59.87 25.22
CA PHE A 101 -21.04 58.60 25.71
C PHE A 101 -20.10 57.43 25.50
N THR A 102 -19.44 57.37 24.33
CA THR A 102 -18.64 56.20 23.98
C THR A 102 -17.41 56.04 24.86
N ILE A 103 -16.83 57.12 25.38
CA ILE A 103 -15.62 56.96 26.19
C ILE A 103 -15.99 56.62 27.62
N VAL A 104 -17.06 57.20 28.16
CA VAL A 104 -17.47 56.88 29.52
C VAL A 104 -18.12 55.49 29.62
N SER A 105 -18.68 54.96 28.51
CA SER A 105 -19.21 53.60 28.54
C SER A 105 -18.11 52.55 28.69
N GLN A 106 -16.90 52.89 28.27
CA GLN A 106 -15.79 51.96 28.15
C GLN A 106 -15.39 51.37 29.50
N TYR A 107 -15.20 52.22 30.51
CA TYR A 107 -14.68 51.72 31.77
C TYR A 107 -15.76 50.96 32.54
N ALA A 108 -17.01 51.41 32.45
CA ALA A 108 -18.12 50.68 33.05
C ALA A 108 -18.31 49.30 32.41
N SER A 109 -18.00 49.18 31.12
CA SER A 109 -18.10 47.85 30.50
C SER A 109 -16.93 46.96 30.87
N THR A 110 -15.72 47.52 30.98
CA THR A 110 -14.52 46.72 31.26
C THR A 110 -14.54 46.15 32.68
N MET A 111 -14.96 46.96 33.66
CA MET A 111 -14.69 46.64 35.05
C MET A 111 -15.47 45.45 35.57
N LEU A 112 -16.59 45.09 34.96
CA LEU A 112 -17.28 43.85 35.37
C LEU A 112 -16.58 42.61 34.84
N SER A 113 -16.06 42.68 33.61
CA SER A 113 -15.41 41.52 33.02
C SER A 113 -14.10 41.22 33.71
N LEU A 114 -13.47 42.23 34.31
CA LEU A 114 -12.27 41.93 35.10
C LEU A 114 -12.59 41.12 36.35
N PHE A 115 -13.73 41.38 37.00
CA PHE A 115 -14.07 40.60 38.19
C PHE A 115 -14.46 39.17 37.82
N VAL A 116 -15.15 39.01 36.68
CA VAL A 116 -15.48 37.66 36.22
C VAL A 116 -14.21 36.86 35.92
N ALA A 117 -13.24 37.45 35.22
CA ALA A 117 -12.01 36.73 34.91
C ALA A 117 -11.21 36.39 36.16
N LEU A 118 -11.19 37.29 37.14
CA LEU A 118 -10.47 37.02 38.39
C LEU A 118 -11.08 35.85 39.13
N ALA A 119 -12.42 35.75 39.14
CA ALA A 119 -13.07 34.58 39.73
C ALA A 119 -12.73 33.31 38.96
N LEU A 120 -12.73 33.39 37.63
CA LEU A 120 -12.57 32.18 36.81
C LEU A 120 -11.17 31.56 36.84
N HIS A 121 -10.11 32.36 37.06
CA HIS A 121 -8.76 31.76 37.17
C HIS A 121 -8.63 30.77 38.32
N TRP A 122 -9.36 30.97 39.41
CA TRP A 122 -9.21 30.14 40.60
C TRP A 122 -9.78 28.75 40.38
N ILE A 123 -11.04 28.68 39.96
CA ILE A 123 -11.69 27.40 39.68
C ILE A 123 -11.03 26.70 38.49
N GLU A 124 -10.58 27.48 37.49
CA GLU A 124 -9.83 26.94 36.36
C GLU A 124 -8.59 26.17 36.81
N TYR A 125 -7.88 26.67 37.82
CA TYR A 125 -6.64 26.01 38.20
C TYR A 125 -6.87 24.59 38.74
N ASP A 126 -7.96 24.38 39.47
CA ASP A 126 -8.15 23.09 40.12
C ASP A 126 -8.97 22.10 39.30
N ARG A 127 -9.88 22.55 38.45
CA ARG A 127 -10.85 21.62 37.88
C ARG A 127 -10.71 21.38 36.37
N SER A 128 -9.53 21.60 35.80
CA SER A 128 -9.34 21.28 34.39
C SER A 128 -7.89 20.96 34.08
N VAL A 129 -7.71 20.19 33.00
CA VAL A 129 -6.39 19.72 32.59
C VAL A 129 -5.70 20.69 31.62
N VAL A 130 -6.46 21.41 30.80
CA VAL A 130 -5.96 22.21 29.70
C VAL A 130 -6.43 23.65 29.92
N ALA A 131 -5.58 24.63 29.57
CA ALA A 131 -5.89 26.04 29.73
C ALA A 131 -7.17 26.43 29.01
N ASN A 132 -8.08 27.09 29.73
CA ASN A 132 -9.41 27.40 29.24
C ASN A 132 -9.36 28.32 28.02
N THR A 133 -10.20 28.03 27.02
CA THR A 133 -10.13 28.70 25.71
C THR A 133 -10.52 30.17 25.78
N VAL A 134 -11.57 30.50 26.53
CA VAL A 134 -12.07 31.86 26.59
C VAL A 134 -11.06 32.82 27.22
N LEU A 135 -10.31 32.32 28.20
CA LEU A 135 -9.23 33.09 28.79
C LEU A 135 -8.14 33.40 27.78
N LEU A 136 -7.81 32.42 26.92
CA LEU A 136 -6.78 32.64 25.92
C LEU A 136 -7.21 33.67 24.87
N PHE A 137 -8.48 33.68 24.47
CA PHE A 137 -8.87 34.63 23.43
C PHE A 137 -9.14 36.04 23.97
N TYR A 138 -9.63 36.16 25.20
CA TYR A 138 -9.96 37.46 25.78
C TYR A 138 -8.74 38.38 25.90
N TRP A 139 -7.63 37.85 26.42
CA TRP A 139 -6.42 38.68 26.55
C TRP A 139 -5.76 38.99 25.22
N LEU A 140 -5.94 38.14 24.20
CA LEU A 140 -5.45 38.47 22.87
C LEU A 140 -6.17 39.68 22.30
N PHE A 141 -7.50 39.67 22.39
CA PHE A 141 -8.28 40.81 21.90
C PHE A 141 -7.95 42.08 22.68
N GLU A 142 -7.75 41.96 23.98
CA GLU A 142 -7.54 43.15 24.79
C GLU A 142 -6.10 43.67 24.72
N THR A 143 -5.14 42.86 24.24
CA THR A 143 -3.83 43.42 23.91
C THR A 143 -3.86 44.18 22.58
N PHE A 144 -4.53 43.61 21.57
CA PHE A 144 -4.60 44.25 20.25
C PHE A 144 -5.32 45.60 20.33
N GLY A 145 -6.45 45.64 21.03
CA GLY A 145 -7.20 46.89 21.13
C GLY A 145 -6.48 48.02 21.84
N ASN A 146 -5.60 47.70 22.80
CA ASN A 146 -4.84 48.75 23.48
C ASN A 146 -3.61 49.19 22.70
N PHE A 147 -3.00 48.29 21.94
CA PHE A 147 -1.84 48.67 21.15
C PHE A 147 -2.23 49.61 20.01
N ALA A 148 -3.42 49.39 19.43
CA ALA A 148 -3.90 50.33 18.41
C ALA A 148 -4.13 51.73 18.98
N LYS A 149 -4.54 51.83 20.24
CA LYS A 149 -4.76 53.14 20.86
C LYS A 149 -3.44 53.85 21.14
N LEU A 150 -2.39 53.09 21.48
CA LEU A 150 -1.08 53.71 21.69
C LEU A 150 -0.54 54.32 20.40
N ILE A 151 -0.63 53.58 19.29
CA ILE A 151 -0.21 54.12 17.99
C ILE A 151 -1.03 55.35 17.59
N ASN A 152 -2.35 55.28 17.83
CA ASN A 152 -3.24 56.40 17.50
C ASN A 152 -2.90 57.67 18.26
N ILE A 153 -2.41 57.55 19.49
CA ILE A 153 -2.01 58.78 20.20
C ILE A 153 -0.70 59.32 19.64
N LEU A 154 0.24 58.42 19.31
CA LEU A 154 1.56 58.87 18.82
C LEU A 154 1.49 59.65 17.50
N ILE A 155 0.72 59.16 16.52
CA ILE A 155 0.81 59.84 15.22
C ILE A 155 0.01 61.15 15.20
N ARG A 156 -1.06 61.25 16.00
CA ARG A 156 -1.73 62.52 16.20
C ARG A 156 -0.83 63.53 16.89
N HIS A 157 -0.03 63.07 17.85
CA HIS A 157 0.94 63.98 18.47
C HIS A 157 1.95 64.51 17.45
N THR A 158 2.52 63.61 16.64
CA THR A 158 3.60 64.02 15.75
C THR A 158 3.12 64.95 14.64
N TYR A 159 1.95 64.69 14.05
CA TYR A 159 1.55 65.57 12.96
C TYR A 159 0.92 66.87 13.43
N GLU A 160 0.08 66.86 14.47
CA GLU A 160 -0.64 68.05 14.87
C GLU A 160 -0.06 68.76 16.09
N GLY A 161 0.91 68.17 16.78
CA GLY A 161 1.64 68.91 17.79
C GLY A 161 1.00 69.02 19.15
N ILE A 162 -0.13 68.35 19.40
CA ILE A 162 -0.75 68.35 20.72
C ILE A 162 -0.96 66.93 21.22
N TRP A 163 -0.86 66.77 22.54
CA TRP A 163 -1.31 65.56 23.21
C TRP A 163 -2.83 65.61 23.33
N TYR A 164 -3.53 64.69 22.67
CA TYR A 164 -4.98 64.65 22.77
C TYR A 164 -5.46 64.30 24.17
N SER A 165 -4.62 63.65 24.95
CA SER A 165 -4.83 63.43 26.37
C SER A 165 -3.46 63.60 26.99
N GLY A 166 -3.41 64.10 28.23
CA GLY A 166 -2.14 64.48 28.83
C GLY A 166 -1.19 63.31 29.05
N GLN A 167 0.00 63.62 29.56
CA GLN A 167 1.02 62.60 29.79
C GLN A 167 0.58 61.50 30.76
N THR A 168 -0.42 61.78 31.58
CA THR A 168 -0.98 60.75 32.46
C THR A 168 -1.62 59.64 31.63
N GLY A 169 -2.53 59.98 30.72
CA GLY A 169 -3.18 58.96 29.92
C GLY A 169 -2.25 58.22 28.99
N PHE A 170 -1.19 58.88 28.53
CA PHE A 170 -0.20 58.21 27.70
C PHE A 170 0.58 57.17 28.51
N ILE A 171 1.09 57.58 29.69
CA ILE A 171 1.90 56.64 30.45
C ILE A 171 1.04 55.51 31.03
N LEU A 172 -0.24 55.78 31.34
CA LEU A 172 -1.12 54.70 31.78
C LEU A 172 -1.39 53.69 30.68
N THR A 173 -1.57 54.15 29.42
CA THR A 173 -1.77 53.21 28.33
C THR A 173 -0.52 52.38 28.07
N LEU A 174 0.66 52.99 28.27
CA LEU A 174 1.91 52.27 28.09
C LEU A 174 2.07 51.15 29.12
N PHE A 175 1.73 51.40 30.39
CA PHE A 175 1.77 50.31 31.38
C PHE A 175 0.69 49.26 31.12
N GLN A 176 -0.46 49.69 30.62
CA GLN A 176 -1.61 48.81 30.47
C GLN A 176 -1.43 47.82 29.32
N VAL A 177 -0.61 48.15 28.32
CA VAL A 177 -0.27 47.16 27.29
C VAL A 177 0.62 46.05 27.87
N ILE A 178 1.65 46.44 28.63
CA ILE A 178 2.66 45.49 29.11
C ILE A 178 2.05 44.47 30.08
N THR A 179 1.13 44.92 30.93
CA THR A 179 0.50 43.99 31.87
C THR A 179 -0.31 42.88 31.19
N CYS A 180 -1.11 43.25 30.17
CA CYS A 180 -1.89 42.27 29.42
C CYS A 180 -0.99 41.31 28.65
N ALA A 181 0.08 41.85 28.04
CA ALA A 181 1.01 40.98 27.32
C ALA A 181 1.69 39.97 28.24
N SER A 182 2.00 40.36 29.48
CA SER A 182 2.60 39.40 30.42
C SER A 182 1.62 38.30 30.84
N ILE A 183 0.35 38.68 31.09
CA ILE A 183 -0.66 37.69 31.47
C ILE A 183 -0.86 36.64 30.37
N LEU A 184 -0.86 37.08 29.11
CA LEU A 184 -1.06 36.15 27.98
C LEU A 184 -0.01 35.05 27.95
N LEU A 185 1.27 35.42 28.11
CA LEU A 185 2.32 34.41 28.05
C LEU A 185 2.37 33.53 29.29
N LEU A 186 2.05 34.07 30.49
CA LEU A 186 1.99 33.19 31.65
C LEU A 186 0.80 32.24 31.57
N GLU A 187 -0.24 32.59 30.84
CA GLU A 187 -1.34 31.66 30.60
C GLU A 187 -0.94 30.57 29.61
N ALA A 188 -0.26 30.95 28.52
CA ALA A 188 -0.03 30.00 27.44
C ALA A 188 1.11 29.04 27.72
N LEU A 189 2.24 29.50 28.26
CA LEU A 189 3.43 28.64 28.18
C LEU A 189 3.64 27.60 29.29
N PRO A 190 3.66 27.93 30.59
CA PRO A 190 4.07 26.94 31.59
C PRO A 190 3.01 25.88 31.86
N LYS A 191 3.46 24.77 32.46
CA LYS A 191 2.60 23.62 32.72
C LYS A 191 2.56 23.31 34.22
N LYS A 192 1.39 22.85 34.66
CA LYS A 192 1.11 22.64 36.09
C LYS A 192 1.84 21.40 36.63
N PRO A 193 2.51 21.51 37.77
CA PRO A 193 3.09 20.31 38.42
C PRO A 193 2.04 19.49 39.17
N LEU A 194 2.09 18.17 38.95
CA LEU A 194 1.33 17.22 39.75
C LEU A 194 1.89 17.07 41.16
N MET A 195 1.01 16.64 42.07
CA MET A 195 1.37 16.34 43.45
C MET A 195 2.39 15.21 43.54
N PRO A 196 3.16 15.14 44.64
CA PRO A 196 4.22 14.12 44.74
C PRO A 196 3.74 12.69 44.88
N HIS A 197 2.44 12.42 44.99
CA HIS A 197 2.00 11.09 45.40
C HIS A 197 0.82 10.67 44.53
N GLN A 198 0.53 9.35 44.58
CA GLN A 198 -0.46 8.67 43.74
C GLN A 198 -0.15 8.86 42.26
N HIS A 199 1.08 8.48 41.90
CA HIS A 199 1.55 8.57 40.52
C HIS A 199 1.96 7.20 39.98
N ILE A 200 1.52 6.12 40.63
CA ILE A 200 1.87 4.77 40.22
C ILE A 200 1.26 4.37 38.87
N HIS A 201 0.26 5.13 38.39
CA HIS A 201 -0.34 4.89 37.08
C HIS A 201 0.58 5.18 35.92
N GLN A 202 1.73 5.83 36.15
CA GLN A 202 2.73 5.97 35.09
C GLN A 202 3.37 4.65 34.69
N THR A 203 3.33 3.64 35.58
CA THR A 203 4.02 2.37 35.32
C THR A 203 3.20 1.58 34.31
N LEU A 204 3.61 1.64 33.05
CA LEU A 204 2.97 0.88 31.99
C LEU A 204 4.04 0.41 31.01
N THR A 205 3.92 -0.83 30.56
CA THR A 205 4.80 -1.38 29.54
C THR A 205 4.32 -1.09 28.13
N ARG A 206 3.02 -0.84 27.96
CA ARG A 206 2.44 -0.46 26.68
C ARG A 206 2.91 0.93 26.25
N ARG A 207 2.56 1.26 25.00
CA ARG A 207 2.74 2.59 24.42
C ARG A 207 2.14 3.69 25.29
N LYS A 208 2.78 4.86 25.26
CA LYS A 208 2.43 6.04 26.02
C LYS A 208 1.34 6.85 25.31
N PRO A 209 0.55 7.64 26.05
CA PRO A 209 -0.65 8.25 25.45
C PRO A 209 -0.35 9.35 24.45
N ASN A 210 -1.33 9.57 23.59
CA ASN A 210 -1.20 10.50 22.48
C ASN A 210 -1.18 11.94 22.98
N PRO A 211 -0.25 12.78 22.52
CA PRO A 211 -0.15 14.16 23.02
C PRO A 211 -1.18 15.13 22.48
N TYR A 212 -2.03 14.72 21.53
CA TYR A 212 -3.07 15.62 21.01
C TYR A 212 -4.11 15.95 22.06
N ASP A 213 -4.32 15.09 23.04
CA ASP A 213 -5.43 15.25 23.97
C ASP A 213 -5.17 16.30 25.04
N SER A 214 -3.96 16.85 25.15
CA SER A 214 -3.65 17.82 26.19
C SER A 214 -3.13 19.16 25.66
N ALA A 215 -3.25 19.41 24.35
CA ALA A 215 -2.84 20.68 23.77
C ALA A 215 -3.92 21.75 23.92
N ASN A 216 -3.52 22.95 24.34
CA ASN A 216 -4.38 24.12 24.31
C ASN A 216 -4.63 24.58 22.88
N ILE A 217 -5.57 25.51 22.70
CA ILE A 217 -6.05 25.83 21.35
C ILE A 217 -5.00 26.53 20.48
N PHE A 218 -4.08 27.30 21.06
CA PHE A 218 -3.03 27.90 20.24
C PHE A 218 -2.04 26.87 19.73
N SER A 219 -1.85 25.77 20.44
CA SER A 219 -1.05 24.68 19.91
C SER A 219 -1.81 23.81 18.93
N ARG A 220 -3.13 23.71 19.06
CA ARG A 220 -3.92 23.02 18.04
C ARG A 220 -3.89 23.74 16.72
N ILE A 221 -3.85 25.08 16.74
CA ILE A 221 -3.86 25.84 15.49
C ILE A 221 -2.51 25.74 14.79
N THR A 222 -1.40 25.79 15.53
CA THR A 222 -0.10 25.82 14.89
C THR A 222 0.56 24.44 14.75
N PHE A 223 -0.12 23.37 15.15
CA PHE A 223 0.36 21.98 15.08
C PHE A 223 1.67 21.76 15.82
N SER A 224 1.94 22.51 16.89
CA SER A 224 3.19 22.35 17.62
C SER A 224 3.25 21.10 18.48
N TRP A 225 2.16 20.35 18.63
CA TRP A 225 2.22 19.12 19.41
C TRP A 225 2.99 18.01 18.71
N MET A 226 3.31 18.18 17.42
CA MET A 226 4.00 17.20 16.60
C MET A 226 5.52 17.32 16.65
N SER A 227 6.07 18.34 17.31
CA SER A 227 7.50 18.60 17.27
C SER A 227 8.32 17.58 18.05
N GLY A 228 7.71 16.79 18.93
CA GLY A 228 8.49 15.81 19.67
C GLY A 228 8.90 14.60 18.87
N LEU A 229 8.09 14.20 17.88
CA LEU A 229 8.41 13.05 17.05
C LEU A 229 9.50 13.34 16.03
N MET A 230 9.62 14.60 15.59
CA MET A 230 10.62 14.97 14.58
C MET A 230 12.04 14.87 15.12
N LYS A 231 12.28 15.35 16.34
CA LYS A 231 13.59 15.21 16.97
C LYS A 231 13.96 13.75 17.19
N THR A 232 12.97 12.88 17.39
CA THR A 232 13.25 11.46 17.62
C THR A 232 13.61 10.78 16.32
N GLY A 233 12.80 10.98 15.29
CA GLY A 233 13.07 10.35 14.01
C GLY A 233 14.32 10.85 13.31
N TYR A 234 14.73 12.09 13.59
CA TYR A 234 15.95 12.61 12.99
C TYR A 234 17.21 11.89 13.49
N GLU A 235 17.19 11.34 14.69
CA GLU A 235 18.41 10.81 15.30
C GLU A 235 18.46 9.30 15.42
N LYS A 236 17.39 8.57 15.13
CA LYS A 236 17.44 7.12 15.07
C LYS A 236 16.34 6.61 14.16
N TYR A 237 16.52 5.37 13.70
CA TYR A 237 15.49 4.71 12.91
C TYR A 237 14.24 4.44 13.75
N LEU A 238 13.10 4.91 13.27
CA LEU A 238 11.83 4.60 13.93
C LEU A 238 11.46 3.14 13.75
N VAL A 239 10.77 2.60 14.74
CA VAL A 239 10.30 1.22 14.74
C VAL A 239 8.98 1.24 15.50
N GLU A 240 8.18 0.17 15.36
CA GLU A 240 6.79 0.19 15.81
C GLU A 240 6.62 0.34 17.32
N ALA A 241 7.69 0.25 18.09
CA ALA A 241 7.60 0.53 19.53
C ALA A 241 7.56 2.02 19.86
N ASP A 242 7.78 2.92 18.91
CA ASP A 242 7.81 4.35 19.18
C ASP A 242 6.49 5.07 18.96
N LEU A 243 5.55 4.48 18.23
CA LEU A 243 4.33 5.17 17.87
C LEU A 243 3.39 5.27 19.07
N TYR A 244 2.71 6.40 19.21
CA TYR A 244 1.74 6.62 20.26
C TYR A 244 0.42 5.91 19.97
N LYS A 245 -0.40 5.76 21.01
CA LYS A 245 -1.75 5.23 20.85
C LYS A 245 -2.61 6.16 20.00
N LEU A 246 -3.70 5.60 19.49
CA LEU A 246 -4.70 6.39 18.79
C LEU A 246 -5.47 7.26 19.78
N PRO A 247 -6.06 8.37 19.31
CA PRO A 247 -6.90 9.19 20.20
C PRO A 247 -8.22 8.56 20.60
N ARG A 248 -8.99 9.34 21.33
CA ARG A 248 -10.36 9.01 21.67
C ARG A 248 -11.22 8.88 20.41
N ASN A 249 -12.10 7.87 20.42
CA ASN A 249 -13.16 7.65 19.41
C ASN A 249 -12.62 7.31 18.03
N PHE A 250 -11.42 6.74 17.92
CA PHE A 250 -10.94 6.19 16.66
C PHE A 250 -11.01 4.66 16.58
N SER A 251 -11.51 3.98 17.59
CA SER A 251 -11.58 2.52 17.57
C SER A 251 -12.67 2.03 16.62
N SER A 252 -12.38 0.95 15.88
CA SER A 252 -13.32 0.43 14.88
C SER A 252 -14.53 -0.25 15.49
N GLU A 253 -14.42 -0.76 16.72
CA GLU A 253 -15.59 -1.32 17.40
C GLU A 253 -16.57 -0.21 17.78
N GLU A 254 -16.04 0.95 18.14
CA GLU A 254 -16.87 2.12 18.38
C GLU A 254 -17.53 2.60 17.10
N LEU A 255 -16.77 2.66 16.00
CA LEU A 255 -17.26 3.27 14.76
C LEU A 255 -18.31 2.42 14.06
N SER A 256 -18.14 1.10 13.98
CA SER A 256 -19.09 0.32 13.19
C SER A 256 -20.47 0.20 13.87
N GLN A 257 -20.52 0.36 15.18
CA GLN A 257 -21.78 0.30 15.91
C GLN A 257 -22.62 1.56 15.76
N LYS A 258 -22.05 2.64 15.22
CA LYS A 258 -22.89 3.79 14.88
C LYS A 258 -23.58 3.57 13.54
N LEU A 259 -22.82 3.12 12.54
CA LEU A 259 -23.36 2.94 11.19
C LEU A 259 -24.37 1.81 11.12
N GLU A 260 -24.19 0.75 11.92
CA GLU A 260 -25.13 -0.38 11.87
C GLU A 260 -26.53 0.04 12.26
N LYS A 261 -26.66 0.93 13.26
CA LYS A 261 -27.96 1.35 13.74
C LYS A 261 -28.74 2.11 12.69
N ASN A 262 -28.08 3.05 12.00
CA ASN A 262 -28.73 3.82 10.95
C ASN A 262 -29.10 2.94 9.76
N TRP A 263 -28.19 2.06 9.31
CA TRP A 263 -28.51 1.17 8.19
C TRP A 263 -29.66 0.20 8.51
N GLU A 264 -29.69 -0.33 9.73
CA GLU A 264 -30.77 -1.26 10.10
C GLU A 264 -32.12 -0.54 10.21
N ASN A 265 -32.12 0.67 10.78
CA ASN A 265 -33.32 1.51 10.78
C ASN A 265 -33.77 1.82 9.36
N GLU A 266 -32.81 2.09 8.46
CA GLU A 266 -33.10 2.34 7.05
C GLU A 266 -33.80 1.17 6.39
N LEU A 267 -33.39 -0.05 6.72
CA LEU A 267 -34.04 -1.20 6.09
C LEU A 267 -35.41 -1.49 6.68
N LYS A 268 -35.59 -1.35 8.00
CA LYS A 268 -36.85 -1.81 8.58
C LYS A 268 -37.91 -0.73 8.67
N GLN A 269 -37.55 0.56 8.62
CA GLN A 269 -38.54 1.60 8.83
C GLN A 269 -39.36 1.90 7.57
N LYS A 270 -38.77 1.76 6.38
CA LYS A 270 -39.40 2.31 5.18
C LYS A 270 -39.05 1.45 3.97
N SER A 271 -39.78 1.70 2.88
CA SER A 271 -39.89 0.75 1.78
C SER A 271 -38.78 0.81 0.75
N ASN A 272 -38.06 1.93 0.63
CA ASN A 272 -37.06 2.11 -0.44
C ASN A 272 -35.73 2.52 0.16
N PRO A 273 -34.94 1.56 0.64
CA PRO A 273 -33.68 1.89 1.29
C PRO A 273 -32.62 2.39 0.31
N SER A 274 -31.63 3.08 0.87
CA SER A 274 -30.40 3.40 0.17
C SER A 274 -29.25 3.49 1.17
N LEU A 275 -28.06 3.11 0.73
CA LEU A 275 -26.90 3.10 1.61
C LEU A 275 -26.32 4.50 1.82
N SER A 276 -26.30 5.31 0.75
CA SER A 276 -25.60 6.59 0.78
C SER A 276 -26.23 7.58 1.75
N TRP A 277 -27.55 7.52 1.94
CA TRP A 277 -28.17 8.38 2.93
C TRP A 277 -27.78 7.97 4.34
N ALA A 278 -27.68 6.66 4.60
CA ALA A 278 -27.20 6.19 5.89
C ALA A 278 -25.76 6.59 6.14
N ILE A 279 -24.94 6.69 5.09
CA ILE A 279 -23.59 7.20 5.27
C ILE A 279 -23.60 8.69 5.60
N CYS A 280 -24.38 9.47 4.84
CA CYS A 280 -24.41 10.93 5.00
C CYS A 280 -24.90 11.36 6.37
N ARG A 281 -26.02 10.79 6.84
CA ARG A 281 -26.59 11.30 8.08
C ARG A 281 -25.83 10.89 9.34
N THR A 282 -24.69 10.20 9.25
CA THR A 282 -23.92 9.87 10.44
C THR A 282 -22.54 10.52 10.49
N PHE A 283 -21.84 10.68 9.37
CA PHE A 283 -20.54 11.32 9.33
C PHE A 283 -20.55 12.73 8.76
N GLY A 284 -21.69 13.19 8.24
CA GLY A 284 -21.72 14.42 7.45
C GLY A 284 -21.45 15.70 8.21
N SER A 285 -21.71 15.74 9.51
CA SER A 285 -21.72 16.99 10.27
C SER A 285 -20.38 17.72 10.36
N LYS A 286 -19.25 17.03 10.17
CA LYS A 286 -17.97 17.73 10.09
C LYS A 286 -17.71 18.34 8.72
N MET A 287 -18.19 17.72 7.65
CA MET A 287 -17.99 18.27 6.32
C MET A 287 -18.91 19.45 6.02
N LEU A 288 -19.94 19.68 6.81
CA LEU A 288 -20.63 20.96 6.77
C LEU A 288 -19.80 22.07 7.40
N LEU A 289 -19.01 21.74 8.42
CA LEU A 289 -18.11 22.74 9.02
C LEU A 289 -16.90 23.06 8.15
N ALA A 290 -16.40 22.09 7.37
CA ALA A 290 -15.27 22.37 6.47
C ALA A 290 -15.63 23.39 5.38
N ALA A 291 -16.90 23.49 4.99
CA ALA A 291 -17.32 24.44 3.96
C ALA A 291 -17.18 25.89 4.40
N PHE A 292 -17.33 26.15 5.70
CA PHE A 292 -17.22 27.50 6.23
C PHE A 292 -15.80 28.03 6.08
N PHE A 293 -14.81 27.22 6.44
CA PHE A 293 -13.42 27.63 6.27
C PHE A 293 -13.02 27.70 4.79
N LYS A 294 -13.61 26.86 3.93
CA LYS A 294 -13.31 27.01 2.50
C LYS A 294 -13.86 28.31 1.92
N ALA A 295 -15.03 28.75 2.36
CA ALA A 295 -15.58 30.00 1.82
C ALA A 295 -14.80 31.22 2.32
N ILE A 296 -14.34 31.18 3.57
CA ILE A 296 -13.58 32.32 4.08
C ILE A 296 -12.22 32.43 3.40
N HIS A 297 -11.57 31.30 3.12
CA HIS A 297 -10.33 31.34 2.33
C HIS A 297 -10.58 31.90 0.93
N ASP A 298 -11.62 31.43 0.24
CA ASP A 298 -11.92 31.95 -1.10
C ASP A 298 -12.29 33.43 -1.13
N VAL A 299 -12.66 34.03 0.00
CA VAL A 299 -12.89 35.47 0.00
C VAL A 299 -11.61 36.25 0.31
N LEU A 300 -10.80 35.79 1.27
CA LEU A 300 -9.52 36.44 1.54
C LEU A 300 -8.51 36.33 0.41
N ALA A 301 -8.65 35.35 -0.50
CA ALA A 301 -7.69 35.21 -1.60
C ALA A 301 -7.75 36.38 -2.59
N PHE A 302 -8.94 36.92 -2.84
CA PHE A 302 -9.16 37.94 -3.87
C PHE A 302 -9.10 39.37 -3.35
N THR A 303 -8.60 39.59 -2.14
CA THR A 303 -8.43 40.92 -1.55
C THR A 303 -7.10 41.56 -1.90
N GLN A 304 -6.04 40.76 -2.06
CA GLN A 304 -4.70 41.29 -2.33
C GLN A 304 -4.54 42.16 -3.59
N PRO A 305 -5.23 41.93 -4.72
CA PRO A 305 -5.14 42.93 -5.81
C PRO A 305 -5.77 44.27 -5.49
N GLN A 306 -6.66 44.37 -4.50
CA GLN A 306 -7.22 45.67 -4.18
C GLN A 306 -6.23 46.51 -3.40
N LEU A 307 -5.46 45.87 -2.52
CA LEU A 307 -4.41 46.60 -1.83
C LEU A 307 -3.25 46.94 -2.76
N LEU A 308 -3.04 46.15 -3.81
CA LEU A 308 -2.01 46.50 -4.78
C LEU A 308 -2.42 47.72 -5.62
N ARG A 309 -3.69 47.79 -6.02
CA ARG A 309 -4.18 48.97 -6.73
C ARG A 309 -4.07 50.23 -5.89
N ILE A 310 -4.36 50.12 -4.58
CA ILE A 310 -4.32 51.29 -3.70
C ILE A 310 -2.89 51.78 -3.51
N LEU A 311 -1.94 50.84 -3.39
CA LEU A 311 -0.55 51.26 -3.16
C LEU A 311 0.05 51.94 -4.39
N ILE A 312 -0.26 51.45 -5.60
CA ILE A 312 0.26 52.10 -6.80
C ILE A 312 -0.31 53.50 -6.97
N LYS A 313 -1.60 53.67 -6.66
CA LYS A 313 -2.16 55.02 -6.83
C LYS A 313 -1.65 55.99 -5.77
N PHE A 314 -1.33 55.51 -4.57
CA PHE A 314 -0.71 56.39 -3.57
C PHE A 314 0.69 56.84 -3.99
N VAL A 315 1.48 55.95 -4.59
CA VAL A 315 2.81 56.35 -5.06
C VAL A 315 2.71 57.43 -6.13
N THR A 316 1.71 57.31 -7.02
CA THR A 316 1.56 58.30 -8.09
C THR A 316 1.17 59.68 -7.55
N ASP A 317 0.28 59.73 -6.55
CA ASP A 317 -0.14 61.03 -6.03
C ASP A 317 0.96 61.68 -5.19
N TYR A 318 1.67 60.89 -4.38
CA TYR A 318 2.75 61.45 -3.57
C TYR A 318 3.88 62.00 -4.43
N ASN A 319 4.23 61.32 -5.52
CA ASN A 319 5.25 61.89 -6.41
C ASN A 319 4.75 63.15 -7.09
N SER A 320 3.47 63.16 -7.51
CA SER A 320 2.97 64.25 -8.34
C SER A 320 2.90 65.58 -7.60
N GLU A 321 2.33 65.59 -6.38
CA GLU A 321 2.16 66.88 -5.73
C GLU A 321 3.48 67.45 -5.21
N ARG A 322 4.43 66.59 -4.84
CA ARG A 322 5.78 67.06 -4.49
C ARG A 322 6.47 67.67 -5.69
N GLN A 323 6.33 67.05 -6.87
CA GLN A 323 6.97 67.59 -8.07
C GLN A 323 6.34 68.90 -8.51
N ASP A 324 5.01 69.03 -8.36
CA ASP A 324 4.35 70.32 -8.60
C ASP A 324 4.82 71.39 -7.62
N ASP A 325 5.05 71.00 -6.36
CA ASP A 325 5.65 71.94 -5.41
C ASP A 325 7.08 72.30 -5.81
N HIS A 326 7.81 71.36 -6.44
CA HIS A 326 9.11 71.69 -7.00
C HIS A 326 8.97 72.63 -8.19
N SER A 327 7.97 72.40 -9.03
CA SER A 327 7.70 73.27 -10.18
C SER A 327 6.79 74.43 -9.80
N LYS A 339 1.37 67.32 1.72
CA LYS A 339 0.06 67.21 2.37
C LYS A 339 -0.26 65.77 2.73
N LEU A 340 -0.02 64.84 1.82
CA LEU A 340 -0.26 63.43 2.13
C LEU A 340 0.80 62.92 3.09
N PRO A 341 0.42 62.24 4.17
CA PRO A 341 1.41 61.75 5.13
C PRO A 341 2.07 60.47 4.66
N ILE A 342 3.33 60.30 5.05
CA ILE A 342 4.07 59.09 4.72
C ILE A 342 3.64 57.89 5.56
N VAL A 343 3.00 58.10 6.71
CA VAL A 343 2.57 56.97 7.54
C VAL A 343 1.44 56.17 6.89
N ARG A 344 0.77 56.70 5.88
CA ARG A 344 -0.23 55.92 5.17
C ARG A 344 0.40 54.80 4.34
N GLY A 345 1.66 54.99 3.93
CA GLY A 345 2.34 53.97 3.14
C GLY A 345 2.81 52.78 3.94
N PHE A 346 3.18 52.99 5.20
CA PHE A 346 3.63 51.92 6.07
C PHE A 346 2.48 51.05 6.60
N LEU A 347 1.24 51.53 6.59
CA LEU A 347 0.12 50.76 7.13
C LEU A 347 -0.51 49.81 6.11
N ILE A 348 -0.54 50.18 4.83
CA ILE A 348 -0.99 49.26 3.79
C ILE A 348 -0.06 48.04 3.71
N ALA A 349 1.24 48.29 3.83
CA ALA A 349 2.24 47.22 3.84
C ALA A 349 2.10 46.29 5.03
N PHE A 350 1.41 46.70 6.10
CA PHE A 350 1.13 45.85 7.24
C PHE A 350 -0.17 45.06 7.06
N ALA A 351 -1.16 45.68 6.41
CA ALA A 351 -2.38 44.94 6.10
C ALA A 351 -2.10 43.79 5.13
N MET A 352 -1.11 43.96 4.25
CA MET A 352 -0.72 42.86 3.34
C MET A 352 -0.06 41.69 4.05
N PHE A 353 0.44 41.89 5.26
CA PHE A 353 0.92 40.78 6.09
C PHE A 353 -0.21 40.11 6.87
N LEU A 354 -1.12 40.91 7.43
CA LEU A 354 -2.22 40.35 8.22
C LEU A 354 -3.15 39.48 7.39
N VAL A 355 -3.41 39.85 6.13
CA VAL A 355 -4.29 39.04 5.29
C VAL A 355 -3.66 37.68 5.00
N GLY A 356 -2.35 37.64 4.79
CA GLY A 356 -1.69 36.38 4.50
C GLY A 356 -1.63 35.46 5.70
N PHE A 357 -1.44 36.03 6.89
CA PHE A 357 -1.43 35.21 8.11
C PHE A 357 -2.79 34.56 8.38
N THR A 358 -3.89 35.31 8.22
CA THR A 358 -5.20 34.70 8.45
C THR A 358 -5.56 33.68 7.37
N GLN A 359 -5.19 33.97 6.11
CA GLN A 359 -5.46 33.05 5.02
C GLN A 359 -4.73 31.72 5.21
N THR A 360 -3.51 31.76 5.76
CA THR A 360 -2.83 30.50 6.09
C THR A 360 -3.52 29.77 7.25
N SER A 361 -4.00 30.52 8.25
CA SER A 361 -4.53 29.86 9.44
C SER A 361 -5.86 29.14 9.22
N VAL A 362 -6.68 29.55 8.26
CA VAL A 362 -7.95 28.82 8.05
C VAL A 362 -7.89 27.62 7.10
N LEU A 363 -6.94 27.60 6.17
CA LEU A 363 -6.90 26.55 5.16
C LEU A 363 -6.57 25.19 5.76
N HIS A 364 -5.65 25.14 6.73
CA HIS A 364 -5.28 23.85 7.25
C HIS A 364 -6.27 23.31 8.26
N GLN A 365 -7.13 24.16 8.83
CA GLN A 365 -8.28 23.67 9.57
C GLN A 365 -9.38 23.17 8.65
N TYR A 366 -9.36 23.55 7.37
CA TYR A 366 -10.18 22.83 6.40
C TYR A 366 -9.63 21.44 6.10
N PHE A 367 -8.32 21.36 5.83
CA PHE A 367 -7.69 20.07 5.51
C PHE A 367 -7.78 19.04 6.62
N LEU A 368 -7.73 19.45 7.90
CA LEU A 368 -7.84 18.49 8.99
C LEU A 368 -9.22 17.81 9.00
N ASN A 369 -10.27 18.59 8.79
CA ASN A 369 -11.63 18.06 8.87
C ASN A 369 -11.97 17.20 7.67
N VAL A 370 -11.42 17.51 6.49
CA VAL A 370 -11.72 16.59 5.38
C VAL A 370 -10.86 15.32 5.43
N PHE A 371 -9.63 15.38 5.97
CA PHE A 371 -8.83 14.17 6.00
C PHE A 371 -9.27 13.17 7.07
N ASN A 372 -9.88 13.62 8.17
CA ASN A 372 -10.35 12.66 9.17
C ASN A 372 -11.54 11.81 8.72
N THR A 373 -12.42 12.35 7.88
CA THR A 373 -13.63 11.63 7.50
C THR A 373 -13.34 10.41 6.61
N GLY A 374 -12.24 10.43 5.84
CA GLY A 374 -11.86 9.25 5.10
C GLY A 374 -11.38 8.11 5.99
N MET A 375 -10.65 8.45 7.06
CA MET A 375 -10.25 7.47 8.05
C MET A 375 -11.44 6.90 8.79
N TYR A 376 -12.51 7.66 8.96
CA TYR A 376 -13.70 7.09 9.59
C TYR A 376 -14.43 6.13 8.65
N ILE A 377 -14.59 6.52 7.37
CA ILE A 377 -15.37 5.72 6.42
C ILE A 377 -14.69 4.38 6.14
N LYS A 378 -13.36 4.36 6.05
CA LYS A 378 -12.65 3.10 5.78
C LYS A 378 -12.82 2.08 6.90
N SER A 379 -12.67 2.52 8.15
CA SER A 379 -12.77 1.60 9.28
C SER A 379 -14.21 1.16 9.52
N ALA A 380 -15.19 1.97 9.16
CA ALA A 380 -16.56 1.48 9.31
C ALA A 380 -16.90 0.42 8.27
N LEU A 381 -16.56 0.66 7.00
CA LEU A 381 -16.98 -0.26 5.95
C LEU A 381 -16.25 -1.59 6.01
N THR A 382 -14.93 -1.59 6.28
CA THR A 382 -14.17 -2.84 6.29
C THR A 382 -14.67 -3.81 7.36
N ALA A 383 -14.92 -3.30 8.56
CA ALA A 383 -15.41 -4.13 9.64
C ALA A 383 -16.87 -4.52 9.45
N LEU A 384 -17.67 -3.78 8.68
CA LEU A 384 -18.99 -4.34 8.41
C LEU A 384 -18.97 -5.43 7.35
N ILE A 385 -18.04 -5.35 6.38
CA ILE A 385 -17.96 -6.39 5.35
C ILE A 385 -17.54 -7.73 5.94
N TYR A 386 -16.52 -7.71 6.83
CA TYR A 386 -16.04 -8.96 7.41
C TYR A 386 -17.13 -9.66 8.23
N GLN A 387 -17.83 -8.93 9.08
CA GLN A 387 -18.89 -9.55 9.86
C GLN A 387 -20.12 -9.89 9.04
N LYS A 388 -20.25 -9.34 7.83
CA LYS A 388 -21.31 -9.82 6.95
C LYS A 388 -20.99 -11.20 6.39
N SER A 389 -19.73 -11.45 6.03
CA SER A 389 -19.40 -12.69 5.31
C SER A 389 -19.63 -13.97 6.12
N LEU A 390 -19.68 -13.92 7.44
CA LEU A 390 -19.87 -15.10 8.29
C LEU A 390 -21.30 -15.62 8.35
N VAL A 391 -22.28 -15.03 7.67
CA VAL A 391 -23.65 -15.53 7.72
C VAL A 391 -24.25 -15.81 6.35
N LEU A 392 -23.49 -15.64 5.27
CA LEU A 392 -23.98 -15.96 3.94
C LEU A 392 -24.23 -17.45 3.79
N SER A 393 -25.39 -17.80 3.21
CA SER A 393 -25.73 -19.18 2.93
C SER A 393 -24.82 -19.76 1.86
N ASN A 394 -24.80 -21.10 1.81
CA ASN A 394 -23.96 -21.88 0.91
C ASN A 394 -24.03 -21.42 -0.55
N GLU A 395 -25.22 -21.17 -1.07
CA GLU A 395 -25.35 -20.88 -2.50
C GLU A 395 -24.93 -19.45 -2.82
N ALA A 396 -25.34 -18.49 -2.00
CA ALA A 396 -24.92 -17.10 -2.18
C ALA A 396 -23.41 -16.97 -2.01
N SER A 397 -22.82 -17.81 -1.15
CA SER A 397 -21.36 -17.90 -1.10
C SER A 397 -20.80 -18.56 -2.34
N GLY A 398 -21.57 -19.41 -2.99
CA GLY A 398 -21.11 -20.08 -4.20
C GLY A 398 -21.24 -19.27 -5.47
N LEU A 399 -21.94 -18.14 -5.41
CA LEU A 399 -22.17 -17.33 -6.61
C LEU A 399 -20.96 -16.54 -7.08
N SER A 400 -19.85 -16.52 -6.34
CA SER A 400 -18.74 -15.65 -6.72
C SER A 400 -17.41 -16.29 -6.32
N SER A 401 -16.34 -15.79 -6.94
CA SER A 401 -14.99 -16.28 -6.68
C SER A 401 -14.47 -15.79 -5.33
N THR A 402 -13.68 -16.65 -4.68
CA THR A 402 -12.92 -16.26 -3.49
C THR A 402 -11.96 -15.12 -3.78
N GLY A 403 -11.35 -15.11 -4.97
CA GLY A 403 -10.47 -14.04 -5.37
C GLY A 403 -11.14 -12.73 -5.72
N ASP A 404 -12.47 -12.67 -5.73
CA ASP A 404 -13.21 -11.50 -6.18
C ASP A 404 -13.87 -10.72 -5.05
N ILE A 405 -14.30 -11.39 -3.99
CA ILE A 405 -14.87 -10.70 -2.84
C ILE A 405 -13.81 -9.86 -2.13
N VAL A 406 -12.55 -10.28 -2.18
CA VAL A 406 -11.45 -9.52 -1.58
C VAL A 406 -11.23 -8.17 -2.28
N ASN A 407 -11.62 -8.05 -3.56
CA ASN A 407 -11.50 -6.75 -4.22
C ASN A 407 -12.48 -5.71 -3.70
N LEU A 408 -13.54 -6.11 -2.98
CA LEU A 408 -14.38 -5.15 -2.28
C LEU A 408 -13.59 -4.41 -1.21
N MET A 409 -12.65 -5.09 -0.55
CA MET A 409 -11.77 -4.39 0.37
C MET A 409 -10.67 -3.65 -0.38
N SER A 410 -9.99 -4.34 -1.30
CA SER A 410 -8.77 -3.81 -1.88
C SER A 410 -9.00 -2.63 -2.82
N VAL A 411 -10.20 -2.46 -3.37
CA VAL A 411 -10.45 -1.48 -4.41
C VAL A 411 -11.59 -0.56 -4.04
N ASP A 412 -12.73 -1.13 -3.65
CA ASP A 412 -13.97 -0.37 -3.63
C ASP A 412 -14.05 0.61 -2.46
N VAL A 413 -13.55 0.27 -1.28
CA VAL A 413 -13.57 1.29 -0.23
C VAL A 413 -12.42 2.26 -0.39
N GLN A 414 -11.42 1.92 -1.20
CA GLN A 414 -10.32 2.84 -1.47
C GLN A 414 -10.78 4.03 -2.31
N LYS A 415 -11.72 3.81 -3.22
CA LYS A 415 -12.24 4.89 -4.04
C LYS A 415 -13.19 5.79 -3.26
N LEU A 416 -13.94 5.22 -2.31
CA LEU A 416 -14.76 6.05 -1.44
C LEU A 416 -13.92 6.87 -0.48
N GLN A 417 -12.76 6.36 -0.06
CA GLN A 417 -11.86 7.18 0.75
C GLN A 417 -11.31 8.38 -0.02
N ASP A 418 -10.80 8.15 -1.24
CA ASP A 418 -10.17 9.22 -2.03
C ASP A 418 -11.14 10.27 -2.56
N LEU A 419 -12.44 10.01 -2.57
CA LEU A 419 -13.38 10.98 -3.10
C LEU A 419 -13.52 12.20 -2.20
N THR A 420 -13.44 12.04 -0.87
CA THR A 420 -13.82 13.10 0.06
C THR A 420 -12.89 14.30 0.00
N GLN A 421 -11.62 14.11 -0.35
CA GLN A 421 -10.68 15.22 -0.48
C GLN A 421 -11.06 16.21 -1.59
N TRP A 422 -11.89 15.80 -2.55
CA TRP A 422 -12.29 16.64 -3.67
C TRP A 422 -13.74 17.08 -3.61
N LEU A 423 -14.48 16.74 -2.57
CA LEU A 423 -15.93 16.82 -2.65
C LEU A 423 -16.43 18.25 -2.66
N ASN A 424 -15.74 19.17 -1.97
CA ASN A 424 -16.21 20.55 -1.92
C ASN A 424 -15.86 21.36 -3.17
N LEU A 425 -14.98 20.87 -4.03
CA LEU A 425 -14.64 21.66 -5.20
C LEU A 425 -15.74 21.70 -6.24
N ILE A 426 -16.82 20.93 -6.08
CA ILE A 426 -17.96 21.00 -7.00
C ILE A 426 -18.67 22.35 -6.90
N TRP A 427 -18.73 22.94 -5.72
CA TRP A 427 -19.26 24.29 -5.59
C TRP A 427 -18.16 25.34 -5.45
N SER A 428 -17.00 24.96 -4.91
CA SER A 428 -15.91 25.93 -4.78
C SER A 428 -15.22 26.27 -6.09
N GLY A 429 -15.33 25.43 -7.13
CA GLY A 429 -14.74 25.72 -8.41
C GLY A 429 -15.36 26.87 -9.18
N PRO A 430 -16.67 26.80 -9.45
CA PRO A 430 -17.36 27.96 -10.05
C PRO A 430 -17.37 29.25 -9.23
N PHE A 431 -17.35 29.17 -7.90
CA PHE A 431 -17.39 30.37 -7.05
C PHE A 431 -16.19 31.27 -7.30
N GLN A 432 -14.99 30.70 -7.41
CA GLN A 432 -13.82 31.53 -7.67
C GLN A 432 -13.85 32.14 -9.07
N ILE A 433 -14.38 31.43 -10.05
CA ILE A 433 -14.31 31.96 -11.41
C ILE A 433 -15.37 33.03 -11.62
N ILE A 434 -16.49 32.97 -10.90
CA ILE A 434 -17.46 34.05 -10.97
C ILE A 434 -16.92 35.30 -10.27
N ILE A 435 -16.26 35.13 -9.12
CA ILE A 435 -15.65 36.29 -8.44
C ILE A 435 -14.58 36.95 -9.31
N CYS A 436 -13.79 36.14 -10.02
CA CYS A 436 -12.75 36.70 -10.89
C CYS A 436 -13.33 37.46 -12.08
N LEU A 437 -14.38 36.94 -12.71
CA LEU A 437 -14.96 37.65 -13.85
C LEU A 437 -15.67 38.93 -13.41
N TYR A 438 -16.35 38.90 -12.26
CA TYR A 438 -16.96 40.13 -11.76
C TYR A 438 -15.92 41.15 -11.33
N SER A 439 -14.76 40.72 -10.82
CA SER A 439 -13.73 41.68 -10.46
C SER A 439 -13.12 42.34 -11.70
N LEU A 440 -12.92 41.58 -12.77
CA LEU A 440 -12.38 42.17 -13.99
C LEU A 440 -13.38 43.09 -14.68
N TYR A 441 -14.69 42.89 -14.46
CA TYR A 441 -15.68 43.79 -15.04
C TYR A 441 -15.54 45.22 -14.55
N LYS A 442 -15.16 45.41 -13.29
CA LYS A 442 -15.07 46.75 -12.72
C LYS A 442 -13.82 47.53 -13.14
N LEU A 443 -12.71 46.85 -13.43
CA LEU A 443 -11.53 47.56 -13.92
C LEU A 443 -11.70 48.04 -15.35
N LEU A 444 -12.08 47.14 -16.26
CA LEU A 444 -11.91 47.35 -17.69
C LEU A 444 -13.21 47.60 -18.46
N GLY A 445 -14.38 47.37 -17.87
CA GLY A 445 -15.61 47.57 -18.61
C GLY A 445 -15.97 46.42 -19.54
N ASN A 446 -16.68 46.75 -20.62
CA ASN A 446 -17.23 45.77 -21.56
C ASN A 446 -16.16 44.98 -22.30
N SER A 447 -14.90 45.42 -22.29
CA SER A 447 -13.80 44.70 -22.91
C SER A 447 -13.60 43.30 -22.37
N MET A 448 -14.08 43.01 -21.16
CA MET A 448 -13.85 41.73 -20.48
C MET A 448 -14.36 40.54 -21.28
N TRP A 449 -15.44 40.70 -22.06
CA TRP A 449 -16.21 39.58 -22.61
C TRP A 449 -15.41 38.69 -23.55
N VAL A 450 -14.29 39.16 -24.09
CA VAL A 450 -13.46 38.32 -24.94
C VAL A 450 -12.82 37.20 -24.12
N GLY A 451 -12.61 37.41 -22.83
CA GLY A 451 -12.08 36.37 -21.97
C GLY A 451 -13.03 35.21 -21.73
N VAL A 452 -14.33 35.38 -21.96
CA VAL A 452 -15.27 34.28 -21.81
C VAL A 452 -15.24 33.34 -23.01
N ILE A 453 -15.14 33.90 -24.22
CA ILE A 453 -15.29 33.13 -25.45
C ILE A 453 -14.11 32.17 -25.64
N ILE A 454 -12.90 32.60 -25.31
CA ILE A 454 -11.73 31.73 -25.41
C ILE A 454 -11.84 30.55 -24.44
N LEU A 455 -12.40 30.79 -23.25
CA LEU A 455 -12.56 29.69 -22.29
C LEU A 455 -13.63 28.72 -22.74
N VAL A 456 -14.72 29.24 -23.32
CA VAL A 456 -15.80 28.42 -23.86
C VAL A 456 -15.30 27.54 -24.99
N ILE A 457 -14.38 28.06 -25.81
CA ILE A 457 -13.83 27.24 -26.88
C ILE A 457 -12.87 26.19 -26.34
N MET A 458 -11.94 26.59 -25.48
CA MET A 458 -10.80 25.72 -25.19
C MET A 458 -10.99 24.77 -24.01
N MET A 459 -12.00 24.91 -23.16
CA MET A 459 -12.23 23.85 -22.16
C MET A 459 -12.66 22.49 -22.74
N PRO A 460 -13.64 22.40 -23.67
CA PRO A 460 -13.97 21.06 -24.21
C PRO A 460 -12.86 20.42 -25.03
N LEU A 461 -12.00 21.20 -25.70
CA LEU A 461 -10.87 20.61 -26.42
C LEU A 461 -9.93 19.90 -25.46
N ASN A 462 -9.68 20.49 -24.29
CA ASN A 462 -8.79 19.86 -23.33
C ASN A 462 -9.42 18.63 -22.72
N SER A 463 -10.72 18.69 -22.42
CA SER A 463 -11.36 17.47 -21.91
C SER A 463 -11.43 16.37 -22.97
N PHE A 464 -11.53 16.74 -24.24
CA PHE A 464 -11.43 15.74 -25.32
C PHE A 464 -10.04 15.09 -25.35
N LEU A 465 -8.98 15.90 -25.27
CA LEU A 465 -7.61 15.36 -25.27
C LEU A 465 -7.33 14.46 -24.07
N MET A 466 -8.00 14.69 -22.94
CA MET A 466 -7.75 13.83 -21.79
C MET A 466 -8.29 12.40 -21.93
N ARG A 467 -9.08 12.10 -22.96
CA ARG A 467 -9.59 10.74 -23.16
C ARG A 467 -8.58 9.82 -23.85
N ILE A 468 -7.93 10.33 -24.91
CA ILE A 468 -7.04 9.49 -25.72
C ILE A 468 -5.81 9.06 -24.93
N GLN A 469 -5.38 9.85 -23.95
CA GLN A 469 -4.30 9.41 -23.06
C GLN A 469 -4.74 8.24 -22.20
N LYS A 470 -6.00 8.24 -21.75
CA LYS A 470 -6.48 7.14 -20.92
C LYS A 470 -6.62 5.87 -21.75
N LYS A 471 -7.01 6.02 -23.01
CA LYS A 471 -7.04 4.89 -23.94
C LYS A 471 -5.64 4.27 -24.13
N LEU A 472 -4.64 5.11 -24.42
CA LEU A 472 -3.28 4.61 -24.60
C LEU A 472 -2.71 4.01 -23.31
N GLN A 473 -3.01 4.62 -22.18
CA GLN A 473 -2.55 4.11 -20.90
C GLN A 473 -3.19 2.77 -20.54
N LYS A 474 -4.46 2.56 -20.92
CA LYS A 474 -5.07 1.24 -20.75
C LYS A 474 -4.48 0.21 -21.70
N SER A 475 -4.07 0.64 -22.89
CA SER A 475 -3.43 -0.28 -23.83
C SER A 475 -2.06 -0.73 -23.31
N GLN A 476 -1.31 0.19 -22.70
CA GLN A 476 0.05 -0.09 -22.23
C GLN A 476 0.10 -1.22 -21.20
N MET A 477 -0.94 -1.38 -20.38
CA MET A 477 -0.88 -2.33 -19.27
C MET A 477 -0.92 -3.81 -19.68
N LYS A 478 -1.31 -4.12 -20.92
CA LYS A 478 -1.31 -5.51 -21.37
C LYS A 478 0.11 -6.06 -21.58
N TYR A 479 0.97 -5.24 -22.20
CA TYR A 479 2.30 -5.71 -22.58
C TYR A 479 3.17 -6.00 -21.37
N LYS A 480 2.93 -5.30 -20.26
CA LYS A 480 3.52 -5.65 -18.98
C LYS A 480 3.25 -7.10 -18.60
N ASP A 481 1.99 -7.52 -18.70
CA ASP A 481 1.61 -8.89 -18.34
C ASP A 481 2.21 -9.91 -19.30
N GLU A 482 2.28 -9.57 -20.59
CA GLU A 482 2.85 -10.51 -21.55
C GLU A 482 4.35 -10.74 -21.31
N ARG A 483 5.09 -9.65 -21.05
CA ARG A 483 6.49 -9.79 -20.67
C ARG A 483 6.66 -10.58 -19.39
N THR A 484 5.79 -10.33 -18.40
CA THR A 484 5.93 -10.99 -17.11
C THR A 484 5.67 -12.49 -17.21
N ARG A 485 4.74 -12.89 -18.08
CA ARG A 485 4.45 -14.30 -18.25
C ARG A 485 5.61 -15.02 -18.93
N VAL A 486 6.19 -14.41 -19.97
CA VAL A 486 7.34 -15.03 -20.65
C VAL A 486 8.53 -15.19 -19.71
N ILE A 487 8.80 -14.16 -18.89
CA ILE A 487 9.91 -14.21 -17.96
C ILE A 487 9.71 -15.29 -16.88
N SER A 488 8.49 -15.36 -16.32
CA SER A 488 8.19 -16.38 -15.31
C SER A 488 8.35 -17.79 -15.87
N GLU A 489 7.93 -17.99 -17.12
CA GLU A 489 8.08 -19.32 -17.72
C GLU A 489 9.53 -19.66 -18.00
N ILE A 490 10.38 -18.65 -18.25
CA ILE A 490 11.80 -18.95 -18.37
C ILE A 490 12.38 -19.34 -17.01
N LEU A 491 12.02 -18.60 -15.95
CA LEU A 491 12.63 -18.84 -14.63
C LEU A 491 12.22 -20.17 -14.01
N ASN A 492 11.03 -20.70 -14.32
CA ASN A 492 10.67 -22.00 -13.74
C ASN A 492 11.50 -23.16 -14.32
N ASN A 493 11.73 -23.18 -15.62
CA ASN A 493 12.29 -24.32 -16.32
C ASN A 493 13.78 -24.19 -16.59
N ILE A 494 14.49 -23.46 -15.73
CA ILE A 494 15.91 -23.14 -15.95
C ILE A 494 16.76 -24.41 -15.98
N LYS A 495 16.34 -25.47 -15.28
CA LYS A 495 17.12 -26.70 -15.24
C LYS A 495 17.22 -27.37 -16.61
N SER A 496 16.15 -27.31 -17.41
CA SER A 496 16.23 -27.87 -18.75
C SER A 496 17.03 -26.97 -19.68
N LEU A 497 16.86 -25.66 -19.54
CA LEU A 497 17.61 -24.71 -20.37
C LEU A 497 19.11 -24.86 -20.18
N LYS A 498 19.54 -25.04 -18.93
CA LYS A 498 20.96 -25.23 -18.62
C LYS A 498 21.56 -26.43 -19.36
N LEU A 499 20.79 -27.51 -19.50
CA LEU A 499 21.31 -28.71 -20.14
C LEU A 499 21.36 -28.59 -21.66
N TYR A 500 20.27 -28.14 -22.27
CA TYR A 500 20.12 -28.20 -23.71
C TYR A 500 20.79 -27.05 -24.47
N ALA A 501 21.31 -26.04 -23.74
CA ALA A 501 21.94 -24.85 -24.32
C ALA A 501 20.93 -24.06 -25.18
N TRP A 502 19.70 -23.98 -24.71
CA TRP A 502 18.60 -23.33 -25.41
C TRP A 502 18.45 -21.84 -25.11
N GLU A 503 19.45 -21.17 -24.52
CA GLU A 503 19.25 -19.77 -24.14
C GLU A 503 19.19 -18.84 -25.36
N LYS A 504 19.88 -19.20 -26.45
CA LYS A 504 19.89 -18.36 -27.65
C LYS A 504 18.51 -18.14 -28.28
N PRO A 505 17.64 -19.15 -28.49
CA PRO A 505 16.30 -18.80 -29.00
C PRO A 505 15.43 -18.03 -28.01
N TYR A 506 15.44 -18.40 -26.74
CA TYR A 506 14.51 -17.78 -25.79
C TYR A 506 14.86 -16.33 -25.46
N ARG A 507 16.16 -15.99 -25.43
CA ARG A 507 16.54 -14.60 -25.29
C ARG A 507 16.02 -13.74 -26.42
N GLU A 508 16.14 -14.21 -27.66
CA GLU A 508 15.63 -13.47 -28.81
C GLU A 508 14.10 -13.39 -28.79
N LYS A 509 13.44 -14.47 -28.34
CA LYS A 509 11.99 -14.48 -28.22
C LYS A 509 11.49 -13.42 -27.25
N LEU A 510 12.20 -13.21 -26.14
CA LEU A 510 11.82 -12.15 -25.21
C LEU A 510 12.16 -10.77 -25.76
N GLU A 511 13.34 -10.63 -26.36
CA GLU A 511 13.83 -9.35 -26.86
C GLU A 511 12.93 -8.78 -27.95
N GLU A 512 12.38 -9.66 -28.81
CA GLU A 512 11.45 -9.20 -29.84
C GLU A 512 10.21 -8.53 -29.26
N VAL A 513 9.62 -9.12 -28.21
CA VAL A 513 8.42 -8.56 -27.59
C VAL A 513 8.74 -7.27 -26.85
N ARG A 514 9.88 -7.23 -26.15
CA ARG A 514 10.29 -6.02 -25.45
C ARG A 514 10.52 -4.85 -26.42
N ASN A 515 11.28 -5.08 -27.49
CA ASN A 515 11.64 -3.97 -28.37
C ASN A 515 10.48 -3.55 -29.28
N ASN A 516 9.74 -4.49 -29.86
CA ASN A 516 8.87 -4.13 -30.96
C ASN A 516 7.40 -3.95 -30.60
N LYS A 517 7.03 -3.88 -29.31
CA LYS A 517 5.72 -3.34 -28.99
C LYS A 517 5.73 -2.26 -27.90
N GLU A 518 6.17 -2.64 -26.70
CA GLU A 518 6.09 -1.78 -25.52
C GLU A 518 6.91 -0.49 -25.69
N LEU A 519 8.15 -0.62 -26.14
CA LEU A 519 8.99 0.55 -26.35
C LEU A 519 8.60 1.33 -27.60
N LYS A 520 7.72 0.81 -28.44
CA LYS A 520 7.06 1.67 -29.41
C LYS A 520 5.97 2.51 -28.75
N ASN A 521 5.13 1.86 -27.94
CA ASN A 521 3.95 2.52 -27.37
C ASN A 521 4.31 3.65 -26.41
N LEU A 522 5.48 3.55 -25.75
CA LEU A 522 5.94 4.64 -24.89
C LEU A 522 6.15 5.96 -25.62
N THR A 523 6.68 5.92 -26.85
CA THR A 523 6.94 7.17 -27.56
C THR A 523 5.65 7.88 -27.96
N LYS A 524 4.62 7.11 -28.34
CA LYS A 524 3.32 7.69 -28.63
C LYS A 524 2.73 8.39 -27.41
N LEU A 525 2.76 7.71 -26.26
CA LEU A 525 2.27 8.36 -25.04
C LEU A 525 3.08 9.60 -24.66
N GLY A 526 4.40 9.58 -24.91
CA GLY A 526 5.22 10.77 -24.69
C GLY A 526 4.82 11.97 -25.52
N CYS A 527 4.57 11.75 -26.81
CA CYS A 527 4.17 12.85 -27.69
C CYS A 527 2.81 13.42 -27.29
N TYR A 528 1.84 12.55 -26.97
CA TYR A 528 0.55 13.05 -26.49
C TYR A 528 0.63 13.77 -25.14
N MET A 529 1.64 13.49 -24.31
CA MET A 529 1.78 14.29 -23.10
C MET A 529 2.37 15.67 -23.38
N ALA A 530 3.34 15.74 -24.31
CA ALA A 530 3.97 17.02 -24.63
C ALA A 530 2.99 18.02 -25.23
N VAL A 531 2.15 17.57 -26.17
CA VAL A 531 1.18 18.48 -26.79
C VAL A 531 0.21 19.06 -25.76
N THR A 532 -0.22 18.25 -24.81
CA THR A 532 -1.09 18.73 -23.74
C THR A 532 -0.38 19.73 -22.83
N SER A 533 0.91 19.57 -22.59
CA SER A 533 1.63 20.55 -21.77
C SER A 533 1.71 21.91 -22.46
N PHE A 534 1.98 21.93 -23.77
CA PHE A 534 1.98 23.18 -24.54
C PHE A 534 0.62 23.86 -24.50
N GLN A 535 -0.44 23.07 -24.74
CA GLN A 535 -1.78 23.63 -24.83
C GLN A 535 -2.26 24.16 -23.48
N PHE A 536 -1.86 23.53 -22.38
CA PHE A 536 -2.21 24.07 -21.08
C PHE A 536 -1.36 25.25 -20.67
N ASN A 537 -0.15 25.39 -21.22
CA ASN A 537 0.66 26.55 -20.89
C ASN A 537 0.15 27.81 -21.55
N ILE A 538 -0.40 27.72 -22.77
CA ILE A 538 -0.56 28.95 -23.54
C ILE A 538 -1.80 29.80 -23.20
N VAL A 539 -2.82 29.28 -22.52
CA VAL A 539 -4.12 29.98 -22.38
C VAL A 539 -4.11 31.27 -21.55
N PRO A 540 -3.57 31.33 -20.32
CA PRO A 540 -3.64 32.61 -19.58
C PRO A 540 -2.83 33.74 -20.19
N PHE A 541 -1.86 33.46 -21.05
CA PHE A 541 -1.26 34.54 -21.84
C PHE A 541 -2.23 35.04 -22.89
N LEU A 542 -2.90 34.12 -23.59
CA LEU A 542 -3.68 34.46 -24.77
C LEU A 542 -4.90 35.28 -24.39
N VAL A 543 -5.41 35.07 -23.17
CA VAL A 543 -6.55 35.86 -22.69
C VAL A 543 -6.14 37.31 -22.49
N SER A 544 -4.95 37.54 -21.91
CA SER A 544 -4.50 38.90 -21.63
C SER A 544 -4.19 39.64 -22.92
N CYS A 545 -3.55 38.96 -23.87
CA CYS A 545 -3.22 39.64 -25.13
C CYS A 545 -4.48 40.04 -25.90
N CYS A 546 -5.51 39.18 -25.90
CA CYS A 546 -6.75 39.57 -26.58
C CYS A 546 -7.51 40.67 -25.82
N THR A 547 -7.42 40.70 -24.49
CA THR A 547 -8.14 41.73 -23.74
C THR A 547 -7.51 43.12 -23.90
N PHE A 548 -6.17 43.20 -23.84
CA PHE A 548 -5.53 44.49 -24.09
C PHE A 548 -5.74 44.95 -25.53
N ALA A 549 -5.73 44.01 -26.50
CA ALA A 549 -5.95 44.40 -27.89
C ALA A 549 -7.36 44.92 -28.15
N VAL A 550 -8.37 44.40 -27.44
CA VAL A 550 -9.72 44.94 -27.68
C VAL A 550 -9.90 46.25 -26.92
N PHE A 551 -9.26 46.41 -25.75
CA PHE A 551 -9.33 47.67 -25.00
C PHE A 551 -8.77 48.84 -25.81
N VAL A 552 -7.62 48.64 -26.47
CA VAL A 552 -6.92 49.79 -27.06
C VAL A 552 -7.70 50.39 -28.25
N TYR A 553 -8.42 49.58 -29.01
CA TYR A 553 -9.08 50.05 -30.22
C TYR A 553 -10.49 50.57 -30.01
N THR A 554 -11.10 50.36 -28.85
CA THR A 554 -12.47 50.81 -28.64
C THR A 554 -12.63 51.88 -27.57
N GLU A 555 -11.97 51.75 -26.42
CA GLU A 555 -12.17 52.68 -25.32
C GLU A 555 -11.34 53.94 -25.52
N ASP A 556 -11.94 55.09 -25.19
CA ASP A 556 -11.28 56.39 -25.28
C ASP A 556 -10.59 56.77 -23.96
N ARG A 557 -9.66 55.93 -23.51
CA ARG A 557 -8.96 56.16 -22.26
C ARG A 557 -7.51 55.68 -22.37
N ALA A 558 -6.63 56.28 -21.59
CA ALA A 558 -5.26 55.83 -21.52
C ALA A 558 -5.15 54.56 -20.70
N LEU A 559 -4.36 53.61 -21.19
CA LEU A 559 -4.08 52.36 -20.48
C LEU A 559 -2.84 52.58 -19.61
N THR A 560 -3.03 52.85 -18.32
CA THR A 560 -1.97 53.24 -17.41
C THR A 560 -1.58 52.08 -16.50
N THR A 561 -0.61 52.32 -15.62
CA THR A 561 0.02 51.26 -14.85
C THR A 561 -0.94 50.55 -13.90
N ASP A 562 -1.79 51.28 -13.20
CA ASP A 562 -2.68 50.64 -12.24
C ASP A 562 -3.86 49.90 -12.88
N LEU A 563 -4.05 49.96 -14.19
CA LEU A 563 -4.92 49.00 -14.85
C LEU A 563 -4.16 47.77 -15.30
N VAL A 564 -2.88 47.92 -15.63
CA VAL A 564 -2.13 46.85 -16.26
C VAL A 564 -1.64 45.85 -15.21
N PHE A 565 -0.99 46.33 -14.16
CA PHE A 565 -0.38 45.38 -13.22
C PHE A 565 -1.28 44.74 -12.15
N PRO A 566 -2.34 45.38 -11.64
CA PRO A 566 -3.37 44.58 -10.94
C PRO A 566 -4.03 43.49 -11.77
N ALA A 567 -4.21 43.69 -13.08
CA ALA A 567 -4.95 42.73 -13.91
C ALA A 567 -4.21 41.43 -14.14
N LEU A 568 -2.88 41.46 -14.22
CA LEU A 568 -2.09 40.24 -14.41
C LEU A 568 -2.35 39.22 -13.30
N THR A 569 -2.50 39.69 -12.06
CA THR A 569 -2.71 38.79 -10.95
C THR A 569 -4.09 38.12 -11.03
N LEU A 570 -5.08 38.85 -11.55
CA LEU A 570 -6.40 38.28 -11.68
C LEU A 570 -6.47 37.28 -12.83
N PHE A 571 -5.72 37.53 -13.91
CA PHE A 571 -5.65 36.53 -14.98
C PHE A 571 -4.96 35.27 -14.49
N ASN A 572 -3.87 35.43 -13.73
CA ASN A 572 -3.11 34.28 -13.26
C ASN A 572 -3.87 33.45 -12.23
N LEU A 573 -4.79 34.05 -11.48
CA LEU A 573 -5.58 33.24 -10.53
C LEU A 573 -6.62 32.33 -11.18
N LEU A 574 -6.83 32.40 -12.50
CA LEU A 574 -7.70 31.47 -13.21
C LEU A 574 -7.02 30.16 -13.57
N SER A 575 -5.73 30.01 -13.30
CA SER A 575 -5.01 28.81 -13.73
C SER A 575 -5.46 27.56 -12.97
N PHE A 576 -5.52 27.63 -11.63
CA PHE A 576 -5.84 26.43 -10.86
C PHE A 576 -7.27 25.89 -11.05
N PRO A 577 -8.35 26.69 -10.96
CA PRO A 577 -9.68 26.06 -11.17
C PRO A 577 -9.94 25.51 -12.55
N LEU A 578 -9.29 26.00 -13.60
CA LEU A 578 -9.49 25.40 -14.92
C LEU A 578 -8.91 23.99 -14.98
N MET A 579 -7.78 23.75 -14.32
CA MET A 579 -7.16 22.43 -14.34
C MET A 579 -8.00 21.38 -13.64
N ILE A 580 -8.49 21.70 -12.44
CA ILE A 580 -9.03 20.69 -11.54
C ILE A 580 -10.48 20.34 -11.82
N ILE A 581 -11.22 21.19 -12.55
CA ILE A 581 -12.64 20.91 -12.83
C ILE A 581 -12.86 19.61 -13.60
N PRO A 582 -12.10 19.25 -14.64
CA PRO A 582 -12.33 17.93 -15.27
C PRO A 582 -11.94 16.73 -14.43
N MET A 583 -11.05 16.86 -13.45
CA MET A 583 -10.58 15.68 -12.74
C MET A 583 -11.58 15.19 -11.70
N VAL A 584 -12.23 16.11 -10.98
CA VAL A 584 -13.18 15.72 -9.94
C VAL A 584 -14.41 15.01 -10.52
N LEU A 585 -14.80 15.34 -11.75
CA LEU A 585 -15.93 14.68 -12.40
C LEU A 585 -15.66 13.20 -12.66
N ASN A 586 -14.41 12.86 -13.00
CA ASN A 586 -14.07 11.45 -13.23
C ASN A 586 -14.23 10.62 -11.97
N SER A 587 -13.70 11.09 -10.84
CA SER A 587 -13.86 10.35 -9.60
C SER A 587 -15.31 10.32 -9.15
N PHE A 588 -16.09 11.37 -9.45
CA PHE A 588 -17.51 11.35 -9.10
C PHE A 588 -18.28 10.33 -9.92
N ILE A 589 -17.89 10.10 -11.17
CA ILE A 589 -18.54 9.06 -11.97
C ILE A 589 -18.05 7.67 -11.55
N GLU A 590 -16.75 7.54 -11.29
CA GLU A 590 -16.12 6.27 -10.96
C GLU A 590 -16.61 5.71 -9.62
N ALA A 591 -16.82 6.58 -8.62
CA ALA A 591 -17.34 6.14 -7.33
C ALA A 591 -18.81 5.73 -7.36
N SER A 592 -19.53 5.95 -8.46
CA SER A 592 -20.93 5.57 -8.52
C SER A 592 -21.17 4.09 -8.78
N VAL A 593 -20.20 3.36 -9.32
CA VAL A 593 -20.35 1.91 -9.53
C VAL A 593 -20.14 1.15 -8.23
N SER A 594 -19.13 1.56 -7.46
CA SER A 594 -18.77 0.90 -6.21
C SER A 594 -19.92 0.90 -5.20
N ILE A 595 -20.69 1.99 -5.14
CA ILE A 595 -21.84 2.03 -4.24
C ILE A 595 -22.89 0.99 -4.63
N GLY A 596 -23.08 0.77 -5.94
CA GLY A 596 -24.02 -0.26 -6.36
C GLY A 596 -23.54 -1.66 -6.08
N ARG A 597 -22.22 -1.88 -6.15
CA ARG A 597 -21.68 -3.19 -5.80
C ARG A 597 -21.83 -3.49 -4.31
N LEU A 598 -21.55 -2.51 -3.45
CA LEU A 598 -21.71 -2.73 -2.01
C LEU A 598 -23.18 -2.90 -1.63
N PHE A 599 -24.08 -2.16 -2.29
CA PHE A 599 -25.50 -2.39 -2.01
C PHE A 599 -25.99 -3.73 -2.53
N THR A 600 -25.36 -4.27 -3.57
CA THR A 600 -25.65 -5.65 -3.97
C THR A 600 -25.23 -6.62 -2.87
N PHE A 601 -24.01 -6.44 -2.36
CA PHE A 601 -23.43 -7.39 -1.40
C PHE A 601 -24.21 -7.42 -0.09
N PHE A 602 -24.54 -6.27 0.47
CA PHE A 602 -25.22 -6.21 1.77
C PHE A 602 -26.65 -6.71 1.78
N THR A 603 -27.24 -7.19 0.67
CA THR A 603 -28.65 -7.55 0.64
C THR A 603 -28.87 -9.04 0.34
N ASN A 604 -27.81 -9.85 0.31
CA ASN A 604 -27.91 -11.28 0.00
C ASN A 604 -28.70 -12.05 1.07
N GLU A 605 -29.04 -13.28 0.72
CA GLU A 605 -29.87 -14.14 1.56
C GLU A 605 -29.03 -14.75 2.69
N GLU A 606 -29.69 -15.02 3.81
CA GLU A 606 -29.05 -15.30 5.08
C GLU A 606 -29.60 -16.61 5.64
N LEU A 607 -28.84 -17.22 6.55
CA LEU A 607 -29.23 -18.49 7.17
C LEU A 607 -30.50 -18.35 8.01
N GLN A 608 -31.35 -19.36 7.94
CA GLN A 608 -32.55 -19.43 8.79
C GLN A 608 -32.15 -19.60 10.25
N PRO A 609 -32.54 -18.70 11.16
CA PRO A 609 -32.09 -18.82 12.56
C PRO A 609 -32.72 -19.96 13.34
N ASP A 610 -33.92 -20.40 12.98
CA ASP A 610 -34.72 -21.28 13.81
C ASP A 610 -34.53 -22.76 13.44
N SER A 611 -33.56 -23.06 12.58
CA SER A 611 -33.48 -24.36 11.91
C SER A 611 -33.28 -25.53 12.87
N VAL A 612 -32.51 -25.34 13.94
CA VAL A 612 -32.33 -26.40 14.92
C VAL A 612 -32.14 -25.79 16.31
N GLN A 613 -32.67 -26.46 17.32
CA GLN A 613 -32.58 -26.03 18.71
C GLN A 613 -31.27 -26.53 19.35
N ARG A 614 -30.84 -25.82 20.37
CA ARG A 614 -29.62 -26.16 21.12
C ARG A 614 -29.95 -26.25 22.60
N LEU A 615 -29.61 -27.38 23.21
CA LEU A 615 -30.01 -27.72 24.56
C LEU A 615 -28.78 -28.15 25.37
N PRO A 616 -28.82 -28.03 26.72
CA PRO A 616 -27.66 -28.44 27.52
C PRO A 616 -27.39 -29.94 27.57
N LYS A 617 -26.29 -30.30 28.25
CA LYS A 617 -25.72 -31.64 28.23
C LYS A 617 -26.67 -32.70 28.81
N VAL A 618 -26.56 -33.92 28.28
CA VAL A 618 -27.17 -35.10 28.88
C VAL A 618 -26.33 -35.58 30.07
N LYS A 619 -26.95 -36.43 30.90
CA LYS A 619 -26.41 -36.78 32.21
C LYS A 619 -25.96 -38.23 32.32
N ASN A 620 -26.62 -39.18 31.64
CA ASN A 620 -26.37 -40.59 31.87
C ASN A 620 -26.27 -41.30 30.53
N ILE A 621 -25.63 -42.48 30.58
CA ILE A 621 -25.26 -43.20 29.37
C ILE A 621 -26.48 -43.74 28.61
N GLY A 622 -27.65 -43.82 29.25
CA GLY A 622 -28.84 -44.22 28.52
C GLY A 622 -29.56 -43.12 27.78
N ASP A 623 -29.13 -41.87 27.96
CA ASP A 623 -29.88 -40.73 27.42
C ASP A 623 -29.75 -40.65 25.90
N VAL A 624 -30.86 -40.32 25.25
CA VAL A 624 -30.90 -40.01 23.83
C VAL A 624 -30.44 -38.56 23.61
N ALA A 625 -29.44 -38.39 22.73
CA ALA A 625 -28.84 -37.07 22.54
C ALA A 625 -29.56 -36.21 21.51
N ILE A 626 -30.13 -36.80 20.47
CA ILE A 626 -30.70 -36.07 19.34
C ILE A 626 -31.97 -36.78 18.87
N ASN A 627 -32.92 -36.00 18.37
CA ASN A 627 -34.14 -36.55 17.80
C ASN A 627 -34.50 -35.80 16.53
N ILE A 628 -34.87 -36.57 15.50
CA ILE A 628 -35.49 -36.06 14.29
C ILE A 628 -36.68 -36.97 13.99
N GLY A 629 -37.81 -36.37 13.65
CA GLY A 629 -38.98 -37.19 13.41
C GLY A 629 -40.14 -36.39 12.86
N ASP A 630 -41.32 -37.03 12.91
CA ASP A 630 -42.58 -36.55 12.33
C ASP A 630 -42.47 -36.32 10.82
N ASP A 631 -41.67 -37.15 10.15
CA ASP A 631 -41.39 -37.11 8.71
C ASP A 631 -40.95 -35.72 8.27
N ALA A 632 -39.88 -35.22 8.90
CA ALA A 632 -39.36 -33.89 8.61
C ALA A 632 -38.85 -33.80 7.17
N THR A 633 -38.82 -32.57 6.66
CA THR A 633 -38.33 -32.30 5.32
C THR A 633 -37.42 -31.10 5.34
N PHE A 634 -36.33 -31.17 4.58
CA PHE A 634 -35.34 -30.10 4.53
C PHE A 634 -35.03 -29.79 3.07
N LEU A 635 -34.90 -28.50 2.79
CA LEU A 635 -34.84 -27.99 1.42
C LEU A 635 -33.41 -27.63 1.05
N TRP A 636 -32.98 -28.06 -0.14
CA TRP A 636 -31.62 -27.81 -0.57
C TRP A 636 -31.41 -26.34 -0.93
N GLN A 637 -32.42 -25.71 -1.56
CA GLN A 637 -32.41 -24.29 -1.87
C GLN A 637 -33.81 -23.72 -1.70
N ARG A 638 -33.87 -22.41 -1.43
CA ARG A 638 -35.16 -21.72 -1.38
C ARG A 638 -35.64 -21.30 -2.76
N LYS A 639 -34.72 -21.06 -3.70
CA LYS A 639 -34.97 -20.36 -4.94
C LYS A 639 -34.12 -20.98 -6.04
N PRO A 640 -34.55 -20.92 -7.31
CA PRO A 640 -35.80 -20.39 -7.88
C PRO A 640 -37.01 -21.30 -7.65
N GLU A 641 -36.77 -22.59 -7.54
CA GLU A 641 -37.75 -23.56 -7.08
C GLU A 641 -37.12 -24.41 -6.00
N TYR A 642 -37.85 -24.65 -4.93
CA TYR A 642 -37.27 -25.36 -3.80
C TYR A 642 -37.12 -26.84 -4.11
N LYS A 643 -36.02 -27.42 -3.63
CA LYS A 643 -35.61 -28.77 -3.97
C LYS A 643 -35.63 -29.62 -2.70
N VAL A 644 -36.29 -30.77 -2.78
CA VAL A 644 -36.41 -31.68 -1.65
C VAL A 644 -35.09 -32.42 -1.45
N ALA A 645 -34.42 -32.15 -0.34
CA ALA A 645 -33.20 -32.86 0.04
C ALA A 645 -33.48 -34.11 0.87
N LEU A 646 -34.31 -33.99 1.90
CA LEU A 646 -34.57 -35.08 2.81
C LEU A 646 -36.05 -35.21 3.09
N LYS A 647 -36.49 -36.46 3.31
CA LYS A 647 -37.91 -36.77 3.49
C LYS A 647 -38.03 -37.94 4.44
N ASN A 648 -39.11 -37.93 5.23
CA ASN A 648 -39.50 -39.03 6.14
C ASN A 648 -38.41 -39.40 7.14
N ILE A 649 -37.56 -38.43 7.51
CA ILE A 649 -36.42 -38.72 8.37
C ILE A 649 -36.89 -38.99 9.78
N ASN A 650 -36.44 -40.11 10.35
CA ASN A 650 -36.72 -40.48 11.73
C ASN A 650 -35.46 -41.13 12.29
N PHE A 651 -34.75 -40.40 13.16
CA PHE A 651 -33.39 -40.77 13.50
C PHE A 651 -33.11 -40.42 14.96
N GLN A 652 -32.28 -41.25 15.62
CA GLN A 652 -31.96 -41.08 17.02
C GLN A 652 -30.54 -41.57 17.26
N ALA A 653 -29.93 -41.07 18.34
CA ALA A 653 -28.62 -41.53 18.77
C ALA A 653 -28.55 -41.52 20.29
N LYS A 654 -27.65 -42.34 20.83
CA LYS A 654 -27.53 -42.52 22.26
C LYS A 654 -26.08 -42.30 22.70
N LYS A 655 -25.93 -41.98 23.99
CA LYS A 655 -24.62 -41.73 24.58
C LYS A 655 -23.71 -42.95 24.49
N GLY A 656 -22.41 -42.69 24.37
CA GLY A 656 -21.42 -43.76 24.35
C GLY A 656 -21.32 -44.53 23.05
N ASN A 657 -22.45 -45.10 22.61
CA ASN A 657 -22.46 -46.03 21.48
C ASN A 657 -21.99 -45.37 20.18
N LEU A 658 -21.29 -46.15 19.37
CA LEU A 658 -20.88 -45.72 18.04
C LEU A 658 -22.00 -45.98 17.05
N THR A 659 -22.55 -44.92 16.46
CA THR A 659 -23.59 -45.03 15.44
C THR A 659 -22.99 -44.73 14.08
N CYS A 660 -23.23 -45.62 13.12
CA CYS A 660 -22.71 -45.47 11.77
C CYS A 660 -23.84 -45.51 10.75
N ILE A 661 -23.62 -44.86 9.61
CA ILE A 661 -24.60 -44.82 8.52
C ILE A 661 -23.88 -45.08 7.20
N VAL A 662 -24.53 -45.82 6.32
CA VAL A 662 -23.95 -46.32 5.07
C VAL A 662 -24.88 -45.91 3.95
N GLY A 663 -24.32 -45.59 2.79
CA GLY A 663 -25.15 -45.32 1.63
C GLY A 663 -24.31 -45.08 0.40
N LYS A 664 -25.00 -45.06 -0.74
CA LYS A 664 -24.40 -44.71 -2.02
C LYS A 664 -23.90 -43.27 -2.03
N VAL A 665 -22.83 -43.04 -2.78
CA VAL A 665 -22.38 -41.68 -3.07
C VAL A 665 -23.49 -40.90 -3.75
N GLY A 666 -23.72 -39.68 -3.30
CA GLY A 666 -24.79 -38.85 -3.82
C GLY A 666 -26.15 -39.09 -3.24
N SER A 667 -26.28 -40.02 -2.29
CA SER A 667 -27.51 -40.14 -1.53
C SER A 667 -27.51 -39.13 -0.39
N GLY A 668 -28.50 -39.21 0.49
CA GLY A 668 -28.64 -38.33 1.64
C GLY A 668 -27.60 -38.37 2.74
N LYS A 669 -26.52 -39.14 2.53
CA LYS A 669 -25.45 -39.30 3.52
C LYS A 669 -24.88 -37.97 4.02
N THR A 670 -24.42 -37.12 3.09
CA THR A 670 -23.87 -35.82 3.46
C THR A 670 -24.95 -34.90 4.04
N ALA A 671 -26.20 -35.13 3.63
CA ALA A 671 -27.29 -34.23 4.00
C ALA A 671 -27.63 -34.32 5.48
N LEU A 672 -27.46 -35.49 6.10
CA LEU A 672 -27.69 -35.59 7.54
C LEU A 672 -26.69 -34.75 8.33
N LEU A 673 -25.41 -34.81 7.95
CA LEU A 673 -24.39 -34.02 8.63
C LEU A 673 -24.62 -32.53 8.42
N SER A 674 -24.97 -32.14 7.19
CA SER A 674 -25.28 -30.74 6.92
C SER A 674 -26.54 -30.29 7.65
N CYS A 675 -27.48 -31.21 7.89
CA CYS A 675 -28.67 -30.89 8.67
C CYS A 675 -28.30 -30.63 10.12
N MET A 676 -27.48 -31.51 10.69
CA MET A 676 -27.13 -31.40 12.10
C MET A 676 -26.24 -30.20 12.37
N LEU A 677 -25.46 -29.74 11.38
CA LEU A 677 -24.83 -28.44 11.53
C LEU A 677 -25.77 -27.25 11.32
N GLY A 678 -26.97 -27.47 10.77
CA GLY A 678 -27.94 -26.40 10.65
C GLY A 678 -27.84 -25.52 9.43
N ASP A 679 -27.38 -26.04 8.30
CA ASP A 679 -27.35 -25.24 7.08
C ASP A 679 -28.69 -25.23 6.35
N LEU A 680 -29.38 -26.35 6.33
CA LEU A 680 -30.54 -26.52 5.46
C LEU A 680 -31.77 -25.80 6.03
N PHE A 681 -32.77 -25.63 5.17
CA PHE A 681 -33.99 -24.92 5.50
C PHE A 681 -35.08 -25.92 5.86
N ARG A 682 -35.77 -25.68 6.97
CA ARG A 682 -36.72 -26.63 7.52
C ARG A 682 -38.14 -26.19 7.18
N VAL A 683 -38.95 -27.12 6.70
CA VAL A 683 -40.37 -26.86 6.51
C VAL A 683 -41.27 -27.72 7.37
N LYS A 684 -40.81 -28.87 7.86
CA LYS A 684 -41.62 -29.76 8.69
C LYS A 684 -40.75 -30.39 9.76
N GLY A 685 -41.39 -30.78 10.86
CA GLY A 685 -40.72 -31.52 11.90
C GLY A 685 -39.92 -30.64 12.85
N PHE A 686 -39.12 -31.31 13.66
CA PHE A 686 -38.35 -30.67 14.71
C PHE A 686 -37.03 -31.40 14.86
N ALA A 687 -36.03 -30.70 15.41
CA ALA A 687 -34.72 -31.28 15.64
C ALA A 687 -34.07 -30.59 16.83
N THR A 688 -33.28 -31.36 17.57
CA THR A 688 -32.54 -30.82 18.70
C THR A 688 -31.21 -31.56 18.81
N VAL A 689 -30.20 -30.84 19.29
CA VAL A 689 -28.87 -31.38 19.54
C VAL A 689 -28.43 -30.93 20.93
N HIS A 690 -27.94 -31.86 21.73
CA HIS A 690 -27.49 -31.57 23.09
C HIS A 690 -25.97 -31.45 23.13
N GLY A 691 -25.49 -30.45 23.85
CA GLY A 691 -24.08 -30.22 24.05
C GLY A 691 -23.32 -29.63 22.89
N SER A 692 -22.00 -29.61 23.05
CA SER A 692 -21.08 -29.05 22.08
C SER A 692 -20.76 -30.04 20.97
N VAL A 693 -20.43 -29.52 19.79
CA VAL A 693 -20.14 -30.31 18.61
C VAL A 693 -18.71 -30.02 18.17
N ALA A 694 -17.94 -31.09 17.93
CA ALA A 694 -16.69 -31.02 17.18
C ALA A 694 -16.90 -31.68 15.82
N TYR A 695 -16.33 -31.07 14.78
CA TYR A 695 -16.56 -31.48 13.40
C TYR A 695 -15.24 -31.58 12.64
N VAL A 696 -15.13 -32.58 11.77
CA VAL A 696 -14.02 -32.70 10.84
C VAL A 696 -14.55 -32.67 9.41
N SER A 697 -14.06 -31.71 8.63
CA SER A 697 -14.39 -31.66 7.22
C SER A 697 -13.77 -32.83 6.47
N GLN A 698 -14.47 -33.27 5.42
CA GLN A 698 -13.96 -34.36 4.58
C GLN A 698 -12.64 -33.97 3.91
N VAL A 699 -12.60 -32.78 3.31
CA VAL A 699 -11.35 -32.23 2.79
C VAL A 699 -10.71 -31.39 3.90
N PRO A 700 -9.43 -31.57 4.21
CA PRO A 700 -8.83 -30.86 5.35
C PRO A 700 -8.54 -29.39 5.08
N TRP A 701 -8.58 -28.61 6.15
CA TRP A 701 -8.25 -27.18 6.15
C TRP A 701 -7.09 -26.95 7.09
N ILE A 702 -6.00 -26.40 6.57
CA ILE A 702 -4.78 -26.18 7.35
C ILE A 702 -4.48 -24.68 7.39
N MET A 703 -4.48 -24.12 8.59
CA MET A 703 -4.23 -22.71 8.80
C MET A 703 -2.73 -22.45 8.81
N ASN A 704 -2.33 -21.24 8.39
CA ASN A 704 -0.92 -20.85 8.40
C ASN A 704 -0.43 -20.63 9.83
N GLY A 705 0.61 -21.34 10.21
CA GLY A 705 1.16 -21.23 11.56
C GLY A 705 2.05 -22.41 11.87
N THR A 706 2.28 -22.62 13.17
CA THR A 706 3.00 -23.77 13.65
C THR A 706 2.06 -24.95 13.85
N VAL A 707 2.63 -26.16 13.86
CA VAL A 707 1.87 -27.37 14.11
C VAL A 707 1.32 -27.38 15.54
N LYS A 708 2.08 -26.82 16.49
CA LYS A 708 1.60 -26.63 17.86
C LYS A 708 0.30 -25.84 17.90
N GLU A 709 0.25 -24.72 17.18
CA GLU A 709 -0.96 -23.89 17.22
C GLU A 709 -2.12 -24.54 16.49
N ASN A 710 -1.82 -25.32 15.45
CA ASN A 710 -2.89 -26.08 14.78
C ASN A 710 -3.44 -27.18 15.67
N ILE A 711 -2.66 -27.67 16.63
CA ILE A 711 -3.22 -28.61 17.58
C ILE A 711 -4.00 -27.89 18.66
N LEU A 712 -3.49 -26.76 19.17
CA LEU A 712 -4.14 -26.11 20.31
C LEU A 712 -5.44 -25.43 19.90
N PHE A 713 -5.42 -24.69 18.79
CA PHE A 713 -6.57 -23.98 18.20
C PHE A 713 -7.31 -23.14 19.24
N GLY A 714 -6.55 -22.31 19.97
CA GLY A 714 -7.12 -21.36 20.92
C GLY A 714 -7.34 -21.88 22.32
N HIS A 715 -7.15 -23.16 22.59
CA HIS A 715 -7.30 -23.68 23.94
C HIS A 715 -6.01 -23.53 24.75
N ARG A 716 -6.17 -23.63 26.08
CA ARG A 716 -5.03 -23.64 27.01
C ARG A 716 -4.16 -24.88 26.78
N TYR A 717 -2.95 -24.81 27.30
CA TYR A 717 -1.95 -25.87 27.15
C TYR A 717 -1.90 -26.72 28.42
N ASP A 718 -2.21 -28.01 28.29
CA ASP A 718 -1.91 -29.02 29.30
C ASP A 718 -1.03 -30.09 28.68
N ALA A 719 0.16 -30.27 29.24
CA ALA A 719 1.20 -31.06 28.58
C ALA A 719 0.87 -32.56 28.54
N GLU A 720 0.25 -33.09 29.60
CA GLU A 720 -0.03 -34.52 29.67
C GLU A 720 -1.09 -34.94 28.67
N PHE A 721 -2.19 -34.18 28.59
CA PHE A 721 -3.25 -34.47 27.64
C PHE A 721 -2.76 -34.28 26.21
N TYR A 722 -1.82 -33.34 26.02
CA TYR A 722 -1.19 -33.12 24.72
C TYR A 722 -0.36 -34.34 24.30
N GLU A 723 0.46 -34.86 25.20
CA GLU A 723 1.28 -36.01 24.85
C GLU A 723 0.43 -37.26 24.66
N LYS A 724 -0.63 -37.41 25.46
CA LYS A 724 -1.59 -38.49 25.24
C LYS A 724 -2.22 -38.41 23.85
N THR A 725 -2.65 -37.21 23.45
CA THR A 725 -3.26 -37.00 22.14
C THR A 725 -2.29 -37.34 21.02
N ILE A 726 -1.01 -36.96 21.15
CA ILE A 726 -0.06 -37.28 20.09
C ILE A 726 0.24 -38.77 20.05
N LYS A 727 0.41 -39.41 21.21
CA LYS A 727 0.67 -40.85 21.24
C LYS A 727 -0.53 -41.70 20.84
N ALA A 728 -1.74 -41.16 20.90
CA ALA A 728 -2.88 -41.88 20.33
C ALA A 728 -2.91 -41.88 18.82
N CYS A 729 -1.98 -41.19 18.16
CA CYS A 729 -1.95 -41.06 16.71
C CYS A 729 -0.57 -41.47 16.21
N ALA A 730 -0.49 -41.72 14.90
CA ALA A 730 0.77 -42.04 14.23
C ALA A 730 1.69 -40.82 14.05
N LEU A 731 1.29 -39.65 14.55
CA LEU A 731 1.98 -38.39 14.28
C LEU A 731 3.42 -38.36 14.79
N THR A 732 3.73 -39.09 15.86
CA THR A 732 5.05 -39.03 16.50
C THR A 732 6.18 -39.44 15.55
N ILE A 733 5.97 -40.52 14.78
CA ILE A 733 6.99 -40.96 13.84
C ILE A 733 7.13 -39.97 12.70
N ASP A 734 6.00 -39.37 12.27
CA ASP A 734 6.04 -38.36 11.22
C ASP A 734 6.85 -37.14 11.66
N LEU A 735 6.74 -36.78 12.95
CA LEU A 735 7.57 -35.72 13.50
C LEU A 735 9.04 -36.12 13.50
N ALA A 736 9.33 -37.38 13.82
CA ALA A 736 10.72 -37.85 13.85
C ALA A 736 11.35 -37.89 12.46
N ILE A 737 10.58 -38.34 11.45
CA ILE A 737 11.11 -38.51 10.09
C ILE A 737 11.48 -37.18 9.46
N LEU A 738 10.65 -36.15 9.66
CA LEU A 738 10.92 -34.83 9.12
C LEU A 738 12.14 -34.17 9.75
N MET A 739 12.57 -34.64 10.93
CA MET A 739 13.71 -34.12 11.70
C MET A 739 13.52 -32.67 12.13
N ASP A 740 12.31 -32.14 12.05
CA ASP A 740 11.98 -30.81 12.51
C ASP A 740 10.73 -30.91 13.37
N GLY A 741 10.74 -30.22 14.50
CA GLY A 741 9.65 -30.31 15.45
C GLY A 741 8.44 -29.49 15.03
N ASP A 742 7.62 -29.17 16.04
CA ASP A 742 6.38 -28.42 15.86
C ASP A 742 6.59 -26.96 15.45
N LYS A 743 7.84 -26.50 15.36
CA LYS A 743 8.17 -25.19 14.82
C LYS A 743 8.09 -25.14 13.29
N THR A 744 7.86 -26.27 12.62
CA THR A 744 7.73 -26.31 11.18
C THR A 744 6.48 -25.54 10.73
N LEU A 745 6.69 -24.55 9.86
CA LEU A 745 5.56 -23.79 9.31
C LEU A 745 4.82 -24.62 8.27
N VAL A 746 3.49 -24.47 8.25
CA VAL A 746 2.61 -25.30 7.44
C VAL A 746 1.53 -24.40 6.86
N GLY A 747 0.96 -24.83 5.72
CA GLY A 747 -0.12 -24.09 5.08
C GLY A 747 0.06 -23.93 3.59
N GLU A 748 -0.35 -22.79 3.06
CA GLU A 748 -0.10 -22.50 1.66
C GLU A 748 1.35 -22.07 1.44
N LYS A 749 1.92 -21.36 2.40
CA LYS A 749 3.27 -20.83 2.26
C LYS A 749 4.28 -21.56 3.14
N GLY A 750 3.84 -22.55 3.91
CA GLY A 750 4.74 -23.50 4.52
C GLY A 750 5.15 -24.58 3.53
N ILE A 751 5.83 -25.60 4.06
CA ILE A 751 6.19 -26.76 3.26
C ILE A 751 4.95 -27.63 3.05
N SER A 752 4.89 -28.29 1.90
CA SER A 752 3.69 -29.02 1.50
C SER A 752 3.65 -30.38 2.19
N LEU A 753 2.71 -30.55 3.12
CA LEU A 753 2.37 -31.89 3.59
C LEU A 753 1.61 -32.63 2.49
N SER A 754 1.48 -33.94 2.65
CA SER A 754 0.80 -34.73 1.64
C SER A 754 0.03 -35.89 2.28
N GLY A 755 -1.01 -36.33 1.56
CA GLY A 755 -1.71 -37.56 1.88
C GLY A 755 -2.45 -37.56 3.20
N GLY A 756 -2.35 -38.68 3.91
CA GLY A 756 -3.00 -38.92 5.18
C GLY A 756 -2.51 -38.05 6.32
N GLN A 757 -1.38 -37.36 6.15
CA GLN A 757 -0.84 -36.50 7.21
C GLN A 757 -1.81 -35.40 7.58
N LYS A 758 -2.47 -34.80 6.60
CA LYS A 758 -3.44 -33.74 6.84
C LYS A 758 -4.67 -34.27 7.58
N ALA A 759 -5.18 -35.43 7.16
CA ALA A 759 -6.33 -36.03 7.84
C ALA A 759 -6.00 -36.40 9.27
N ARG A 760 -4.80 -36.96 9.50
CA ARG A 760 -4.33 -37.24 10.84
C ARG A 760 -4.19 -35.97 11.69
N LEU A 761 -3.69 -34.89 11.09
CA LEU A 761 -3.57 -33.62 11.80
C LEU A 761 -4.95 -33.06 12.17
N SER A 762 -5.92 -33.22 11.26
CA SER A 762 -7.27 -32.72 11.53
C SER A 762 -7.93 -33.52 12.65
N LEU A 763 -7.78 -34.86 12.62
CA LEU A 763 -8.33 -35.68 13.70
C LEU A 763 -7.65 -35.38 15.03
N ALA A 764 -6.34 -35.12 15.00
CA ALA A 764 -5.62 -34.76 16.21
C ALA A 764 -6.10 -33.42 16.76
N ARG A 765 -6.42 -32.48 15.87
CA ARG A 765 -7.02 -31.22 16.31
C ARG A 765 -8.36 -31.45 16.97
N ALA A 766 -9.19 -32.31 16.36
CA ALA A 766 -10.56 -32.49 16.85
C ALA A 766 -10.59 -33.18 18.22
N VAL A 767 -9.76 -34.21 18.41
CA VAL A 767 -9.83 -35.03 19.62
C VAL A 767 -9.42 -34.24 20.85
N TYR A 768 -8.48 -33.29 20.70
CA TYR A 768 -8.01 -32.48 21.83
C TYR A 768 -9.09 -31.60 22.44
N ALA A 769 -10.14 -31.26 21.69
CA ALA A 769 -11.18 -30.38 22.21
C ALA A 769 -12.04 -30.99 23.31
N ARG A 770 -12.09 -32.34 23.41
CA ARG A 770 -12.90 -33.07 24.39
C ARG A 770 -14.38 -32.67 24.39
N ALA A 771 -14.95 -32.53 23.19
CA ALA A 771 -16.34 -32.10 23.07
C ALA A 771 -17.30 -33.23 23.45
N ASP A 772 -18.56 -32.87 23.66
CA ASP A 772 -19.59 -33.80 24.10
C ASP A 772 -20.38 -34.43 22.96
N THR A 773 -20.02 -34.17 21.71
CA THR A 773 -20.64 -34.82 20.56
C THR A 773 -19.69 -34.69 19.39
N TYR A 774 -19.32 -35.81 18.78
CA TYR A 774 -18.40 -35.84 17.65
C TYR A 774 -19.13 -36.26 16.37
N LEU A 775 -18.97 -35.47 15.32
CA LEU A 775 -19.46 -35.80 13.98
C LEU A 775 -18.25 -35.95 13.07
N LEU A 776 -18.04 -37.15 12.53
CA LEU A 776 -16.84 -37.46 11.78
C LEU A 776 -17.23 -37.81 10.34
N ASP A 777 -16.76 -37.02 9.39
CA ASP A 777 -17.13 -37.17 7.98
C ASP A 777 -16.10 -38.01 7.23
N ASP A 778 -16.08 -39.31 7.55
CA ASP A 778 -15.33 -40.36 6.86
C ASP A 778 -13.82 -40.14 6.73
N PRO A 779 -13.07 -39.84 7.80
CA PRO A 779 -11.65 -39.48 7.62
C PRO A 779 -10.77 -40.65 7.23
N LEU A 780 -11.19 -41.89 7.52
CA LEU A 780 -10.34 -43.08 7.43
C LEU A 780 -9.93 -43.46 6.01
N ALA A 781 -10.55 -42.87 4.98
CA ALA A 781 -10.20 -43.23 3.61
C ALA A 781 -8.81 -42.77 3.19
N ALA A 782 -8.19 -41.84 3.91
CA ALA A 782 -6.94 -41.23 3.48
C ALA A 782 -5.70 -42.02 3.87
N VAL A 783 -5.82 -43.08 4.67
CA VAL A 783 -4.68 -43.64 5.39
C VAL A 783 -4.60 -45.15 5.16
N ASP A 784 -3.46 -45.72 5.54
CA ASP A 784 -3.25 -47.16 5.52
C ASP A 784 -4.28 -47.90 6.38
N GLU A 785 -4.56 -49.14 6.00
CA GLU A 785 -5.58 -49.92 6.70
C GLU A 785 -5.12 -50.35 8.09
N HIS A 786 -3.84 -50.72 8.23
CA HIS A 786 -3.32 -51.03 9.56
C HIS A 786 -3.27 -49.80 10.45
N VAL A 787 -3.06 -48.61 9.86
CA VAL A 787 -3.18 -47.38 10.62
C VAL A 787 -4.62 -47.16 11.08
N ALA A 788 -5.58 -47.49 10.21
CA ALA A 788 -6.99 -47.44 10.59
C ALA A 788 -7.29 -48.40 11.74
N ARG A 789 -6.70 -49.60 11.72
CA ARG A 789 -6.81 -50.53 12.84
C ARG A 789 -6.21 -49.94 14.12
N HIS A 790 -5.08 -49.25 14.00
CA HIS A 790 -4.44 -48.60 15.15
C HIS A 790 -5.34 -47.51 15.72
N LEU A 791 -5.98 -46.74 14.85
CA LEU A 791 -6.93 -45.72 15.29
C LEU A 791 -8.18 -46.34 15.91
N ILE A 792 -8.63 -47.50 15.43
CA ILE A 792 -9.75 -48.19 16.06
C ILE A 792 -9.35 -48.77 17.41
N GLU A 793 -8.06 -49.03 17.62
CA GLU A 793 -7.63 -49.46 18.94
C GLU A 793 -7.53 -48.30 19.93
N HIS A 794 -7.00 -47.16 19.49
CA HIS A 794 -6.67 -46.11 20.45
C HIS A 794 -7.70 -44.99 20.55
N VAL A 795 -8.58 -44.81 19.56
CA VAL A 795 -9.49 -43.68 19.56
C VAL A 795 -10.93 -44.17 19.63
N LEU A 796 -11.33 -44.98 18.66
CA LEU A 796 -12.73 -45.37 18.52
C LEU A 796 -13.03 -46.61 19.35
N GLY A 797 -14.30 -47.01 19.33
CA GLY A 797 -14.78 -48.15 20.07
C GLY A 797 -14.77 -47.97 21.58
N PRO A 798 -14.87 -49.07 22.32
CA PRO A 798 -14.80 -48.99 23.78
C PRO A 798 -13.40 -48.82 24.34
N ASN A 799 -12.37 -49.17 23.58
CA ASN A 799 -11.00 -49.13 24.10
C ASN A 799 -10.51 -47.72 24.32
N GLY A 800 -10.80 -46.80 23.40
CA GLY A 800 -10.16 -45.51 23.39
C GLY A 800 -10.73 -44.52 24.38
N LEU A 801 -10.17 -43.30 24.34
CA LEU A 801 -10.49 -42.25 25.30
C LEU A 801 -11.92 -41.74 25.19
N LEU A 802 -12.58 -41.96 24.06
CA LEU A 802 -13.91 -41.42 23.81
C LEU A 802 -15.02 -42.35 24.30
N HIS A 803 -14.75 -43.14 25.34
CA HIS A 803 -15.62 -44.22 25.77
C HIS A 803 -17.00 -43.72 26.18
N THR A 804 -17.09 -42.53 26.76
CA THR A 804 -18.34 -42.01 27.29
C THR A 804 -18.93 -40.89 26.44
N LYS A 805 -18.26 -40.49 25.36
CA LYS A 805 -18.80 -39.48 24.45
C LYS A 805 -19.61 -40.14 23.35
N THR A 806 -20.69 -39.48 22.93
CA THR A 806 -21.42 -39.92 21.76
C THR A 806 -20.65 -39.56 20.49
N LYS A 807 -20.73 -40.44 19.50
CA LYS A 807 -19.95 -40.24 18.29
C LYS A 807 -20.65 -40.90 17.10
N VAL A 808 -20.86 -40.11 16.04
CA VAL A 808 -21.49 -40.58 14.82
C VAL A 808 -20.45 -40.49 13.70
N LEU A 809 -20.18 -41.61 13.06
CA LEU A 809 -19.24 -41.69 11.95
C LEU A 809 -19.95 -42.22 10.72
N ALA A 810 -20.03 -41.40 9.68
CA ALA A 810 -20.50 -41.85 8.38
C ALA A 810 -19.33 -42.44 7.60
N THR A 811 -19.43 -43.73 7.26
CA THR A 811 -18.37 -44.41 6.54
C THR A 811 -18.91 -45.67 5.89
N ASN A 812 -18.16 -46.17 4.91
CA ASN A 812 -18.42 -47.46 4.28
C ASN A 812 -17.49 -48.58 4.73
N LYS A 813 -16.61 -48.32 5.71
CA LYS A 813 -15.64 -49.31 6.16
C LYS A 813 -16.31 -50.52 6.81
N VAL A 814 -15.91 -51.71 6.35
CA VAL A 814 -16.47 -52.97 6.84
C VAL A 814 -16.15 -53.16 8.33
N SER A 815 -14.94 -52.79 8.74
CA SER A 815 -14.53 -52.93 10.14
C SER A 815 -15.36 -52.04 11.07
N ALA A 816 -15.54 -50.77 10.67
CA ALA A 816 -16.33 -49.84 11.46
C ALA A 816 -17.78 -50.31 11.62
N LEU A 817 -18.39 -50.77 10.53
CA LEU A 817 -19.76 -51.27 10.65
C LEU A 817 -19.82 -52.59 11.39
N SER A 818 -18.72 -53.35 11.41
CA SER A 818 -18.65 -54.56 12.22
C SER A 818 -18.66 -54.22 13.71
N ILE A 819 -17.95 -53.15 14.09
CA ILE A 819 -17.87 -52.77 15.49
C ILE A 819 -18.99 -51.80 15.88
N ALA A 820 -19.80 -51.36 14.91
CA ALA A 820 -20.90 -50.44 15.17
C ALA A 820 -21.96 -51.05 16.08
N ASP A 821 -22.49 -50.22 16.98
CA ASP A 821 -23.49 -50.66 17.94
C ASP A 821 -24.90 -50.59 17.35
N SER A 822 -25.18 -49.57 16.55
CA SER A 822 -26.41 -49.51 15.78
C SER A 822 -26.13 -48.81 14.48
N ILE A 823 -26.89 -49.17 13.44
CA ILE A 823 -26.61 -48.73 12.08
C ILE A 823 -27.95 -48.60 11.36
N ALA A 824 -28.00 -47.68 10.38
CA ALA A 824 -29.22 -47.39 9.64
C ALA A 824 -28.86 -47.12 8.19
N LEU A 825 -29.82 -47.38 7.30
CA LEU A 825 -29.62 -47.26 5.86
C LEU A 825 -30.47 -46.11 5.32
N LEU A 826 -29.80 -45.17 4.65
CA LEU A 826 -30.43 -44.00 4.05
C LEU A 826 -30.19 -44.00 2.55
N ASP A 827 -31.27 -43.88 1.78
CA ASP A 827 -31.14 -43.75 0.34
C ASP A 827 -32.34 -43.00 -0.22
N ASN A 828 -32.14 -42.34 -1.36
CA ASN A 828 -33.12 -41.49 -2.05
C ASN A 828 -33.65 -40.36 -1.15
N GLY A 829 -32.90 -39.97 -0.11
CA GLY A 829 -33.41 -39.01 0.84
C GLY A 829 -34.36 -39.53 1.88
N GLU A 830 -34.45 -40.85 2.08
CA GLU A 830 -35.36 -41.41 3.06
C GLU A 830 -34.75 -42.66 3.71
N ILE A 831 -35.13 -42.89 4.96
CA ILE A 831 -34.59 -44.01 5.72
C ILE A 831 -35.40 -45.26 5.39
N THR A 832 -34.72 -46.40 5.21
CA THR A 832 -35.39 -47.60 4.73
C THR A 832 -35.18 -48.80 5.65
N GLN A 833 -34.01 -48.91 6.28
CA GLN A 833 -33.75 -49.97 7.24
C GLN A 833 -32.86 -49.46 8.36
N GLN A 834 -32.94 -50.13 9.50
CA GLN A 834 -32.02 -49.90 10.61
C GLN A 834 -31.99 -51.16 11.47
N GLY A 835 -30.96 -51.27 12.29
CA GLY A 835 -30.89 -52.34 13.25
C GLY A 835 -29.49 -52.53 13.80
N THR A 836 -29.36 -53.55 14.62
CA THR A 836 -28.07 -54.09 15.02
C THR A 836 -27.67 -55.16 14.00
N TYR A 837 -26.35 -55.30 13.79
CA TYR A 837 -25.81 -56.05 12.65
C TYR A 837 -26.12 -57.54 12.70
N ASP A 838 -26.46 -58.08 13.88
CA ASP A 838 -26.88 -59.48 13.96
C ASP A 838 -28.16 -59.73 13.16
N GLU A 839 -29.13 -58.82 13.28
CA GLU A 839 -30.35 -58.90 12.49
C GLU A 839 -30.06 -58.78 11.00
N ILE A 840 -29.13 -57.89 10.63
CA ILE A 840 -28.77 -57.66 9.23
C ILE A 840 -28.17 -58.91 8.61
N THR A 841 -27.23 -59.54 9.33
CA THR A 841 -26.68 -60.82 8.90
C THR A 841 -27.76 -61.89 8.78
N LYS A 842 -28.71 -61.91 9.71
CA LYS A 842 -29.73 -62.95 9.74
C LYS A 842 -30.89 -62.68 8.79
N ASP A 843 -31.41 -61.46 8.74
CA ASP A 843 -32.70 -61.22 8.10
C ASP A 843 -32.73 -60.17 6.99
N ALA A 844 -31.73 -59.29 6.88
CA ALA A 844 -31.89 -58.17 5.95
C ALA A 844 -31.67 -58.54 4.50
N ASP A 845 -30.77 -59.50 4.22
CA ASP A 845 -30.41 -59.94 2.86
C ASP A 845 -30.10 -58.75 1.94
N SER A 846 -29.20 -57.90 2.41
CA SER A 846 -29.01 -56.56 1.88
C SER A 846 -27.52 -56.34 1.66
N PRO A 847 -27.13 -55.34 0.84
CA PRO A 847 -25.69 -55.08 0.62
C PRO A 847 -24.92 -54.64 1.86
N LEU A 848 -25.59 -54.35 2.98
CA LEU A 848 -24.88 -54.23 4.25
C LEU A 848 -24.24 -55.54 4.64
N TRP A 849 -24.89 -56.66 4.30
CA TRP A 849 -24.33 -58.00 4.41
C TRP A 849 -23.83 -58.54 3.07
N LYS A 850 -24.58 -58.29 1.98
CA LYS A 850 -24.20 -58.73 0.64
C LYS A 850 -23.13 -57.81 0.03
N LEU A 851 -21.97 -57.79 0.68
CA LEU A 851 -20.85 -56.96 0.23
C LEU A 851 -20.28 -57.43 -1.11
N ALA A 901 -19.53 -42.64 32.67
CA ALA A 901 -20.00 -42.00 33.88
C ALA A 901 -19.03 -40.90 34.31
N ILE A 902 -17.87 -40.85 33.67
CA ILE A 902 -16.88 -39.82 33.93
C ILE A 902 -16.12 -39.58 32.63
N SER A 903 -15.59 -38.37 32.48
CA SER A 903 -14.74 -38.03 31.33
C SER A 903 -13.90 -36.83 31.70
N LEU A 904 -12.87 -36.57 30.89
CA LEU A 904 -12.05 -35.38 31.06
C LEU A 904 -12.89 -34.13 30.81
N ARG A 905 -12.79 -33.19 31.74
CA ARG A 905 -13.53 -31.94 31.66
C ARG A 905 -13.02 -31.12 30.48
N ARG A 906 -13.94 -30.36 29.87
CA ARG A 906 -13.67 -29.51 28.70
C ARG A 906 -12.47 -28.59 28.91
N ALA A 907 -11.62 -28.52 27.90
CA ALA A 907 -10.47 -27.63 27.90
C ALA A 907 -10.90 -26.17 28.00
N SEP A 908 -10.16 -25.40 28.79
CA SEP A 908 -10.45 -23.98 28.97
CB SEP A 908 -9.80 -23.46 30.25
OG SEP A 908 -10.44 -23.97 31.41
C SEP A 908 -9.98 -23.15 27.78
O SEP A 908 -9.04 -23.52 27.08
P SEP A 908 -9.76 -23.30 32.70
O1P SEP A 908 -10.69 -23.55 33.99
O2P SEP A 908 -9.60 -21.72 32.45
O3P SEP A 908 -8.31 -23.96 32.94
N ASP A 909 -10.67 -22.04 27.55
CA ASP A 909 -10.31 -21.12 26.48
C ASP A 909 -9.23 -20.14 26.93
N ALA A 910 -8.25 -19.89 26.07
CA ALA A 910 -7.22 -18.91 26.36
C ALA A 910 -7.82 -17.52 26.27
N TPO A 911 -7.20 -16.55 26.94
CA TPO A 911 -7.77 -15.21 27.03
CB TPO A 911 -7.39 -14.56 28.35
CG2 TPO A 911 -5.87 -14.56 28.49
OG1 TPO A 911 -7.86 -13.22 28.44
P TPO A 911 -9.39 -13.12 28.97
O1P TPO A 911 -9.75 -11.70 29.10
O2P TPO A 911 -9.50 -13.84 30.41
O3P TPO A 911 -10.48 -13.77 27.96
C TPO A 911 -7.32 -14.35 25.85
O TPO A 911 -6.34 -14.66 25.17
N LEU A 912 -8.07 -13.28 25.61
CA LEU A 912 -7.82 -12.40 24.48
C LEU A 912 -6.82 -11.30 24.84
N GLY A 913 -6.37 -10.55 23.84
CA GLY A 913 -5.44 -9.47 24.06
C GLY A 913 -5.12 -8.67 22.81
N SEP A 914 -3.83 -8.47 22.54
CA SEP A 914 -3.42 -7.71 21.36
CB SEP A 914 -2.79 -6.37 21.75
OG SEP A 914 -3.61 -5.65 22.65
C SEP A 914 -2.45 -8.50 20.51
O SEP A 914 -1.74 -9.38 20.99
P SEP A 914 -2.83 -5.50 24.05
O1P SEP A 914 -2.78 -6.91 24.82
O2P SEP A 914 -3.60 -4.41 24.96
O3P SEP A 914 -1.33 -4.99 23.78
N ILE A 915 -2.42 -8.17 19.22
CA ILE A 915 -1.60 -8.86 18.26
C ILE A 915 -0.25 -8.18 18.14
N ASP A 916 0.81 -8.94 18.42
CA ASP A 916 2.14 -8.40 18.49
C ASP A 916 2.66 -8.00 17.11
N PHE A 917 3.53 -7.00 17.11
CA PHE A 917 4.16 -6.51 15.90
C PHE A 917 5.45 -7.29 15.62
N GLY A 918 5.98 -7.12 14.41
CA GLY A 918 7.30 -7.64 14.10
C GLY A 918 8.41 -6.66 14.45
N ASP A 919 9.65 -7.15 14.34
CA ASP A 919 10.83 -6.37 14.69
C ASP A 919 11.62 -6.05 13.41
N ASP A 920 11.81 -4.76 13.15
CA ASP A 920 12.59 -4.25 12.02
C ASP A 920 14.10 -4.29 12.27
N GLU A 921 14.54 -4.81 13.41
CA GLU A 921 15.96 -4.98 13.72
C GLU A 921 16.71 -5.79 12.65
N ASN A 922 16.02 -6.74 12.00
CA ASN A 922 16.62 -7.60 10.98
C ASN A 922 17.12 -6.84 9.75
N ILE A 923 16.56 -5.66 9.49
CA ILE A 923 17.01 -4.84 8.38
C ILE A 923 17.71 -3.58 8.88
N ALA A 924 17.30 -3.04 10.03
CA ALA A 924 17.97 -1.89 10.61
C ALA A 924 19.39 -2.20 11.06
N LYS A 925 19.73 -3.46 11.35
CA LYS A 925 21.12 -3.80 11.65
C LYS A 925 22.02 -3.59 10.44
N ARG A 926 21.50 -3.75 9.22
CA ARG A 926 22.23 -3.37 8.02
C ARG A 926 22.15 -1.87 7.76
N GLU A 927 20.99 -1.27 8.02
CA GLU A 927 20.80 0.16 7.79
C GLU A 927 21.56 1.04 8.78
N HIS A 928 21.94 0.52 9.95
CA HIS A 928 22.49 1.33 11.04
C HIS A 928 23.84 1.96 10.73
N ARG A 929 24.54 1.50 9.70
CA ARG A 929 25.84 2.07 9.37
C ARG A 929 25.77 3.49 8.83
N GLU A 930 24.59 3.95 8.39
CA GLU A 930 24.47 5.29 7.82
C GLU A 930 23.03 5.75 7.85
N GLN A 931 22.84 7.05 7.65
CA GLN A 931 21.56 7.62 7.27
C GLN A 931 21.81 8.59 6.14
N GLY A 932 20.80 8.76 5.28
CA GLY A 932 21.04 9.38 3.99
C GLY A 932 21.71 8.30 3.17
N LYS A 933 21.06 7.13 3.18
CA LYS A 933 21.62 5.87 2.71
C LYS A 933 21.75 5.75 1.21
N VAL A 934 21.14 6.63 0.42
CA VAL A 934 21.36 6.64 -1.02
C VAL A 934 22.55 7.54 -1.31
N LYS A 935 23.60 6.96 -1.89
CA LYS A 935 24.85 7.64 -2.15
C LYS A 935 24.74 8.48 -3.40
N TRP A 936 25.68 9.41 -3.55
CA TRP A 936 25.74 10.21 -4.77
C TRP A 936 26.19 9.43 -6.00
N ASN A 937 26.67 8.18 -5.83
CA ASN A 937 27.08 7.36 -6.97
C ASN A 937 25.89 7.00 -7.87
N ILE A 938 24.74 6.68 -7.28
CA ILE A 938 23.59 6.20 -8.06
C ILE A 938 23.04 7.30 -8.97
N TYR A 939 23.13 8.56 -8.56
CA TYR A 939 22.72 9.65 -9.43
C TYR A 939 23.61 9.76 -10.67
N LEU A 940 24.90 9.47 -10.51
CA LEU A 940 25.80 9.50 -11.66
C LEU A 940 25.63 8.26 -12.53
N GLU A 941 25.30 7.12 -11.94
CA GLU A 941 25.05 5.92 -12.74
C GLU A 941 23.82 6.09 -13.62
N TYR A 942 22.76 6.68 -13.07
CA TYR A 942 21.58 6.97 -13.89
C TYR A 942 21.86 8.05 -14.94
N ALA A 943 22.64 9.08 -14.59
CA ALA A 943 22.99 10.09 -15.59
C ALA A 943 24.08 9.67 -16.54
N LYS A 944 24.56 8.43 -16.47
CA LYS A 944 25.35 7.87 -17.55
C LYS A 944 24.61 6.79 -18.32
N ALA A 945 23.56 6.21 -17.74
CA ALA A 945 22.64 5.42 -18.54
C ALA A 945 21.94 6.30 -19.56
N CYS A 946 21.51 7.49 -19.13
CA CYS A 946 21.10 8.51 -20.10
C CYS A 946 22.36 9.08 -20.74
N ASN A 947 22.25 9.49 -21.99
CA ASN A 947 23.40 10.07 -22.66
C ASN A 947 23.66 11.43 -22.05
N PRO A 948 24.85 11.72 -21.51
CA PRO A 948 25.03 12.95 -20.72
C PRO A 948 24.93 14.25 -21.51
N LYS A 949 25.06 14.25 -22.84
CA LYS A 949 24.81 15.47 -23.61
C LYS A 949 23.34 15.86 -23.59
N SER A 950 22.45 14.87 -23.69
CA SER A 950 21.02 15.13 -23.71
C SER A 950 20.53 15.76 -22.41
N VAL A 951 21.16 15.46 -21.28
CA VAL A 951 20.77 16.10 -20.02
C VAL A 951 21.10 17.58 -20.04
N CYS A 952 22.24 17.96 -20.64
CA CYS A 952 22.60 19.38 -20.72
C CYS A 952 21.66 20.12 -21.66
N VAL A 953 21.26 19.47 -22.76
CA VAL A 953 20.35 20.13 -23.69
C VAL A 953 18.95 20.22 -23.08
N PHE A 954 18.57 19.25 -22.25
CA PHE A 954 17.32 19.33 -21.49
C PHE A 954 17.34 20.48 -20.49
N ILE A 955 18.48 20.73 -19.86
CA ILE A 955 18.55 21.79 -18.83
C ILE A 955 18.51 23.18 -19.45
N LEU A 956 19.19 23.37 -20.60
CA LEU A 956 19.35 24.70 -21.20
C LEU A 956 18.02 25.36 -21.56
N PHE A 957 17.05 24.59 -22.06
CA PHE A 957 15.83 25.19 -22.54
C PHE A 957 14.87 25.62 -21.43
N ILE A 958 15.01 25.10 -20.20
CA ILE A 958 14.26 25.64 -19.07
C ILE A 958 14.66 27.08 -18.79
N VAL A 959 15.96 27.36 -18.89
CA VAL A 959 16.48 28.70 -18.61
C VAL A 959 16.07 29.66 -19.71
N ILE A 960 16.13 29.21 -20.97
CA ILE A 960 15.66 30.06 -22.07
C ILE A 960 14.17 30.39 -21.95
N SER A 961 13.36 29.41 -21.55
CA SER A 961 11.92 29.61 -21.41
C SER A 961 11.60 30.61 -20.31
N MET A 962 12.32 30.57 -19.19
CA MET A 962 11.99 31.53 -18.12
C MET A 962 12.49 32.94 -18.43
N PHE A 963 13.67 33.04 -19.08
CA PHE A 963 14.24 34.33 -19.44
C PHE A 963 13.31 35.12 -20.36
N LEU A 964 12.73 34.45 -21.36
CA LEU A 964 11.85 35.18 -22.28
C LEU A 964 10.56 35.66 -21.61
N SER A 965 10.03 34.87 -20.68
CA SER A 965 8.84 35.28 -19.94
C SER A 965 9.09 36.50 -19.08
N VAL A 966 10.25 36.60 -18.44
CA VAL A 966 10.58 37.81 -17.66
C VAL A 966 10.72 39.04 -18.58
N MET A 967 11.36 38.87 -19.75
CA MET A 967 11.52 40.02 -20.64
C MET A 967 10.19 40.52 -21.21
N GLY A 968 9.17 39.66 -21.28
CA GLY A 968 7.86 40.11 -21.73
C GLY A 968 7.22 41.12 -20.79
N ASN A 969 7.42 40.96 -19.48
CA ASN A 969 6.83 41.90 -18.54
C ASN A 969 7.65 43.17 -18.39
N VAL A 970 8.96 43.09 -18.62
CA VAL A 970 9.73 44.34 -18.67
C VAL A 970 9.30 45.20 -19.87
N TRP A 971 8.95 44.56 -21.00
CA TRP A 971 8.42 45.35 -22.11
C TRP A 971 7.04 45.92 -21.82
N LEU A 972 6.22 45.18 -21.07
CA LEU A 972 4.90 45.71 -20.71
C LEU A 972 5.00 46.92 -19.80
N LYS A 973 5.99 46.94 -18.90
CA LYS A 973 6.24 48.11 -18.05
C LYS A 973 6.62 49.33 -18.88
N HIS A 974 7.48 49.13 -19.89
CA HIS A 974 7.88 50.25 -20.75
C HIS A 974 6.71 50.82 -21.54
N TRP A 975 5.84 49.94 -22.08
CA TRP A 975 4.66 50.39 -22.79
C TRP A 975 3.75 51.25 -21.91
N SER A 976 3.51 50.81 -20.66
CA SER A 976 2.64 51.59 -19.76
C SER A 976 3.23 52.95 -19.41
N GLU A 977 4.56 53.03 -19.24
CA GLU A 977 5.18 54.32 -18.96
C GLU A 977 5.06 55.27 -20.13
N VAL A 978 5.11 54.77 -21.36
CA VAL A 978 4.92 55.66 -22.51
C VAL A 978 3.48 56.16 -22.60
N ASN A 979 2.50 55.27 -22.37
CA ASN A 979 1.09 55.71 -22.44
C ASN A 979 0.72 56.77 -21.40
N SER A 980 1.34 56.73 -20.21
CA SER A 980 0.96 57.69 -19.18
C SER A 980 1.37 59.13 -19.49
N ARG A 981 2.48 59.35 -20.22
CA ARG A 981 2.92 60.72 -20.47
C ARG A 981 2.02 61.42 -21.47
N TYR A 982 1.50 60.68 -22.46
CA TYR A 982 0.71 61.31 -23.49
C TYR A 982 -0.77 61.41 -23.12
N GLY A 983 -1.28 60.47 -22.33
CA GLY A 983 -2.73 60.50 -22.15
C GLY A 983 -3.51 59.89 -23.28
N SER A 984 -2.86 59.12 -24.15
CA SER A 984 -3.49 58.47 -25.28
C SER A 984 -2.59 57.33 -25.69
N ASN A 985 -3.02 56.56 -26.69
CA ASN A 985 -2.30 55.35 -27.09
C ASN A 985 -1.71 55.46 -28.48
N PRO A 986 -0.51 56.02 -28.65
CA PRO A 986 0.10 56.07 -29.97
C PRO A 986 0.73 54.73 -30.34
N ASN A 987 0.80 54.47 -31.66
CA ASN A 987 1.57 53.37 -32.26
C ASN A 987 1.23 52.00 -31.66
N ALA A 988 -0.06 51.74 -31.48
CA ALA A 988 -0.48 50.55 -30.75
C ALA A 988 -0.17 49.28 -31.52
N ALA A 989 -0.29 49.30 -32.85
CA ALA A 989 0.00 48.10 -33.62
C ALA A 989 1.49 47.77 -33.62
N ARG A 990 2.35 48.77 -33.44
CA ARG A 990 3.76 48.50 -33.29
C ARG A 990 4.06 47.93 -31.91
N TYR A 991 3.51 48.55 -30.86
CA TYR A 991 3.84 48.08 -29.51
C TYR A 991 3.27 46.70 -29.20
N LEU A 992 2.19 46.30 -29.86
CA LEU A 992 1.52 45.06 -29.46
C LEU A 992 2.17 43.79 -30.04
N ALA A 993 2.74 43.89 -31.25
CA ALA A 993 3.31 42.74 -31.94
C ALA A 993 4.53 42.18 -31.22
N ILE A 994 5.36 43.04 -30.62
CA ILE A 994 6.55 42.56 -29.95
C ILE A 994 6.19 41.82 -28.67
N TYR A 995 5.13 42.24 -27.98
CA TYR A 995 4.65 41.53 -26.82
C TYR A 995 4.08 40.17 -27.19
N PHE A 996 3.42 40.10 -28.36
CA PHE A 996 2.94 38.79 -28.84
C PHE A 996 4.10 37.86 -29.18
N ALA A 997 5.17 38.39 -29.78
CA ALA A 997 6.31 37.56 -30.16
C ALA A 997 7.02 37.00 -28.93
N LEU A 998 7.25 37.83 -27.91
CA LEU A 998 7.91 37.37 -26.69
C LEU A 998 7.03 36.40 -25.91
N GLY A 999 5.71 36.49 -26.03
CA GLY A 999 4.88 35.51 -25.37
C GLY A 999 4.78 34.15 -26.07
N ILE A 1000 4.87 34.12 -27.40
CA ILE A 1000 4.82 32.83 -28.10
C ILE A 1000 6.18 32.09 -28.08
N GLY A 1001 7.29 32.83 -28.11
CA GLY A 1001 8.60 32.21 -28.01
C GLY A 1001 8.90 31.55 -26.68
N SER A 1002 8.10 31.79 -25.65
CA SER A 1002 8.23 31.09 -24.40
C SER A 1002 7.44 29.79 -24.33
N ALA A 1003 6.41 29.63 -25.17
CA ALA A 1003 5.67 28.37 -25.22
C ALA A 1003 6.40 27.34 -26.08
N LEU A 1004 7.03 27.80 -27.16
CA LEU A 1004 7.75 26.82 -28.01
C LEU A 1004 8.93 26.18 -27.27
N ALA A 1005 9.62 26.96 -26.44
CA ALA A 1005 10.72 26.40 -25.64
C ALA A 1005 10.23 25.39 -24.60
N THR A 1006 8.99 25.53 -24.13
CA THR A 1006 8.41 24.52 -23.23
C THR A 1006 7.99 23.25 -23.99
N LEU A 1007 7.68 23.38 -25.27
CA LEU A 1007 7.41 22.19 -26.08
C LEU A 1007 8.68 21.37 -26.32
N ILE A 1008 9.76 22.06 -26.69
CA ILE A 1008 10.99 21.37 -27.12
C ILE A 1008 11.61 20.55 -25.98
N GLN A 1009 11.62 21.08 -24.76
CA GLN A 1009 12.23 20.36 -23.65
C GLN A 1009 11.49 19.06 -23.35
N THR A 1010 10.18 18.99 -23.59
CA THR A 1010 9.46 17.78 -23.24
C THR A 1010 9.63 16.73 -24.31
N ILE A 1011 9.77 17.18 -25.57
CA ILE A 1011 10.12 16.23 -26.62
C ILE A 1011 11.50 15.62 -26.37
N VAL A 1012 12.46 16.44 -25.93
CA VAL A 1012 13.80 15.91 -25.65
C VAL A 1012 13.78 14.95 -24.46
N LEU A 1013 13.06 15.30 -23.39
CA LEU A 1013 12.99 14.44 -22.20
C LEU A 1013 12.39 13.09 -22.50
N TRP A 1014 11.25 13.06 -23.19
CA TRP A 1014 10.59 11.77 -23.38
C TRP A 1014 11.29 10.94 -24.45
N VAL A 1015 11.63 11.51 -25.61
CA VAL A 1015 12.11 10.66 -26.68
C VAL A 1015 13.60 10.29 -26.53
N PHE A 1016 14.44 11.13 -25.93
CA PHE A 1016 15.87 10.90 -26.05
C PHE A 1016 16.55 10.51 -24.74
N CYS A 1017 16.08 11.00 -23.60
CA CYS A 1017 16.70 10.66 -22.33
C CYS A 1017 16.18 9.35 -21.72
N THR A 1018 14.87 9.20 -21.58
CA THR A 1018 14.30 8.12 -20.78
C THR A 1018 14.37 6.76 -21.48
N ILE A 1019 13.94 6.72 -22.73
CA ILE A 1019 13.88 5.47 -23.49
C ILE A 1019 15.27 4.84 -23.66
N HIS A 1020 16.33 5.65 -23.73
CA HIS A 1020 17.66 5.08 -23.82
C HIS A 1020 18.08 4.38 -22.53
N ALA A 1021 17.65 4.89 -21.37
CA ALA A 1021 17.94 4.21 -20.11
C ALA A 1021 17.15 2.92 -19.99
N SER A 1022 15.85 2.97 -20.33
CA SER A 1022 15.02 1.77 -20.28
C SER A 1022 15.47 0.71 -21.29
N LYS A 1023 16.12 1.13 -22.36
CA LYS A 1023 16.70 0.21 -23.32
C LYS A 1023 17.96 -0.44 -22.75
N TYR A 1024 18.78 0.34 -22.06
CA TYR A 1024 20.10 -0.12 -21.62
C TYR A 1024 20.04 -1.03 -20.41
N LEU A 1025 19.25 -0.65 -19.40
CA LEU A 1025 19.28 -1.35 -18.11
C LEU A 1025 18.77 -2.79 -18.20
N HIS A 1026 17.63 -3.01 -18.86
CA HIS A 1026 17.03 -4.33 -18.91
C HIS A 1026 17.90 -5.30 -19.70
N ASN A 1027 18.44 -4.85 -20.84
CA ASN A 1027 19.37 -5.66 -21.63
C ASN A 1027 20.61 -6.01 -20.83
N LEU A 1028 21.11 -5.10 -20.00
CA LEU A 1028 22.28 -5.42 -19.19
C LEU A 1028 21.95 -6.46 -18.13
N MET A 1029 20.81 -6.31 -17.46
CA MET A 1029 20.42 -7.19 -16.36
C MET A 1029 20.14 -8.63 -16.81
N THR A 1030 19.45 -8.81 -17.95
CA THR A 1030 19.06 -10.16 -18.38
C THR A 1030 20.26 -11.01 -18.79
N ASN A 1031 21.26 -10.41 -19.45
CA ASN A 1031 22.46 -11.14 -19.85
C ASN A 1031 23.20 -11.68 -18.64
N SER A 1032 23.25 -10.91 -17.55
CA SER A 1032 23.96 -11.36 -16.36
C SER A 1032 23.18 -12.44 -15.63
N VAL A 1033 21.86 -12.29 -15.50
CA VAL A 1033 21.06 -13.31 -14.80
C VAL A 1033 21.12 -14.66 -15.51
N LEU A 1034 21.03 -14.67 -16.85
CA LEU A 1034 21.04 -15.96 -17.57
C LEU A 1034 22.38 -16.67 -17.59
N ARG A 1035 23.46 -16.13 -17.01
CA ARG A 1035 24.74 -16.83 -16.94
C ARG A 1035 25.21 -17.07 -15.52
N ALA A 1036 24.37 -16.86 -14.52
CA ALA A 1036 24.71 -17.21 -13.15
C ALA A 1036 24.81 -18.73 -12.97
N PRO A 1037 25.71 -19.19 -12.10
CA PRO A 1037 25.76 -20.62 -11.78
C PRO A 1037 24.61 -21.02 -10.85
N MET A 1038 24.41 -22.34 -10.76
CA MET A 1038 23.21 -22.93 -10.15
C MET A 1038 22.99 -22.58 -8.69
N THR A 1039 24.05 -22.18 -7.98
CA THR A 1039 23.93 -21.86 -6.56
C THR A 1039 23.02 -20.67 -6.33
N PHE A 1040 23.11 -19.66 -7.21
CA PHE A 1040 22.23 -18.50 -7.14
C PHE A 1040 20.76 -18.88 -7.26
N PHE A 1041 20.44 -19.83 -8.13
CA PHE A 1041 19.04 -20.17 -8.30
C PHE A 1041 18.56 -21.09 -7.19
N GLU A 1042 19.45 -21.90 -6.62
CA GLU A 1042 19.02 -22.80 -5.56
C GLU A 1042 18.79 -22.07 -4.25
N THR A 1043 19.63 -21.08 -3.92
CA THR A 1043 19.51 -20.44 -2.62
C THR A 1043 18.48 -19.31 -2.57
N THR A 1044 18.07 -18.76 -3.71
CA THR A 1044 17.19 -17.60 -3.74
C THR A 1044 15.78 -18.02 -4.15
N PRO A 1045 14.75 -17.71 -3.36
CA PRO A 1045 13.38 -18.04 -3.77
C PRO A 1045 12.91 -17.21 -4.95
N ILE A 1046 12.27 -17.89 -5.90
CA ILE A 1046 11.93 -17.34 -7.22
C ILE A 1046 10.95 -16.17 -7.11
N GLY A 1047 10.11 -16.18 -6.06
CA GLY A 1047 9.20 -15.08 -5.79
C GLY A 1047 9.88 -13.74 -5.53
N ARG A 1048 11.16 -13.74 -5.19
CA ARG A 1048 11.92 -12.51 -5.04
C ARG A 1048 12.74 -12.16 -6.27
N ILE A 1049 13.06 -13.14 -7.13
CA ILE A 1049 13.72 -12.82 -8.39
C ILE A 1049 12.73 -12.15 -9.33
N LEU A 1050 11.49 -12.63 -9.36
CA LEU A 1050 10.53 -12.09 -10.34
C LEU A 1050 10.07 -10.67 -10.01
N ASN A 1051 10.18 -10.26 -8.75
CA ASN A 1051 9.77 -8.93 -8.33
C ASN A 1051 10.56 -7.83 -9.03
N ARG A 1052 11.86 -8.02 -9.21
CA ARG A 1052 12.69 -7.01 -9.87
C ARG A 1052 12.34 -6.87 -11.34
N PHE A 1053 12.10 -7.98 -12.03
CA PHE A 1053 11.66 -7.92 -13.42
C PHE A 1053 10.26 -7.34 -13.57
N SER A 1054 9.44 -7.34 -12.52
CA SER A 1054 8.09 -6.84 -12.72
C SER A 1054 7.86 -5.41 -12.23
N ASN A 1055 8.26 -5.07 -11.00
CA ASN A 1055 7.95 -3.75 -10.44
C ASN A 1055 9.04 -2.71 -10.64
N ASP A 1056 10.29 -3.12 -10.45
CA ASP A 1056 11.39 -2.17 -10.45
C ASP A 1056 11.65 -1.64 -11.84
N ILE A 1057 11.49 -2.46 -12.88
CA ILE A 1057 11.62 -1.96 -14.24
C ILE A 1057 10.49 -0.98 -14.54
N TYR A 1058 9.32 -1.18 -13.93
CA TYR A 1058 8.16 -0.33 -14.20
C TYR A 1058 8.33 1.09 -13.65
N LYS A 1059 8.91 1.20 -12.45
CA LYS A 1059 9.13 2.55 -11.90
C LYS A 1059 10.16 3.34 -12.71
N VAL A 1060 11.20 2.67 -13.20
CA VAL A 1060 12.19 3.29 -14.06
C VAL A 1060 11.58 3.66 -15.41
N ASP A 1061 10.64 2.85 -15.90
CA ASP A 1061 10.05 3.13 -17.20
C ASP A 1061 9.12 4.34 -17.14
N ALA A 1062 8.29 4.45 -16.10
CA ALA A 1062 7.18 5.38 -16.19
C ALA A 1062 7.13 6.49 -15.14
N LEU A 1063 7.80 6.39 -13.99
CA LEU A 1063 7.54 7.35 -12.93
C LEU A 1063 8.74 8.19 -12.52
N LEU A 1064 9.96 7.68 -12.67
CA LEU A 1064 11.14 8.40 -12.18
C LEU A 1064 11.42 9.67 -12.97
N GLY A 1065 11.27 9.62 -14.29
CA GLY A 1065 11.61 10.76 -15.13
C GLY A 1065 10.80 12.02 -14.88
N ARG A 1066 9.55 11.87 -14.46
CA ARG A 1066 8.67 13.02 -14.27
C ARG A 1066 9.03 13.87 -13.05
N THR A 1067 9.52 13.26 -11.98
CA THR A 1067 9.78 14.01 -10.76
C THR A 1067 11.03 14.88 -10.87
N PHE A 1068 12.00 14.51 -11.72
CA PHE A 1068 13.13 15.40 -11.97
C PHE A 1068 12.70 16.64 -12.75
N SER A 1069 11.73 16.48 -13.66
CA SER A 1069 11.15 17.61 -14.36
C SER A 1069 10.48 18.57 -13.38
N GLN A 1070 9.58 18.06 -12.55
CA GLN A 1070 8.89 18.93 -11.60
C GLN A 1070 9.79 19.48 -10.51
N PHE A 1071 10.95 18.87 -10.25
CA PHE A 1071 11.90 19.50 -9.33
C PHE A 1071 12.58 20.71 -9.98
N PHE A 1072 13.16 20.51 -11.18
CA PHE A 1072 13.98 21.58 -11.76
C PHE A 1072 13.15 22.77 -12.24
N VAL A 1073 11.92 22.52 -12.71
CA VAL A 1073 11.11 23.61 -13.25
C VAL A 1073 10.70 24.58 -12.15
N ASN A 1074 10.35 24.07 -10.98
CA ASN A 1074 10.06 24.94 -9.85
C ASN A 1074 11.31 25.52 -9.22
N ALA A 1075 12.45 24.82 -9.26
CA ALA A 1075 13.63 25.37 -8.60
C ALA A 1075 14.24 26.56 -9.34
N VAL A 1076 14.08 26.66 -10.66
CA VAL A 1076 14.62 27.86 -11.32
C VAL A 1076 13.71 29.09 -11.16
N LYS A 1077 12.42 28.88 -10.89
CA LYS A 1077 11.46 29.96 -10.82
C LYS A 1077 11.71 30.90 -9.65
N VAL A 1078 12.07 30.35 -8.48
CA VAL A 1078 12.30 31.24 -7.34
C VAL A 1078 13.65 31.92 -7.43
N THR A 1079 14.61 31.37 -8.18
CA THR A 1079 15.86 32.09 -8.39
C THR A 1079 15.64 33.32 -9.26
N PHE A 1080 14.84 33.19 -10.32
CA PHE A 1080 14.54 34.37 -11.11
C PHE A 1080 13.67 35.38 -10.36
N THR A 1081 12.74 34.91 -9.52
CA THR A 1081 11.93 35.81 -8.70
C THR A 1081 12.79 36.63 -7.73
N ILE A 1082 13.74 35.98 -7.06
CA ILE A 1082 14.58 36.69 -6.11
C ILE A 1082 15.53 37.65 -6.82
N THR A 1083 15.95 37.32 -8.06
CA THR A 1083 16.77 38.27 -8.82
C THR A 1083 15.97 39.51 -9.20
N VAL A 1084 14.71 39.35 -9.60
CA VAL A 1084 13.87 40.49 -9.96
C VAL A 1084 13.61 41.39 -8.77
N ILE A 1085 13.40 40.82 -7.58
CA ILE A 1085 13.18 41.65 -6.39
C ILE A 1085 14.47 42.37 -5.97
N CYS A 1086 15.60 41.66 -5.89
CA CYS A 1086 16.84 42.30 -5.46
C CYS A 1086 17.39 43.32 -6.45
N ALA A 1087 17.02 43.24 -7.73
CA ALA A 1087 17.51 44.25 -8.67
C ALA A 1087 16.92 45.63 -8.45
N THR A 1088 15.80 45.75 -7.73
CA THR A 1088 15.17 47.03 -7.47
C THR A 1088 15.65 47.69 -6.18
N THR A 1089 15.76 46.93 -5.09
CA THR A 1089 16.18 47.43 -3.78
C THR A 1089 17.23 46.47 -3.24
N TRP A 1090 18.51 46.82 -3.36
CA TRP A 1090 19.59 45.89 -3.08
C TRP A 1090 19.73 45.54 -1.61
N GLN A 1091 19.08 46.26 -0.70
CA GLN A 1091 19.12 45.91 0.72
C GLN A 1091 18.38 44.63 1.08
N PHE A 1092 17.65 44.00 0.16
CA PHE A 1092 16.98 42.72 0.41
C PHE A 1092 17.97 41.56 0.62
N ILE A 1093 19.26 41.80 0.33
CA ILE A 1093 20.32 40.83 0.59
C ILE A 1093 20.33 40.44 2.07
N PHE A 1094 20.26 41.43 2.97
CA PHE A 1094 20.39 41.15 4.39
C PHE A 1094 19.16 40.46 4.97
N ILE A 1095 18.07 40.37 4.22
CA ILE A 1095 16.88 39.67 4.67
C ILE A 1095 16.88 38.23 4.19
N ILE A 1096 17.28 37.98 2.93
CA ILE A 1096 17.11 36.61 2.41
C ILE A 1096 18.16 35.63 2.97
N ILE A 1097 19.33 36.11 3.39
CA ILE A 1097 20.39 35.26 3.93
C ILE A 1097 20.00 34.59 5.24
N PRO A 1098 19.43 35.26 6.27
CA PRO A 1098 18.98 34.49 7.44
C PRO A 1098 17.75 33.62 7.20
N LEU A 1099 16.95 33.86 6.16
CA LEU A 1099 15.84 32.95 5.90
C LEU A 1099 16.28 31.66 5.22
N SER A 1100 17.42 31.66 4.54
CA SER A 1100 17.90 30.42 3.93
C SER A 1100 18.28 29.36 4.97
N VAL A 1101 18.77 29.78 6.13
CA VAL A 1101 19.18 28.83 7.17
C VAL A 1101 17.99 28.11 7.77
N PHE A 1102 16.87 28.82 7.95
CA PHE A 1102 15.65 28.17 8.43
C PHE A 1102 15.07 27.25 7.38
N TYR A 1103 15.19 27.61 6.09
CA TYR A 1103 14.62 26.75 5.05
C TYR A 1103 15.36 25.40 4.99
N ILE A 1104 16.68 25.43 5.12
CA ILE A 1104 17.46 24.18 5.18
C ILE A 1104 17.15 23.39 6.45
N TYR A 1105 17.06 24.08 7.59
CA TYR A 1105 16.77 23.43 8.87
C TYR A 1105 15.44 22.66 8.85
N TYR A 1106 14.40 23.24 8.27
CA TYR A 1106 13.12 22.52 8.20
C TYR A 1106 13.15 21.38 7.18
N GLN A 1107 13.83 21.57 6.04
CA GLN A 1107 13.82 20.51 5.03
C GLN A 1107 14.56 19.27 5.52
N GLN A 1108 15.62 19.45 6.30
CA GLN A 1108 16.38 18.30 6.79
C GLN A 1108 15.60 17.49 7.81
N TYR A 1109 14.77 18.13 8.62
CA TYR A 1109 13.97 17.41 9.60
C TYR A 1109 12.82 16.66 8.95
N TYR A 1110 12.23 17.24 7.90
CA TYR A 1110 11.12 16.55 7.24
C TYR A 1110 11.59 15.33 6.46
N LEU A 1111 12.74 15.44 5.78
CA LEU A 1111 13.23 14.37 4.90
C LEU A 1111 13.43 13.04 5.63
N ARG A 1112 14.16 13.04 6.73
CA ARG A 1112 14.52 11.80 7.41
C ARG A 1112 13.31 11.10 8.02
N THR A 1113 12.39 11.86 8.62
CA THR A 1113 11.27 11.25 9.33
C THR A 1113 10.19 10.74 8.38
N SER A 1114 9.90 11.49 7.30
CA SER A 1114 8.74 11.13 6.50
C SER A 1114 8.90 9.81 5.77
N ARG A 1115 10.11 9.49 5.28
CA ARG A 1115 10.26 8.23 4.55
C ARG A 1115 10.14 7.02 5.45
N GLU A 1116 10.51 7.13 6.72
CA GLU A 1116 10.35 6.02 7.63
C GLU A 1116 8.90 5.83 8.04
N LEU A 1117 8.15 6.94 8.15
CA LEU A 1117 6.73 6.78 8.43
C LEU A 1117 6.00 6.17 7.23
N ARG A 1118 6.41 6.52 6.00
CA ARG A 1118 5.78 5.93 4.82
C ARG A 1118 6.06 4.43 4.70
N ARG A 1119 7.30 4.02 4.97
CA ARG A 1119 7.65 2.59 4.92
C ARG A 1119 6.89 1.80 5.99
N LEU A 1120 6.88 2.30 7.22
CA LEU A 1120 6.19 1.63 8.31
C LEU A 1120 4.68 1.57 8.07
N ASP A 1121 4.13 2.53 7.33
CA ASP A 1121 2.76 2.41 6.83
C ASP A 1121 2.64 1.23 5.87
N SER A 1122 3.51 1.21 4.85
CA SER A 1122 3.38 0.29 3.72
C SER A 1122 3.45 -1.17 4.14
N ILE A 1123 4.36 -1.51 5.06
CA ILE A 1123 4.52 -2.92 5.42
C ILE A 1123 3.35 -3.50 6.21
N THR A 1124 2.46 -2.65 6.76
CA THR A 1124 1.37 -3.12 7.59
C THR A 1124 0.08 -3.34 6.81
N ARG A 1125 -0.02 -2.83 5.59
CA ARG A 1125 -1.29 -2.82 4.88
C ARG A 1125 -1.68 -4.18 4.33
N SER A 1126 -0.71 -5.02 3.95
CA SER A 1126 -1.06 -6.31 3.34
C SER A 1126 -1.72 -7.31 4.28
N PRO A 1127 -1.24 -7.57 5.53
CA PRO A 1127 -1.90 -8.61 6.36
C PRO A 1127 -3.37 -8.41 6.74
N ILE A 1128 -4.01 -7.31 6.36
CA ILE A 1128 -5.47 -7.23 6.51
C ILE A 1128 -6.16 -8.20 5.57
N TYR A 1129 -5.65 -8.31 4.33
CA TYR A 1129 -6.34 -9.05 3.27
C TYR A 1129 -6.01 -10.53 3.26
N SER A 1130 -4.79 -10.90 3.65
CA SER A 1130 -4.43 -12.32 3.74
C SER A 1130 -5.27 -13.05 4.78
N HIS A 1131 -5.62 -12.38 5.87
CA HIS A 1131 -6.50 -13.00 6.87
C HIS A 1131 -7.90 -13.22 6.31
N PHE A 1132 -8.39 -12.29 5.49
CA PHE A 1132 -9.74 -12.44 4.93
C PHE A 1132 -9.78 -13.53 3.88
N GLN A 1133 -8.72 -13.64 3.07
CA GLN A 1133 -8.66 -14.73 2.10
C GLN A 1133 -8.50 -16.08 2.79
N GLU A 1134 -7.73 -16.14 3.88
CA GLU A 1134 -7.57 -17.37 4.62
C GLU A 1134 -8.87 -17.80 5.30
N THR A 1135 -9.62 -16.87 5.88
CA THR A 1135 -10.87 -17.25 6.54
C THR A 1135 -12.00 -17.54 5.57
N LEU A 1136 -11.94 -17.05 4.32
CA LEU A 1136 -13.00 -17.36 3.37
C LEU A 1136 -13.06 -18.84 3.02
N GLY A 1137 -11.95 -19.55 3.12
CA GLY A 1137 -11.94 -20.97 2.79
C GLY A 1137 -12.45 -21.91 3.86
N GLY A 1138 -12.67 -21.42 5.08
CA GLY A 1138 -12.89 -22.30 6.20
C GLY A 1138 -14.18 -22.09 6.97
N LEU A 1139 -15.21 -21.53 6.33
CA LEU A 1139 -16.42 -21.15 7.02
C LEU A 1139 -17.18 -22.33 7.62
N ALA A 1140 -17.01 -23.54 7.07
CA ALA A 1140 -17.69 -24.70 7.66
C ALA A 1140 -17.03 -25.11 8.96
N THR A 1141 -15.72 -24.93 9.06
CA THR A 1141 -15.00 -25.31 10.27
C THR A 1141 -15.21 -24.26 11.36
N VAL A 1142 -15.06 -22.99 10.98
CA VAL A 1142 -15.26 -21.89 11.93
C VAL A 1142 -16.67 -21.90 12.51
N ARG A 1143 -17.69 -22.07 11.65
CA ARG A 1143 -19.04 -22.21 12.14
C ARG A 1143 -19.27 -23.54 12.86
N GLY A 1144 -18.41 -24.54 12.64
CA GLY A 1144 -18.60 -25.79 13.35
C GLY A 1144 -18.07 -25.72 14.75
N TYR A 1145 -17.03 -24.92 14.99
CA TYR A 1145 -16.48 -24.80 16.34
C TYR A 1145 -16.94 -23.54 17.08
N SER A 1146 -17.83 -22.72 16.49
CA SER A 1146 -18.35 -21.49 17.12
C SER A 1146 -17.23 -20.49 17.49
N GLN A 1147 -16.23 -20.36 16.62
CA GLN A 1147 -15.10 -19.47 16.83
C GLN A 1147 -15.29 -18.08 16.22
N GLN A 1148 -16.53 -17.64 16.00
CA GLN A 1148 -16.79 -16.37 15.32
C GLN A 1148 -16.26 -15.17 16.10
N LYS A 1149 -16.30 -15.22 17.43
CA LYS A 1149 -15.96 -14.02 18.19
C LYS A 1149 -14.46 -13.78 18.19
N ARG A 1150 -13.69 -14.85 18.35
CA ARG A 1150 -12.23 -14.76 18.24
C ARG A 1150 -11.81 -14.32 16.84
N PHE A 1151 -12.45 -14.90 15.81
CA PHE A 1151 -12.05 -14.54 14.46
C PHE A 1151 -12.46 -13.12 14.06
N SER A 1152 -13.45 -12.51 14.71
CA SER A 1152 -13.69 -11.09 14.48
C SER A 1152 -12.70 -10.22 15.23
N HIS A 1153 -12.30 -10.65 16.43
CA HIS A 1153 -11.42 -9.81 17.24
C HIS A 1153 -10.03 -9.70 16.62
N ILE A 1154 -9.55 -10.78 15.99
CA ILE A 1154 -8.26 -10.71 15.28
C ILE A 1154 -8.30 -9.67 14.15
N ASN A 1155 -9.40 -9.63 13.40
CA ASN A 1155 -9.53 -8.67 12.31
C ASN A 1155 -9.53 -7.23 12.80
N GLN A 1156 -10.20 -6.97 13.93
CA GLN A 1156 -10.23 -5.58 14.40
C GLN A 1156 -8.87 -5.12 14.92
N CYS A 1157 -8.09 -6.04 15.50
CA CYS A 1157 -6.73 -5.64 15.88
C CYS A 1157 -5.84 -5.41 14.65
N ARG A 1158 -6.07 -6.16 13.56
CA ARG A 1158 -5.32 -5.93 12.33
C ARG A 1158 -5.63 -4.59 11.70
N ILE A 1159 -6.86 -4.08 11.85
CA ILE A 1159 -7.17 -2.75 11.31
C ILE A 1159 -6.51 -1.65 12.15
N ASP A 1160 -6.58 -1.79 13.47
CA ASP A 1160 -6.04 -0.72 14.34
C ASP A 1160 -4.52 -0.59 14.25
N ASN A 1161 -3.81 -1.70 13.99
CA ASN A 1161 -2.37 -1.58 13.78
C ASN A 1161 -2.00 -0.77 12.54
N ASN A 1162 -2.86 -0.75 11.52
CA ASN A 1162 -2.57 0.08 10.35
C ASN A 1162 -2.87 1.54 10.63
N MET A 1163 -4.03 1.83 11.25
CA MET A 1163 -4.39 3.23 11.44
C MET A 1163 -3.45 3.95 12.41
N SER A 1164 -2.86 3.25 13.38
CA SER A 1164 -1.95 3.95 14.28
C SER A 1164 -0.63 4.33 13.62
N ALA A 1165 -0.31 3.81 12.44
CA ALA A 1165 0.84 4.23 11.66
C ALA A 1165 0.48 5.18 10.54
N PHE A 1166 -0.76 5.13 10.05
CA PHE A 1166 -1.24 6.08 9.06
C PHE A 1166 -1.54 7.46 9.66
N TYR A 1167 -1.89 7.52 10.94
CA TYR A 1167 -2.26 8.80 11.54
C TYR A 1167 -1.15 9.86 11.60
N PRO A 1168 0.07 9.62 12.10
CA PRO A 1168 1.08 10.70 12.09
C PRO A 1168 1.62 11.06 10.72
N SER A 1169 1.40 10.19 9.73
CA SER A 1169 1.93 10.44 8.39
C SER A 1169 1.30 11.67 7.77
N ILE A 1170 -0.02 11.79 7.82
CA ILE A 1170 -0.67 12.95 7.23
C ILE A 1170 -0.51 14.22 8.04
N ASN A 1171 -0.22 14.13 9.35
CA ASN A 1171 -0.03 15.35 10.14
C ASN A 1171 1.36 15.94 9.99
N ALA A 1172 2.35 15.15 9.58
CA ALA A 1172 3.66 15.72 9.28
C ALA A 1172 3.62 16.69 8.10
N ASN A 1173 2.68 16.50 7.17
CA ASN A 1173 2.55 17.42 6.04
C ASN A 1173 2.03 18.78 6.49
N ARG A 1174 1.07 18.81 7.42
CA ARG A 1174 0.54 20.06 7.95
C ARG A 1174 1.59 20.80 8.77
N TRP A 1175 2.37 20.06 9.56
CA TRP A 1175 3.48 20.64 10.32
C TRP A 1175 4.48 21.33 9.41
N LEU A 1176 4.84 20.69 8.29
CA LEU A 1176 5.76 21.33 7.34
C LEU A 1176 5.14 22.57 6.70
N ALA A 1177 3.92 22.43 6.17
CA ALA A 1177 3.32 23.46 5.32
C ALA A 1177 3.05 24.76 6.06
N TYR A 1178 2.69 24.71 7.34
CA TYR A 1178 2.44 25.96 8.08
C TYR A 1178 3.72 26.80 8.18
N ARG A 1179 4.85 26.14 8.38
CA ARG A 1179 6.11 26.84 8.60
C ARG A 1179 6.75 27.29 7.31
N LEU A 1180 6.56 26.55 6.22
CA LEU A 1180 7.04 27.03 4.93
C LEU A 1180 6.15 28.08 4.27
N GLU A 1181 4.86 28.13 4.58
CA GLU A 1181 4.05 29.24 4.11
C GLU A 1181 4.15 30.47 4.98
N LEU A 1182 4.74 30.38 6.17
CA LEU A 1182 4.91 31.61 6.95
C LEU A 1182 6.09 32.45 6.48
N ILE A 1183 7.10 31.86 5.85
CA ILE A 1183 8.23 32.63 5.30
C ILE A 1183 7.77 33.57 4.16
N GLY A 1184 6.80 33.13 3.35
CA GLY A 1184 6.30 33.94 2.25
C GLY A 1184 5.66 35.26 2.67
N SER A 1185 5.02 35.28 3.85
CA SER A 1185 4.45 36.53 4.32
C SER A 1185 5.51 37.50 4.80
N ILE A 1186 6.63 37.01 5.32
CA ILE A 1186 7.71 37.90 5.69
C ILE A 1186 8.42 38.44 4.46
N ILE A 1187 8.46 37.65 3.37
CA ILE A 1187 9.02 38.15 2.12
C ILE A 1187 8.16 39.28 1.53
N ILE A 1188 6.83 39.14 1.59
CA ILE A 1188 5.94 40.21 1.13
C ILE A 1188 6.08 41.46 2.00
N LEU A 1189 6.19 41.29 3.32
CA LEU A 1189 6.35 42.44 4.21
C LEU A 1189 7.66 43.19 3.95
N GLY A 1190 8.77 42.47 3.79
CA GLY A 1190 10.04 43.13 3.58
C GLY A 1190 10.13 43.84 2.24
N ALA A 1191 9.61 43.20 1.18
CA ALA A 1191 9.63 43.84 -0.13
C ALA A 1191 8.73 45.06 -0.19
N ALA A 1192 7.59 45.05 0.52
CA ALA A 1192 6.73 46.23 0.51
C ALA A 1192 7.31 47.37 1.34
N THR A 1193 7.93 47.06 2.49
CA THR A 1193 8.42 48.13 3.38
C THR A 1193 9.65 48.83 2.81
N LEU A 1194 10.60 48.09 2.20
CA LEU A 1194 11.80 48.78 1.71
C LEU A 1194 11.52 49.71 0.54
N SER A 1195 10.46 49.48 -0.24
CA SER A 1195 10.10 50.42 -1.30
C SER A 1195 9.58 51.74 -0.74
N VAL A 1196 8.88 51.72 0.39
CA VAL A 1196 8.41 52.95 0.97
C VAL A 1196 9.54 53.68 1.68
N PHE A 1197 10.52 52.97 2.22
CA PHE A 1197 11.73 53.66 2.69
C PHE A 1197 12.50 54.29 1.55
N ARG A 1198 12.42 53.72 0.34
CA ARG A 1198 13.10 54.30 -0.81
C ARG A 1198 12.34 55.49 -1.38
N LEU A 1199 11.01 55.52 -1.22
CA LEU A 1199 10.19 56.62 -1.73
C LEU A 1199 10.54 57.97 -1.12
N LYS A 1200 10.91 57.99 0.17
CA LYS A 1200 11.25 59.25 0.85
C LYS A 1200 12.45 59.96 0.22
N GLN A 1201 13.38 59.21 -0.37
CA GLN A 1201 14.52 59.85 -1.00
C GLN A 1201 14.17 60.50 -2.33
N GLY A 1202 12.97 60.24 -2.86
CA GLY A 1202 12.53 60.84 -4.11
C GLY A 1202 12.83 60.06 -5.36
N THR A 1203 13.23 58.79 -5.27
CA THR A 1203 13.69 58.06 -6.43
C THR A 1203 12.75 56.99 -6.96
N LEU A 1204 11.75 56.55 -6.20
CA LEU A 1204 10.87 55.49 -6.67
C LEU A 1204 9.87 56.03 -7.68
N THR A 1205 9.45 55.17 -8.61
CA THR A 1205 8.38 55.43 -9.56
C THR A 1205 7.39 54.27 -9.52
N ALA A 1206 6.19 54.49 -10.08
CA ALA A 1206 5.11 53.52 -9.92
C ALA A 1206 5.38 52.19 -10.63
N GLY A 1207 6.16 52.22 -11.71
CA GLY A 1207 6.40 50.99 -12.46
C GLY A 1207 7.30 50.01 -11.74
N MET A 1208 8.23 50.52 -10.92
CA MET A 1208 9.13 49.64 -10.18
C MET A 1208 8.39 48.88 -9.09
N VAL A 1209 7.53 49.57 -8.34
CA VAL A 1209 6.79 48.89 -7.28
C VAL A 1209 5.75 47.95 -7.88
N GLY A 1210 5.21 48.28 -9.06
CA GLY A 1210 4.26 47.36 -9.68
C GLY A 1210 4.92 46.07 -10.14
N LEU A 1211 6.08 46.18 -10.78
CA LEU A 1211 6.80 45.00 -11.25
C LEU A 1211 7.31 44.15 -10.10
N SER A 1212 7.85 44.79 -9.06
CA SER A 1212 8.38 44.04 -7.93
C SER A 1212 7.29 43.30 -7.16
N LEU A 1213 6.20 44.00 -6.81
CA LEU A 1213 5.14 43.36 -6.03
C LEU A 1213 4.28 42.41 -6.83
N SER A 1214 4.28 42.45 -8.17
CA SER A 1214 3.47 41.47 -8.88
C SER A 1214 4.07 40.08 -8.86
N TYR A 1215 5.38 39.95 -8.63
CA TYR A 1215 6.09 38.67 -8.54
C TYR A 1215 6.07 38.07 -7.15
N ALA A 1216 6.27 38.89 -6.12
CA ALA A 1216 6.32 38.41 -4.74
C ALA A 1216 5.01 37.81 -4.25
N LEU A 1217 3.88 38.21 -4.83
CA LEU A 1217 2.59 37.67 -4.40
C LEU A 1217 2.32 36.25 -4.90
N GLN A 1218 3.14 35.70 -5.78
CA GLN A 1218 2.87 34.42 -6.41
C GLN A 1218 3.78 33.30 -5.92
N ILE A 1219 4.59 33.54 -4.89
CA ILE A 1219 5.68 32.65 -4.51
C ILE A 1219 5.33 31.66 -3.41
N THR A 1220 4.20 31.83 -2.71
CA THR A 1220 3.98 31.12 -1.45
C THR A 1220 3.75 29.61 -1.58
N GLN A 1221 3.27 29.12 -2.73
CA GLN A 1221 3.06 27.69 -2.91
C GLN A 1221 4.27 26.94 -3.46
N THR A 1222 5.12 27.63 -4.22
CA THR A 1222 6.29 27.01 -4.83
C THR A 1222 7.28 26.54 -3.77
N LEU A 1223 7.45 27.34 -2.71
CA LEU A 1223 8.39 27.03 -1.64
C LEU A 1223 8.05 25.73 -0.94
N ASN A 1224 6.77 25.42 -0.87
CA ASN A 1224 6.27 24.17 -0.30
C ASN A 1224 6.41 23.00 -1.27
N TRP A 1225 6.06 23.24 -2.54
CA TRP A 1225 6.05 22.13 -3.50
C TRP A 1225 7.45 21.61 -3.82
N ILE A 1226 8.49 22.43 -3.69
CA ILE A 1226 9.86 21.93 -3.89
C ILE A 1226 10.22 20.86 -2.86
N VAL A 1227 9.90 21.13 -1.59
CA VAL A 1227 10.31 20.23 -0.51
C VAL A 1227 9.43 18.99 -0.52
N ARG A 1228 8.19 19.11 -0.99
CA ARG A 1228 7.39 17.89 -1.19
C ARG A 1228 7.94 17.02 -2.33
N MET A 1229 8.48 17.60 -3.40
CA MET A 1229 9.04 16.79 -4.50
C MET A 1229 10.38 16.13 -4.20
N THR A 1230 11.16 16.67 -3.25
CA THR A 1230 12.44 16.04 -2.91
C THR A 1230 12.27 14.61 -2.35
N VAL A 1231 11.17 14.35 -1.65
CA VAL A 1231 10.98 13.01 -1.09
C VAL A 1231 10.45 12.03 -2.15
N GLU A 1232 9.69 12.51 -3.14
CA GLU A 1232 9.33 11.65 -4.26
C GLU A 1232 10.54 11.27 -5.10
N VAL A 1233 11.53 12.15 -5.22
CA VAL A 1233 12.78 11.76 -5.90
C VAL A 1233 13.50 10.66 -5.12
N GLU A 1234 13.66 10.88 -3.80
CA GLU A 1234 14.43 9.94 -2.98
C GLU A 1234 13.74 8.60 -2.78
N THR A 1235 12.42 8.53 -2.91
CA THR A 1235 11.74 7.23 -2.76
C THR A 1235 11.97 6.36 -3.98
N ASN A 1236 11.98 6.96 -5.16
CA ASN A 1236 12.02 6.22 -6.42
C ASN A 1236 13.43 5.86 -6.86
N ILE A 1237 14.46 6.57 -6.40
CA ILE A 1237 15.81 6.31 -6.90
C ILE A 1237 16.41 4.98 -6.42
N VAL A 1238 15.80 4.31 -5.44
CA VAL A 1238 16.30 3.03 -4.91
C VAL A 1238 16.27 1.90 -5.95
N SER A 1239 15.32 1.95 -6.90
CA SER A 1239 15.17 0.90 -7.90
C SER A 1239 16.40 0.75 -8.78
N VAL A 1240 17.12 1.85 -9.04
CA VAL A 1240 18.34 1.75 -9.84
C VAL A 1240 19.43 1.03 -9.05
N GLU A 1241 19.43 1.16 -7.73
CA GLU A 1241 20.39 0.45 -6.90
C GLU A 1241 20.10 -1.03 -6.90
N ARG A 1242 18.83 -1.39 -6.80
CA ARG A 1242 18.50 -2.82 -6.77
C ARG A 1242 18.71 -3.49 -8.14
N ILE A 1243 18.54 -2.75 -9.25
CA ILE A 1243 18.85 -3.33 -10.56
C ILE A 1243 20.36 -3.50 -10.74
N LYS A 1244 21.14 -2.45 -10.40
CA LYS A 1244 22.60 -2.52 -10.49
C LYS A 1244 23.19 -3.55 -9.55
N GLU A 1245 22.46 -3.97 -8.51
CA GLU A 1245 22.87 -5.11 -7.70
C GLU A 1245 22.98 -6.38 -8.52
N TYR A 1246 21.94 -6.73 -9.28
CA TYR A 1246 21.94 -7.95 -10.07
C TYR A 1246 22.73 -7.85 -11.35
N ALA A 1247 22.95 -6.63 -11.86
CA ALA A 1247 23.73 -6.47 -13.08
C ALA A 1247 25.17 -6.98 -12.93
N ASP A 1248 25.79 -6.71 -11.78
CA ASP A 1248 27.19 -7.06 -11.56
C ASP A 1248 27.39 -8.45 -10.95
N LEU A 1249 26.39 -9.33 -11.07
CA LEU A 1249 26.45 -10.65 -10.46
C LEU A 1249 27.56 -11.50 -11.08
N LYS A 1250 28.03 -12.48 -10.29
CA LYS A 1250 29.19 -13.31 -10.60
C LYS A 1250 29.00 -14.14 -11.87
N SER A 1251 30.14 -14.49 -12.47
CA SER A 1251 30.22 -15.08 -13.81
C SER A 1251 30.23 -16.61 -13.75
N GLU A 1252 30.37 -17.21 -14.94
CA GLU A 1252 30.56 -18.65 -15.13
C GLU A 1252 31.72 -18.81 -16.12
N ALA A 1253 32.22 -20.05 -16.25
CA ALA A 1253 33.29 -20.39 -17.20
C ALA A 1253 32.94 -20.02 -18.64
N PRO A 1254 33.93 -19.79 -19.49
CA PRO A 1254 33.66 -19.32 -20.86
C PRO A 1254 32.95 -20.36 -21.72
N LEU A 1255 32.06 -19.88 -22.59
CA LEU A 1255 31.32 -20.75 -23.50
C LEU A 1255 32.19 -21.30 -24.62
N ILE A 1256 33.12 -20.50 -25.15
CA ILE A 1256 33.91 -20.88 -26.32
C ILE A 1256 35.38 -20.62 -26.06
N VAL A 1257 36.23 -21.58 -26.41
CA VAL A 1257 37.68 -21.48 -26.35
C VAL A 1257 38.15 -21.70 -27.79
N GLU A 1258 38.47 -20.60 -28.48
CA GLU A 1258 38.60 -20.61 -29.93
C GLU A 1258 39.78 -21.45 -30.43
N GLY A 1259 40.86 -21.53 -29.65
CA GLY A 1259 42.03 -22.25 -30.14
C GLY A 1259 41.92 -23.77 -30.06
N HIS A 1260 40.90 -24.30 -29.38
CA HIS A 1260 40.83 -25.71 -29.05
C HIS A 1260 39.64 -26.45 -29.66
N ARG A 1261 38.80 -25.77 -30.45
CA ARG A 1261 37.49 -26.23 -30.89
C ARG A 1261 37.55 -27.59 -31.58
N PRO A 1262 36.86 -28.61 -31.06
CA PRO A 1262 36.97 -29.97 -31.61
C PRO A 1262 36.36 -30.07 -32.99
N PRO A 1263 36.74 -31.10 -33.76
CA PRO A 1263 36.04 -31.40 -35.02
C PRO A 1263 34.57 -31.75 -34.82
N LYS A 1264 33.83 -31.69 -35.94
CA LYS A 1264 32.39 -31.93 -35.98
C LYS A 1264 31.97 -33.30 -35.45
N GLU A 1265 32.85 -34.29 -35.46
CA GLU A 1265 32.47 -35.66 -35.17
C GLU A 1265 33.18 -36.24 -33.95
N TRP A 1266 33.83 -35.38 -33.15
CA TRP A 1266 34.77 -35.75 -32.08
C TRP A 1266 34.41 -36.95 -31.20
N PRO A 1267 33.15 -37.11 -30.65
CA PRO A 1267 32.88 -38.31 -29.84
C PRO A 1267 32.77 -39.63 -30.60
N SER A 1268 33.64 -39.88 -31.59
CA SER A 1268 33.50 -41.04 -32.47
C SER A 1268 33.66 -42.38 -31.76
N GLN A 1269 34.25 -42.41 -30.57
CA GLN A 1269 34.25 -43.61 -29.73
C GLN A 1269 33.84 -43.26 -28.31
N GLY A 1270 32.97 -44.10 -27.73
CA GLY A 1270 32.37 -43.86 -26.43
C GLY A 1270 33.19 -44.37 -25.26
N ASP A 1271 34.47 -43.98 -25.19
CA ASP A 1271 35.39 -44.45 -24.17
C ASP A 1271 35.63 -43.33 -23.16
N ILE A 1272 35.53 -43.66 -21.87
CA ILE A 1272 35.52 -42.69 -20.78
C ILE A 1272 36.56 -43.11 -19.75
N LYS A 1273 37.33 -42.14 -19.23
CA LYS A 1273 38.50 -42.41 -18.41
C LYS A 1273 38.50 -41.47 -17.20
N PHE A 1274 38.74 -42.01 -16.02
CA PHE A 1274 38.84 -41.25 -14.78
C PHE A 1274 40.28 -41.25 -14.29
N ASN A 1275 40.82 -40.06 -14.01
CA ASN A 1275 42.19 -39.92 -13.50
C ASN A 1275 42.15 -39.29 -12.11
N ASN A 1276 42.00 -40.14 -11.08
CA ASN A 1276 42.03 -39.75 -9.66
C ASN A 1276 41.08 -38.59 -9.35
N TYR A 1277 39.92 -38.58 -9.99
CA TYR A 1277 39.03 -37.42 -9.91
C TYR A 1277 38.35 -37.32 -8.56
N SER A 1278 38.27 -36.09 -8.04
CA SER A 1278 37.56 -35.78 -6.81
C SER A 1278 36.88 -34.43 -6.92
N THR A 1279 35.73 -34.28 -6.26
CA THR A 1279 34.98 -33.03 -6.31
C THR A 1279 34.08 -32.88 -5.09
N ARG A 1280 33.64 -31.64 -4.87
CA ARG A 1280 32.73 -31.29 -3.80
C ARG A 1280 31.66 -30.34 -4.34
N TYR A 1281 30.48 -30.35 -3.71
CA TYR A 1281 29.38 -29.47 -4.13
C TYR A 1281 29.73 -28.00 -3.94
N ARG A 1282 30.25 -27.64 -2.77
CA ARG A 1282 30.59 -26.27 -2.41
C ARG A 1282 31.95 -26.31 -1.71
N PRO A 1283 32.74 -25.23 -1.80
CA PRO A 1283 34.10 -25.26 -1.24
C PRO A 1283 34.15 -25.49 0.26
N GLU A 1284 33.13 -25.05 1.00
CA GLU A 1284 33.09 -25.20 2.44
C GLU A 1284 32.62 -26.58 2.91
N LEU A 1285 32.15 -27.43 2.00
CA LEU A 1285 31.69 -28.77 2.36
C LEU A 1285 32.76 -29.82 2.04
N ASP A 1286 32.50 -31.04 2.50
CA ASP A 1286 33.41 -32.16 2.30
C ASP A 1286 33.41 -32.62 0.84
N LEU A 1287 34.49 -33.31 0.47
CA LEU A 1287 34.56 -34.00 -0.82
C LEU A 1287 33.52 -35.10 -0.88
N VAL A 1288 32.67 -35.06 -1.90
CA VAL A 1288 31.61 -36.05 -2.02
C VAL A 1288 32.05 -37.26 -2.87
N LEU A 1289 32.95 -37.07 -3.82
CA LEU A 1289 33.56 -38.17 -4.56
C LEU A 1289 35.07 -38.12 -4.36
N LYS A 1290 35.68 -39.30 -4.18
CA LYS A 1290 37.09 -39.36 -3.82
C LYS A 1290 37.82 -40.42 -4.63
N HIS A 1291 38.96 -40.02 -5.21
CA HIS A 1291 39.98 -40.91 -5.79
C HIS A 1291 39.43 -41.87 -6.83
N ILE A 1292 38.44 -41.44 -7.61
CA ILE A 1292 37.74 -42.34 -8.52
C ILE A 1292 38.64 -42.66 -9.71
N ASN A 1293 38.92 -43.95 -9.92
CA ASN A 1293 39.51 -44.44 -11.15
C ASN A 1293 38.58 -45.48 -11.77
N ILE A 1294 38.09 -45.19 -12.98
CA ILE A 1294 37.13 -46.04 -13.68
C ILE A 1294 37.46 -45.96 -15.18
N HIS A 1295 37.26 -47.07 -15.88
CA HIS A 1295 37.37 -47.11 -17.34
C HIS A 1295 36.17 -47.83 -17.93
N ILE A 1296 35.52 -47.18 -18.90
CA ILE A 1296 34.36 -47.70 -19.59
C ILE A 1296 34.75 -48.02 -21.03
N LYS A 1297 34.43 -49.22 -21.46
CA LYS A 1297 34.76 -49.66 -22.81
C LYS A 1297 33.74 -49.07 -23.80
N PRO A 1298 34.14 -48.85 -25.06
CA PRO A 1298 33.17 -48.36 -26.04
C PRO A 1298 32.07 -49.39 -26.30
N ASN A 1299 30.87 -48.88 -26.57
CA ASN A 1299 29.61 -49.60 -26.80
C ASN A 1299 29.11 -50.37 -25.58
N GLU A 1300 29.77 -50.25 -24.43
CA GLU A 1300 29.41 -51.01 -23.24
C GLU A 1300 28.12 -50.46 -22.63
N LYS A 1301 27.33 -51.35 -22.03
CA LYS A 1301 26.11 -50.99 -21.31
C LYS A 1301 26.36 -51.15 -19.82
N VAL A 1302 26.39 -50.04 -19.09
CA VAL A 1302 26.83 -50.01 -17.69
C VAL A 1302 25.63 -49.72 -16.80
N GLY A 1303 25.47 -50.53 -15.75
CA GLY A 1303 24.53 -50.23 -14.68
C GLY A 1303 25.18 -49.48 -13.52
N ILE A 1304 24.60 -48.34 -13.18
CA ILE A 1304 25.01 -47.56 -12.00
C ILE A 1304 23.99 -47.77 -10.90
N VAL A 1305 24.43 -48.29 -9.76
CA VAL A 1305 23.54 -48.57 -8.64
C VAL A 1305 24.31 -48.33 -7.34
N GLY A 1306 23.58 -48.04 -6.28
CA GLY A 1306 24.17 -47.75 -4.99
C GLY A 1306 23.08 -47.46 -3.98
N ARG A 1307 23.50 -47.38 -2.71
CA ARG A 1307 22.56 -47.09 -1.64
C ARG A 1307 22.11 -45.63 -1.67
N THR A 1308 20.97 -45.39 -1.02
CA THR A 1308 20.36 -44.07 -0.94
C THR A 1308 21.27 -43.06 -0.26
N GLY A 1309 21.48 -41.92 -0.90
CA GLY A 1309 22.27 -40.84 -0.33
C GLY A 1309 23.77 -41.02 -0.41
N ALA A 1310 24.25 -42.03 -1.13
CA ALA A 1310 25.69 -42.25 -1.25
C ALA A 1310 26.39 -41.23 -2.14
N GLY A 1311 25.64 -40.41 -2.89
CA GLY A 1311 26.27 -39.41 -3.73
C GLY A 1311 26.20 -39.73 -5.21
N LYS A 1312 25.18 -40.51 -5.61
CA LYS A 1312 25.04 -40.92 -7.01
C LYS A 1312 24.84 -39.74 -7.94
N SER A 1313 23.99 -38.78 -7.56
CA SER A 1313 23.58 -37.70 -8.46
C SER A 1313 24.72 -36.76 -8.83
N SER A 1314 25.80 -36.71 -8.05
CA SER A 1314 26.93 -35.85 -8.38
C SER A 1314 27.69 -36.30 -9.61
N LEU A 1315 27.52 -37.55 -10.03
CA LEU A 1315 28.28 -38.09 -11.16
C LEU A 1315 27.91 -37.39 -12.46
N THR A 1316 26.63 -37.15 -12.70
CA THR A 1316 26.22 -36.52 -13.95
C THR A 1316 26.55 -35.04 -13.96
N LEU A 1317 26.50 -34.37 -12.80
CA LEU A 1317 26.91 -32.98 -12.74
C LEU A 1317 28.41 -32.84 -13.00
N ALA A 1318 29.20 -33.80 -12.51
CA ALA A 1318 30.63 -33.81 -12.84
C ALA A 1318 30.83 -34.06 -14.32
N LEU A 1319 30.03 -34.96 -14.90
CA LEU A 1319 30.17 -35.29 -16.31
C LEU A 1319 29.81 -34.10 -17.20
N PHE A 1320 28.76 -33.35 -16.84
CA PHE A 1320 28.39 -32.15 -17.58
C PHE A 1320 29.18 -30.91 -17.17
N ARG A 1321 30.15 -31.03 -16.26
CA ARG A 1321 30.92 -29.90 -15.72
C ARG A 1321 30.04 -28.81 -15.11
N MET A 1322 28.87 -29.18 -14.60
CA MET A 1322 28.10 -28.25 -13.78
C MET A 1322 28.73 -28.02 -12.42
N ILE A 1323 29.70 -28.85 -12.02
CA ILE A 1323 30.48 -28.67 -10.80
C ILE A 1323 31.95 -28.79 -11.19
N GLU A 1324 32.79 -27.91 -10.64
CA GLU A 1324 34.18 -27.94 -11.05
C GLU A 1324 34.96 -28.97 -10.25
N ALA A 1325 36.08 -29.40 -10.83
CA ALA A 1325 36.97 -30.36 -10.19
C ALA A 1325 37.67 -29.73 -9.00
N SER A 1326 37.82 -30.52 -7.93
CA SER A 1326 38.78 -30.18 -6.89
C SER A 1326 40.11 -30.90 -7.05
N GLU A 1327 40.10 -32.13 -7.55
CA GLU A 1327 41.32 -32.87 -7.88
C GLU A 1327 41.06 -33.71 -9.13
N GLY A 1328 42.15 -34.05 -9.82
CA GLY A 1328 42.08 -34.93 -10.97
C GLY A 1328 41.36 -34.29 -12.15
N ASN A 1329 40.94 -35.14 -13.08
CA ASN A 1329 40.27 -34.71 -14.29
C ASN A 1329 39.50 -35.88 -14.89
N ILE A 1330 38.65 -35.55 -15.86
CA ILE A 1330 37.93 -36.53 -16.66
C ILE A 1330 38.44 -36.43 -18.09
N VAL A 1331 38.67 -37.58 -18.73
CA VAL A 1331 39.16 -37.61 -20.10
C VAL A 1331 38.17 -38.38 -20.96
N ILE A 1332 37.85 -37.83 -22.13
CA ILE A 1332 37.05 -38.51 -23.15
C ILE A 1332 37.79 -38.38 -24.47
N ASP A 1333 38.03 -39.54 -25.11
CA ASP A 1333 38.62 -39.69 -26.45
C ASP A 1333 39.82 -38.78 -26.69
N ASN A 1334 40.86 -39.00 -25.87
CA ASN A 1334 42.17 -38.35 -25.94
C ASN A 1334 42.13 -36.83 -25.79
N ILE A 1335 41.09 -36.27 -25.18
CA ILE A 1335 41.05 -34.84 -24.86
C ILE A 1335 40.64 -34.68 -23.41
N ALA A 1336 41.38 -33.86 -22.67
CA ALA A 1336 40.95 -33.40 -21.36
C ALA A 1336 39.84 -32.37 -21.52
N ILE A 1337 38.66 -32.67 -20.96
CA ILE A 1337 37.47 -31.85 -21.20
C ILE A 1337 37.51 -30.52 -20.48
N ASN A 1338 38.50 -30.26 -19.61
CA ASN A 1338 38.56 -28.96 -18.95
C ASN A 1338 39.00 -27.86 -19.91
N GLU A 1339 39.68 -28.21 -21.00
CA GLU A 1339 40.17 -27.21 -21.95
C GLU A 1339 39.09 -26.74 -22.91
N ILE A 1340 38.04 -27.53 -23.07
CA ILE A 1340 37.02 -27.27 -24.08
C ILE A 1340 36.11 -26.14 -23.60
N GLY A 1341 35.68 -25.29 -24.52
CA GLY A 1341 34.63 -24.34 -24.21
C GLY A 1341 33.34 -25.05 -23.86
N LEU A 1342 32.59 -24.44 -22.93
CA LEU A 1342 31.46 -25.11 -22.31
C LEU A 1342 30.32 -25.40 -23.29
N TYR A 1343 30.15 -24.55 -24.30
CA TYR A 1343 29.15 -24.82 -25.33
C TYR A 1343 29.55 -25.99 -26.22
N ASP A 1344 30.80 -25.99 -26.67
CA ASP A 1344 31.30 -27.08 -27.51
C ASP A 1344 31.36 -28.40 -26.74
N LEU A 1345 31.42 -28.35 -25.41
CA LEU A 1345 31.31 -29.58 -24.63
C LEU A 1345 29.86 -30.02 -24.48
N ARG A 1346 29.00 -29.18 -23.88
CA ARG A 1346 27.64 -29.60 -23.53
C ARG A 1346 26.74 -29.76 -24.75
N HIS A 1347 27.17 -29.33 -25.94
CA HIS A 1347 26.34 -29.47 -27.12
C HIS A 1347 26.22 -30.92 -27.58
N LYS A 1348 27.25 -31.72 -27.34
CA LYS A 1348 27.38 -33.00 -28.01
C LYS A 1348 26.73 -34.15 -27.25
N LEU A 1349 26.75 -34.11 -25.92
CA LEU A 1349 26.19 -35.17 -25.09
C LEU A 1349 24.67 -35.27 -25.28
N SER A 1350 24.11 -36.42 -24.90
CA SER A 1350 22.67 -36.63 -24.93
C SER A 1350 22.19 -37.17 -23.59
N ILE A 1351 21.09 -36.61 -23.11
CA ILE A 1351 20.55 -36.95 -21.80
C ILE A 1351 19.04 -37.11 -21.90
N ILE A 1352 18.53 -38.14 -21.24
CA ILE A 1352 17.10 -38.27 -20.94
C ILE A 1352 16.94 -37.78 -19.52
N PRO A 1353 16.45 -36.56 -19.29
CA PRO A 1353 16.37 -36.06 -17.93
C PRO A 1353 15.22 -36.64 -17.15
N GLN A 1354 15.38 -36.68 -15.83
CA GLN A 1354 14.35 -37.18 -14.94
C GLN A 1354 13.17 -36.24 -14.81
N ASP A 1355 13.35 -34.96 -15.10
CA ASP A 1355 12.27 -33.98 -15.01
C ASP A 1355 11.72 -33.69 -16.40
N SER A 1356 10.40 -33.83 -16.55
CA SER A 1356 9.73 -33.59 -17.82
C SER A 1356 9.06 -32.22 -17.78
N GLN A 1357 9.45 -31.35 -18.72
CA GLN A 1357 9.08 -29.94 -18.66
C GLN A 1357 8.61 -29.49 -20.05
N VAL A 1358 7.52 -28.73 -20.07
CA VAL A 1358 6.83 -28.37 -21.30
C VAL A 1358 6.79 -26.85 -21.42
N PHE A 1359 6.99 -26.34 -22.63
CA PHE A 1359 6.91 -24.92 -22.93
C PHE A 1359 5.73 -24.65 -23.85
N GLU A 1360 5.12 -23.47 -23.68
CA GLU A 1360 4.08 -22.98 -24.59
C GLU A 1360 4.61 -22.77 -26.01
N GLY A 1361 3.68 -22.79 -26.94
CA GLY A 1361 3.97 -22.64 -28.35
C GLY A 1361 3.76 -23.94 -29.10
N THR A 1362 4.42 -24.03 -30.25
CA THR A 1362 4.17 -25.16 -31.12
C THR A 1362 4.90 -26.41 -30.63
N VAL A 1363 4.39 -27.55 -31.11
CA VAL A 1363 5.10 -28.81 -30.92
C VAL A 1363 6.45 -28.75 -31.62
N ARG A 1364 6.50 -28.10 -32.78
CA ARG A 1364 7.77 -27.92 -33.49
C ARG A 1364 8.75 -27.12 -32.65
N GLU A 1365 8.28 -26.11 -31.91
CA GLU A 1365 9.17 -25.38 -31.01
C GLU A 1365 9.63 -26.24 -29.84
N ASN A 1366 8.76 -27.13 -29.37
CA ASN A 1366 9.13 -28.02 -28.27
C ASN A 1366 10.08 -29.12 -28.71
N ILE A 1367 10.16 -29.42 -29.99
CA ILE A 1367 11.08 -30.45 -30.49
C ILE A 1367 12.36 -29.83 -31.06
N ASP A 1368 12.23 -28.82 -31.90
CA ASP A 1368 13.39 -28.18 -32.53
C ASP A 1368 13.05 -26.71 -32.67
N PRO A 1369 13.40 -25.89 -31.68
CA PRO A 1369 13.19 -24.45 -31.77
C PRO A 1369 14.20 -23.72 -32.64
N ILE A 1370 15.13 -24.42 -33.27
CA ILE A 1370 16.21 -23.81 -34.04
C ILE A 1370 16.02 -24.05 -35.54
N ASN A 1371 15.12 -24.99 -35.91
CA ASN A 1371 14.83 -25.37 -37.30
C ASN A 1371 16.08 -25.86 -38.03
N GLN A 1372 16.78 -26.80 -37.40
CA GLN A 1372 17.94 -27.42 -37.99
C GLN A 1372 17.60 -28.60 -38.90
N TYR A 1373 16.43 -29.21 -38.72
CA TYR A 1373 16.15 -30.52 -39.29
C TYR A 1373 14.83 -30.52 -40.05
N THR A 1374 14.72 -31.46 -40.99
CA THR A 1374 13.54 -31.58 -41.83
C THR A 1374 12.37 -32.16 -41.07
N ASP A 1375 11.18 -31.99 -41.64
CA ASP A 1375 9.94 -32.49 -41.05
C ASP A 1375 9.87 -34.02 -41.07
N GLU A 1376 10.55 -34.66 -42.03
CA GLU A 1376 10.49 -36.11 -42.16
C GLU A 1376 11.08 -36.81 -40.93
N ALA A 1377 12.21 -36.31 -40.42
CA ALA A 1377 12.81 -36.88 -39.22
C ALA A 1377 11.92 -36.66 -38.00
N ILE A 1378 11.26 -35.50 -37.93
CA ILE A 1378 10.36 -35.18 -36.83
C ILE A 1378 9.19 -36.15 -36.79
N TRP A 1379 8.55 -36.35 -37.95
CA TRP A 1379 7.44 -37.29 -38.06
C TRP A 1379 7.88 -38.72 -37.79
N ARG A 1380 9.09 -39.09 -38.23
CA ARG A 1380 9.62 -40.42 -37.95
C ARG A 1380 9.83 -40.65 -36.46
N ALA A 1381 10.39 -39.67 -35.76
CA ALA A 1381 10.56 -39.77 -34.32
C ALA A 1381 9.22 -39.86 -33.60
N LEU A 1382 8.24 -39.06 -34.03
CA LEU A 1382 6.90 -39.14 -33.44
C LEU A 1382 6.25 -40.50 -33.71
N GLU A 1383 6.50 -41.08 -34.88
CA GLU A 1383 5.98 -42.40 -35.19
C GLU A 1383 6.61 -43.45 -34.29
N LEU A 1384 7.92 -43.34 -34.05
CA LEU A 1384 8.60 -44.25 -33.14
C LEU A 1384 8.12 -44.06 -31.70
N SER A 1385 7.64 -42.86 -31.36
CA SER A 1385 7.23 -42.55 -30.00
C SER A 1385 5.74 -42.70 -29.76
N HIS A 1386 5.00 -43.16 -30.79
CA HIS A 1386 3.54 -43.40 -30.72
C HIS A 1386 2.74 -42.15 -30.40
N LEU A 1387 3.26 -40.97 -30.75
CA LEU A 1387 2.61 -39.72 -30.38
C LEU A 1387 1.60 -39.22 -31.40
N LYS A 1388 1.72 -39.66 -32.66
CA LYS A 1388 1.06 -39.02 -33.80
C LYS A 1388 -0.47 -39.03 -33.68
N GLU A 1389 -1.02 -40.12 -33.15
CA GLU A 1389 -2.47 -40.27 -33.08
C GLU A 1389 -3.15 -39.28 -32.14
N HIS A 1390 -2.48 -38.85 -31.07
CA HIS A 1390 -3.14 -38.01 -30.09
C HIS A 1390 -3.22 -36.54 -30.53
N VAL A 1391 -2.14 -36.02 -31.12
CA VAL A 1391 -2.07 -34.60 -31.47
C VAL A 1391 -3.04 -34.25 -32.60
N LEU A 1392 -3.22 -35.19 -33.54
CA LEU A 1392 -4.12 -34.95 -34.67
C LEU A 1392 -5.56 -34.83 -34.20
N SER A 1393 -5.95 -35.57 -33.16
CA SER A 1393 -7.28 -35.43 -32.61
C SER A 1393 -7.44 -34.09 -31.90
N MET A 1394 -6.35 -33.47 -31.45
CA MET A 1394 -6.42 -32.18 -30.79
C MET A 1394 -6.66 -31.07 -31.81
N SER A 1395 -5.87 -31.08 -32.89
CA SER A 1395 -6.11 -30.09 -33.94
C SER A 1395 -5.61 -30.58 -35.30
N ASN A 1396 -6.29 -30.14 -36.36
CA ASN A 1396 -5.88 -30.40 -37.72
C ASN A 1396 -4.63 -29.63 -38.14
N ASP A 1397 -4.16 -28.67 -37.34
CA ASP A 1397 -2.98 -27.91 -37.69
C ASP A 1397 -1.69 -28.72 -37.70
N GLY A 1398 -1.67 -29.89 -37.06
CA GLY A 1398 -0.48 -30.72 -37.03
C GLY A 1398 0.67 -30.13 -36.22
N LEU A 1399 1.78 -29.80 -36.91
CA LEU A 1399 2.93 -29.22 -36.23
C LEU A 1399 2.63 -27.85 -35.64
N ASP A 1400 1.72 -27.10 -36.26
CA ASP A 1400 1.38 -25.77 -35.77
C ASP A 1400 0.36 -25.80 -34.65
N ALA A 1401 -0.07 -26.97 -34.19
CA ALA A 1401 -0.91 -27.05 -33.01
C ALA A 1401 -0.13 -26.59 -31.79
N GLN A 1402 -0.80 -25.90 -30.88
CA GLN A 1402 -0.15 -25.17 -29.81
C GLN A 1402 -0.54 -25.73 -28.46
N LEU A 1403 0.44 -25.77 -27.55
CA LEU A 1403 0.27 -26.40 -26.24
C LEU A 1403 0.08 -25.33 -25.17
N THR A 1404 -0.89 -25.56 -24.30
CA THR A 1404 -1.17 -24.67 -23.18
C THR A 1404 -0.04 -24.72 -22.14
N GLU A 1405 -0.08 -23.73 -21.23
CA GLU A 1405 0.91 -23.57 -20.16
C GLU A 1405 1.01 -24.78 -19.25
N GLY A 1406 2.23 -25.23 -19.02
CA GLY A 1406 2.50 -26.37 -18.16
C GLY A 1406 2.15 -27.73 -18.73
N GLY A 1407 1.75 -27.80 -19.99
CA GLY A 1407 1.40 -29.08 -20.58
C GLY A 1407 0.14 -29.69 -20.03
N GLY A 1408 -0.91 -28.88 -19.86
CA GLY A 1408 -2.18 -29.39 -19.35
C GLY A 1408 -2.88 -30.34 -20.28
N ASN A 1409 -2.62 -30.22 -21.59
CA ASN A 1409 -3.16 -31.15 -22.57
C ASN A 1409 -2.42 -32.49 -22.59
N LEU A 1410 -1.25 -32.57 -21.96
CA LEU A 1410 -0.44 -33.77 -22.01
C LEU A 1410 -0.44 -34.45 -20.64
N SER A 1411 -0.77 -35.75 -20.64
CA SER A 1411 -0.56 -36.59 -19.47
C SER A 1411 0.93 -36.74 -19.20
N VAL A 1412 1.25 -37.19 -17.98
CA VAL A 1412 2.63 -37.36 -17.54
C VAL A 1412 3.35 -38.39 -18.43
N GLY A 1413 2.64 -39.44 -18.83
CA GLY A 1413 3.20 -40.38 -19.79
C GLY A 1413 3.45 -39.76 -21.15
N GLN A 1414 2.56 -38.85 -21.58
CA GLN A 1414 2.79 -38.14 -22.84
C GLN A 1414 4.00 -37.23 -22.74
N ARG A 1415 4.23 -36.63 -21.57
CA ARG A 1415 5.41 -35.80 -21.38
C ARG A 1415 6.68 -36.63 -21.40
N GLN A 1416 6.63 -37.82 -20.79
CA GLN A 1416 7.76 -38.74 -20.84
C GLN A 1416 8.05 -39.21 -22.26
N LEU A 1417 7.01 -39.53 -23.04
CA LEU A 1417 7.22 -39.89 -24.43
C LEU A 1417 7.71 -38.72 -25.27
N LEU A 1418 7.30 -37.50 -24.93
CA LEU A 1418 7.80 -36.31 -25.60
C LEU A 1418 9.28 -36.12 -25.34
N CYS A 1419 9.70 -36.31 -24.08
CA CYS A 1419 11.11 -36.23 -23.75
C CYS A 1419 11.91 -37.33 -24.44
N LEU A 1420 11.32 -38.52 -24.56
CA LEU A 1420 11.96 -39.60 -25.31
C LEU A 1420 12.12 -39.25 -26.78
N ALA A 1421 11.15 -38.54 -27.36
CA ALA A 1421 11.26 -38.10 -28.75
C ALA A 1421 12.35 -37.03 -28.91
N ARG A 1422 12.45 -36.16 -27.90
CA ARG A 1422 13.52 -35.16 -27.88
C ARG A 1422 14.89 -35.83 -27.86
N ALA A 1423 15.04 -36.87 -27.04
CA ALA A 1423 16.28 -37.65 -27.02
C ALA A 1423 16.48 -38.43 -28.31
N MET A 1424 15.39 -38.87 -28.94
CA MET A 1424 15.46 -39.60 -30.20
C MET A 1424 16.06 -38.75 -31.31
N LEU A 1425 15.74 -37.46 -31.33
CA LEU A 1425 16.17 -36.65 -32.48
C LEU A 1425 17.67 -36.34 -32.43
N VAL A 1426 18.25 -36.15 -31.25
CA VAL A 1426 19.66 -35.78 -31.12
C VAL A 1426 20.59 -36.94 -31.48
N PRO A 1427 21.44 -36.80 -32.48
CA PRO A 1427 22.42 -37.87 -32.79
C PRO A 1427 23.59 -37.82 -31.82
N SER A 1428 23.95 -38.98 -31.26
CA SER A 1428 25.13 -39.08 -30.42
C SER A 1428 25.62 -40.51 -30.32
N LYS A 1429 26.89 -40.64 -29.94
CA LYS A 1429 27.50 -41.91 -29.59
C LYS A 1429 27.34 -42.27 -28.11
N ILE A 1430 26.96 -41.31 -27.26
CA ILE A 1430 26.78 -41.54 -25.83
C ILE A 1430 25.36 -41.12 -25.45
N LEU A 1431 24.74 -41.87 -24.53
CA LEU A 1431 23.48 -41.47 -23.90
C LEU A 1431 23.58 -41.72 -22.41
N VAL A 1432 23.00 -40.80 -21.62
CA VAL A 1432 22.83 -40.97 -20.18
C VAL A 1432 21.35 -40.99 -19.84
N LEU A 1433 20.90 -42.06 -19.20
CA LEU A 1433 19.55 -42.13 -18.63
C LEU A 1433 19.66 -41.69 -17.17
N ASP A 1434 19.60 -40.37 -16.97
CA ASP A 1434 19.95 -39.75 -15.68
C ASP A 1434 18.76 -39.86 -14.73
N GLU A 1435 18.67 -41.00 -14.04
CA GLU A 1435 17.70 -41.29 -12.97
C GLU A 1435 16.24 -41.23 -13.41
N ALA A 1436 15.98 -41.22 -14.73
CA ALA A 1436 14.61 -41.10 -15.25
C ALA A 1436 13.68 -42.20 -14.75
N THR A 1437 14.23 -43.37 -14.39
CA THR A 1437 13.47 -44.45 -13.76
C THR A 1437 12.75 -44.05 -12.48
N ALA A 1438 13.12 -42.92 -11.85
CA ALA A 1438 12.38 -42.39 -10.71
C ALA A 1438 10.99 -41.88 -11.08
N ALA A 1439 10.68 -41.71 -12.36
CA ALA A 1439 9.36 -41.26 -12.78
C ALA A 1439 8.78 -42.10 -13.91
N VAL A 1440 9.65 -42.66 -14.76
CA VAL A 1440 9.23 -43.51 -15.87
C VAL A 1440 8.83 -44.88 -15.35
N ASP A 1441 7.52 -45.15 -15.35
CA ASP A 1441 6.95 -46.43 -14.93
C ASP A 1441 7.15 -47.49 -16.00
N VAL A 1442 7.06 -48.76 -15.57
CA VAL A 1442 7.44 -49.93 -16.37
C VAL A 1442 6.61 -50.02 -17.65
N GLU A 1443 5.32 -49.63 -17.60
CA GLU A 1443 4.47 -49.63 -18.80
C GLU A 1443 5.00 -48.73 -19.91
N THR A 1444 5.79 -47.71 -19.58
CA THR A 1444 6.54 -46.94 -20.56
C THR A 1444 7.94 -47.50 -20.75
N ASP A 1445 8.56 -47.95 -19.66
CA ASP A 1445 9.93 -48.45 -19.70
C ASP A 1445 10.09 -49.66 -20.61
N LYS A 1446 9.04 -50.46 -20.80
CA LYS A 1446 9.08 -51.52 -21.81
C LYS A 1446 9.34 -50.96 -23.21
N VAL A 1447 8.74 -49.83 -23.54
CA VAL A 1447 8.97 -49.17 -24.82
C VAL A 1447 10.37 -48.58 -24.85
N VAL A 1448 10.80 -48.06 -23.70
CA VAL A 1448 12.16 -47.51 -23.59
C VAL A 1448 13.21 -48.61 -23.79
N GLN A 1449 13.00 -49.78 -23.18
CA GLN A 1449 13.85 -50.95 -23.39
C GLN A 1449 13.90 -51.36 -24.85
N GLU A 1450 12.73 -51.45 -25.50
CA GLU A 1450 12.68 -51.74 -26.93
C GLU A 1450 13.44 -50.69 -27.74
N THR A 1451 13.32 -49.42 -27.36
CA THR A 1451 14.02 -48.35 -28.05
C THR A 1451 15.53 -48.45 -27.86
N ILE A 1452 15.97 -48.86 -26.66
CA ILE A 1452 17.39 -49.07 -26.39
C ILE A 1452 17.92 -50.24 -27.23
N ARG A 1453 17.13 -51.30 -27.35
CA ARG A 1453 17.51 -52.43 -28.20
C ARG A 1453 17.58 -52.02 -29.67
N THR A 1454 16.66 -51.17 -30.13
CA THR A 1454 16.54 -50.92 -31.56
C THR A 1454 17.38 -49.72 -32.02
N ALA A 1455 17.15 -48.54 -31.45
CA ALA A 1455 17.74 -47.31 -31.94
C ALA A 1455 19.08 -46.99 -31.28
N PHE A 1456 19.11 -46.97 -29.94
CA PHE A 1456 20.31 -46.56 -29.21
C PHE A 1456 21.37 -47.65 -29.11
N LYS A 1457 21.16 -48.79 -29.78
CA LYS A 1457 22.02 -49.97 -29.64
C LYS A 1457 23.50 -49.69 -29.88
N ASP A 1458 23.81 -48.85 -30.86
CA ASP A 1458 25.21 -48.56 -31.18
C ASP A 1458 25.89 -47.67 -30.16
N ARG A 1459 25.16 -47.04 -29.26
CA ARG A 1459 25.75 -46.11 -28.31
C ARG A 1459 26.28 -46.78 -27.06
N THR A 1460 27.27 -46.13 -26.44
CA THR A 1460 27.60 -46.39 -25.05
C THR A 1460 26.50 -45.80 -24.20
N ILE A 1461 25.96 -46.58 -23.27
CA ILE A 1461 24.83 -46.14 -22.45
C ILE A 1461 25.18 -46.27 -20.98
N LEU A 1462 25.05 -45.17 -20.24
CA LEU A 1462 25.14 -45.17 -18.79
C LEU A 1462 23.73 -45.06 -18.23
N THR A 1463 23.34 -46.06 -17.44
CA THR A 1463 21.99 -46.13 -16.86
C THR A 1463 22.08 -46.04 -15.35
N ILE A 1464 21.29 -45.15 -14.76
CA ILE A 1464 21.30 -44.90 -13.32
C ILE A 1464 20.00 -45.42 -12.76
N ALA A 1465 20.10 -46.39 -11.84
CA ALA A 1465 18.97 -47.24 -11.47
C ALA A 1465 18.24 -46.71 -10.25
N HIS A 1466 16.91 -46.66 -10.35
CA HIS A 1466 16.03 -46.57 -9.19
C HIS A 1466 15.88 -47.92 -8.50
N ARG A 1467 15.81 -49.00 -9.29
CA ARG A 1467 15.62 -50.35 -8.76
C ARG A 1467 16.41 -51.34 -9.61
N LEU A 1468 16.95 -52.37 -8.95
CA LEU A 1468 17.87 -53.32 -9.58
C LEU A 1468 17.19 -54.16 -10.66
N ASN A 1469 15.87 -54.32 -10.57
CA ASN A 1469 15.11 -55.10 -11.54
C ASN A 1469 15.28 -54.59 -12.96
N THR A 1470 15.35 -53.27 -13.13
CA THR A 1470 15.42 -52.64 -14.44
C THR A 1470 16.77 -52.79 -15.13
N ILE A 1471 17.80 -53.30 -14.46
CA ILE A 1471 19.17 -53.22 -14.97
C ILE A 1471 19.85 -54.58 -14.99
N MET A 1472 19.08 -55.66 -14.85
CA MET A 1472 19.63 -57.01 -14.75
C MET A 1472 20.35 -57.48 -16.00
N ASP A 1473 20.22 -56.80 -17.13
CA ASP A 1473 20.93 -57.11 -18.35
C ASP A 1473 22.25 -56.35 -18.50
N SER A 1474 22.69 -55.61 -17.48
CA SER A 1474 23.92 -54.82 -17.58
C SER A 1474 25.14 -55.70 -17.81
N ASP A 1475 26.08 -55.18 -18.59
CA ASP A 1475 27.33 -55.89 -18.84
C ASP A 1475 28.24 -55.87 -17.61
N ARG A 1476 28.40 -54.69 -17.01
CA ARG A 1476 29.15 -54.54 -15.77
C ARG A 1476 28.40 -53.54 -14.89
N ILE A 1477 28.63 -53.63 -13.58
CA ILE A 1477 28.00 -52.75 -12.61
C ILE A 1477 29.06 -52.12 -11.73
N ILE A 1478 28.93 -50.81 -11.48
CA ILE A 1478 29.74 -50.09 -10.50
C ILE A 1478 28.90 -49.88 -9.25
N VAL A 1479 29.42 -50.34 -8.11
CA VAL A 1479 28.77 -50.16 -6.81
C VAL A 1479 29.41 -48.95 -6.12
N LEU A 1480 28.58 -47.98 -5.76
CA LEU A 1480 29.05 -46.78 -5.08
C LEU A 1480 28.70 -46.84 -3.61
N ASP A 1481 29.67 -46.50 -2.74
CA ASP A 1481 29.40 -46.37 -1.32
C ASP A 1481 30.24 -45.23 -0.75
N ASN A 1482 29.54 -44.22 -0.20
CA ASN A 1482 30.11 -43.06 0.50
C ASN A 1482 31.26 -42.39 -0.26
N GLY A 1483 31.07 -42.20 -1.55
CA GLY A 1483 32.09 -41.60 -2.38
C GLY A 1483 33.26 -42.48 -2.74
N LYS A 1484 33.18 -43.77 -2.43
CA LYS A 1484 34.25 -44.71 -2.72
C LYS A 1484 33.71 -45.87 -3.54
N VAL A 1485 34.56 -46.38 -4.42
CA VAL A 1485 34.20 -47.53 -5.25
C VAL A 1485 34.19 -48.78 -4.39
N ALA A 1486 33.04 -49.45 -4.33
CA ALA A 1486 32.95 -50.68 -3.53
C ALA A 1486 33.45 -51.87 -4.32
N GLU A 1487 32.90 -52.10 -5.51
CA GLU A 1487 33.40 -53.14 -6.41
C GLU A 1487 32.97 -52.82 -7.83
N PHE A 1488 33.67 -53.46 -8.77
CA PHE A 1488 33.41 -53.25 -10.20
C PHE A 1488 33.61 -54.64 -10.82
N ASP A 1489 32.51 -55.33 -11.09
CA ASP A 1489 32.59 -56.74 -11.45
C ASP A 1489 31.35 -57.10 -12.26
N SER A 1490 31.41 -58.26 -12.90
CA SER A 1490 30.29 -58.73 -13.69
C SER A 1490 29.12 -59.18 -12.79
N PRO A 1491 27.88 -59.00 -13.28
CA PRO A 1491 26.71 -59.37 -12.47
C PRO A 1491 26.63 -60.86 -12.20
N GLY A 1492 26.98 -61.70 -13.16
CA GLY A 1492 26.89 -63.14 -12.96
C GLY A 1492 27.83 -63.63 -11.88
N GLN A 1493 29.06 -63.10 -11.87
CA GLN A 1493 30.02 -63.46 -10.82
C GLN A 1493 29.57 -62.96 -9.46
N LEU A 1494 28.89 -61.80 -9.42
CA LEU A 1494 28.32 -61.34 -8.15
C LEU A 1494 27.18 -62.24 -7.71
N LEU A 1495 26.25 -62.55 -8.62
CA LEU A 1495 25.10 -63.39 -8.28
C LEU A 1495 25.50 -64.83 -7.96
N SER A 1496 26.66 -65.28 -8.42
CA SER A 1496 27.18 -66.59 -8.02
C SER A 1496 27.93 -66.54 -6.71
N ASP A 1497 28.37 -65.35 -6.28
CA ASP A 1497 29.03 -65.20 -4.99
C ASP A 1497 27.93 -64.82 -4.00
N ASN A 1498 27.46 -65.81 -3.22
CA ASN A 1498 26.40 -65.63 -2.25
C ASN A 1498 26.76 -64.71 -1.07
N LYS A 1499 28.04 -64.39 -0.88
CA LYS A 1499 28.44 -63.51 0.21
C LYS A 1499 28.84 -62.13 -0.28
N SER A 1500 28.78 -61.86 -1.58
CA SER A 1500 29.18 -60.58 -2.14
C SER A 1500 28.16 -59.48 -1.80
N LEU A 1501 28.61 -58.24 -2.05
CA LEU A 1501 27.83 -57.06 -1.68
C LEU A 1501 26.64 -56.87 -2.60
N PHE A 1502 26.84 -57.04 -3.92
CA PHE A 1502 25.73 -56.92 -4.86
C PHE A 1502 24.71 -58.05 -4.67
N TYR A 1503 25.17 -59.23 -4.29
CA TYR A 1503 24.24 -60.31 -3.93
C TYR A 1503 23.43 -59.93 -2.69
N SER A 1504 24.08 -59.29 -1.72
CA SER A 1504 23.34 -58.77 -0.56
C SER A 1504 22.34 -57.70 -0.96
N LEU A 1505 22.70 -56.85 -1.91
CA LEU A 1505 21.77 -55.84 -2.42
C LEU A 1505 20.60 -56.48 -3.16
N CYS A 1506 20.84 -57.55 -3.91
CA CYS A 1506 19.74 -58.27 -4.55
C CYS A 1506 18.88 -59.00 -3.52
N MET A 1507 19.46 -59.40 -2.39
CA MET A 1507 18.65 -60.00 -1.33
C MET A 1507 17.81 -58.95 -0.64
N GLU A 1508 18.33 -57.73 -0.50
CA GLU A 1508 17.52 -56.59 -0.06
C GLU A 1508 16.42 -56.27 -1.06
N ALA A 1509 16.68 -56.44 -2.36
CA ALA A 1509 15.64 -56.31 -3.37
C ALA A 1509 14.69 -57.50 -3.44
N GLY A 1510 15.01 -58.60 -2.78
CA GLY A 1510 14.20 -59.79 -2.82
C GLY A 1510 14.35 -60.68 -4.04
N LEU A 1511 15.18 -60.29 -5.02
CA LEU A 1511 15.29 -61.08 -6.24
C LEU A 1511 16.02 -62.40 -6.00
N VAL A 1512 16.89 -62.45 -4.98
CA VAL A 1512 17.54 -63.70 -4.61
C VAL A 1512 16.53 -64.71 -4.08
N ASN A 1513 15.63 -64.27 -3.20
CA ASN A 1513 14.58 -65.14 -2.71
C ASN A 1513 13.55 -65.45 -3.78
N GLU A 1514 13.31 -64.50 -4.71
CA GLU A 1514 12.39 -64.73 -5.82
C GLU A 1514 12.90 -65.83 -6.74
N ASN A 1515 14.18 -65.82 -7.06
CA ASN A 1515 14.78 -66.87 -7.87
C ASN A 1515 15.13 -68.08 -7.02
N1 GDS B . 3.85 26.30 -8.43
CA1 GDS B . 2.46 26.69 -8.24
C1 GDS B . 2.31 28.24 -7.95
OE1 GDS B . 1.40 28.55 -7.15
OE2 GDS B . 3.08 29.03 -8.51
CB1 GDS B . 1.71 25.80 -7.24
CG1 GDS B . 2.32 24.42 -7.04
CD1 GDS B . 2.02 23.52 -8.17
O1 GDS B . 2.79 23.40 -9.12
N2 GDS B . 0.82 22.87 -8.12
CA2 GDS B . 0.24 21.99 -9.10
C2 GDS B . -0.72 22.67 -10.09
O2 GDS B . -1.88 22.25 -10.16
CB2 GDS B . -0.53 20.81 -8.52
SG2 GDS B . -0.25 20.38 -6.80
N3 GDS B . -0.25 23.71 -10.80
CA3 GDS B . -1.07 24.43 -11.74
C3 GDS B . -0.35 25.77 -12.07
OE3 GDS B . 0.88 25.68 -12.33
OE4 GDS B . -1.00 26.84 -12.01
N4 GDS B . -2.86 19.62 -1.54
CA4 GDS B . -3.36 18.86 -0.42
C4 GDS B . -2.27 17.88 -0.04
OE5 GDS B . -1.99 17.80 1.18
OE6 GDS B . -1.78 17.23 -0.97
C5 GDS B . -3.74 20.13 -2.40
O5 GDS B . -4.96 19.99 -2.31
CA5 GDS B . -3.07 20.92 -3.52
N5 GDS B . -2.92 22.24 -2.95
CB5 GDS B . -1.85 20.28 -4.10
SG5 GDS B . -2.08 20.35 -5.91
CA6 GDS B . -4.85 26.04 -3.41
C6 GDS B . -6.37 26.07 -3.54
OE7 GDS B . -6.88 27.09 -4.04
OE8 GDS B . -6.97 25.05 -3.12
N6 GDS B . -4.40 27.39 -3.61
CB6 GDS B . -4.43 25.47 -2.06
CG6 GDS B . -3.38 24.36 -2.12
CD6 GDS B . -3.94 23.10 -2.68
O6 GDS B . -5.13 22.84 -2.86
#